data_8CPK
#
_entry.id   8CPK
#
_cell.length_a   37.711
_cell.length_b   64.188
_cell.length_c   123.957
_cell.angle_alpha   91.610
_cell.angle_beta   90.890
_cell.angle_gamma   90.020
#
_symmetry.space_group_name_H-M   'P 1'
#
loop_
_entity.id
_entity.type
_entity.pdbx_description
1 polymer EtpA
2 water water
#
_entity_poly.entity_id   1
_entity_poly.type   'polypeptide(L)'
_entity_poly.pdbx_seq_one_letter_code
;ASGSPTGGQIVAGSGSIQTPSGNQMNIHQNSQNMVANWNSFDIGKGNTVQFDQPSSSAVALNRVVGGGESQIMGNLKANG
QVFLVNPNGVLFGEGASVSTSGFVASTRDIKNDDFMNRRYTFSGGQKAGAAIVNQGELTTNAGGYIVLAADRVSNSGTIR
TPGGKTVLAASERITLQLDNGGLMSVQVTGDVVNALVENRGLVSARDGQVYLTALGRGMLMNTVLNVSGVVEASGMHRQD
GNIVLDGGDSGVVHLSGTLQADNASGQGGKVVVQGKNILLDKGSNITATGGQGGGEVYVGGGWQGKDSNIRNADKVVMQG
GARIDVSATQQGNGGTAVLWSDSYTNFHGQIGAKGGETGGNGGRVETSSHGNLQAFGTVSASAA
;
_entity_poly.pdbx_strand_id   A,B,C,D
#
# COMPACT_ATOMS: atom_id res chain seq x y z
N ALA A 1 -39.89 -2.69 -49.11
CA ALA A 1 -40.37 -2.85 -47.70
C ALA A 1 -41.71 -3.58 -47.67
N SER A 2 -41.67 -4.86 -47.31
CA SER A 2 -42.85 -5.69 -47.17
C SER A 2 -43.09 -5.98 -45.69
N GLY A 3 -44.25 -6.59 -45.42
CA GLY A 3 -44.59 -6.99 -44.06
C GLY A 3 -44.04 -8.30 -43.60
N SER A 4 -43.55 -9.13 -44.51
CA SER A 4 -43.11 -10.46 -44.16
C SER A 4 -42.17 -10.98 -45.23
N PRO A 5 -41.27 -11.89 -44.89
CA PRO A 5 -40.40 -12.52 -45.90
C PRO A 5 -41.22 -13.18 -46.99
N THR A 6 -40.76 -13.04 -48.24
CA THR A 6 -41.51 -13.54 -49.38
C THR A 6 -40.59 -14.19 -50.39
N GLY A 7 -41.14 -15.11 -51.17
CA GLY A 7 -40.36 -15.80 -52.18
C GLY A 7 -39.40 -16.83 -51.61
N GLY A 8 -39.70 -17.39 -50.44
CA GLY A 8 -38.79 -18.31 -49.80
C GLY A 8 -38.83 -19.69 -50.42
N GLN A 9 -37.66 -20.31 -50.47
CA GLN A 9 -37.55 -21.69 -50.93
C GLN A 9 -36.39 -22.37 -50.22
N ILE A 10 -36.63 -23.58 -49.73
CA ILE A 10 -35.59 -24.37 -49.10
C ILE A 10 -34.74 -24.98 -50.22
N VAL A 11 -33.45 -24.68 -50.21
CA VAL A 11 -32.55 -25.15 -51.26
C VAL A 11 -31.47 -26.10 -50.74
N ALA A 12 -31.36 -26.32 -49.44
CA ALA A 12 -30.47 -27.31 -48.86
C ALA A 12 -31.02 -27.68 -47.49
N GLY A 13 -30.82 -28.90 -47.10
CA GLY A 13 -31.46 -29.39 -45.89
C GLY A 13 -32.93 -29.68 -46.12
N SER A 14 -33.66 -29.88 -45.03
CA SER A 14 -35.07 -30.25 -45.13
C SER A 14 -35.88 -29.35 -44.24
N GLY A 15 -36.96 -28.80 -44.78
CA GLY A 15 -37.83 -27.95 -43.98
C GLY A 15 -39.03 -27.49 -44.78
N SER A 16 -39.82 -26.62 -44.17
CA SER A 16 -41.03 -26.14 -44.80
C SER A 16 -41.24 -24.68 -44.43
N ILE A 17 -41.90 -23.94 -45.31
CA ILE A 17 -42.19 -22.52 -45.10
C ILE A 17 -43.70 -22.34 -45.22
N GLN A 18 -44.28 -21.60 -44.28
CA GLN A 18 -45.68 -21.22 -44.36
C GLN A 18 -45.79 -19.70 -44.36
N THR A 19 -46.48 -19.15 -45.36
CA THR A 19 -46.65 -17.71 -45.49
C THR A 19 -47.50 -17.20 -44.34
N PRO A 20 -47.55 -15.88 -44.16
CA PRO A 20 -48.17 -15.35 -42.93
C PRO A 20 -49.65 -15.70 -42.80
N SER A 21 -50.06 -15.90 -41.55
CA SER A 21 -51.45 -16.08 -41.19
C SER A 21 -51.55 -15.65 -39.72
N GLY A 22 -52.41 -14.70 -39.42
CA GLY A 22 -52.46 -14.16 -38.07
C GLY A 22 -51.22 -13.40 -37.68
N ASN A 23 -50.58 -12.71 -38.63
CA ASN A 23 -49.40 -11.87 -38.44
C ASN A 23 -48.14 -12.66 -38.12
N GLN A 24 -48.15 -13.98 -38.31
CA GLN A 24 -46.99 -14.80 -38.00
C GLN A 24 -46.69 -15.76 -39.14
N MET A 25 -45.43 -15.80 -39.56
CA MET A 25 -44.94 -16.77 -40.53
C MET A 25 -44.20 -17.85 -39.75
N ASN A 26 -44.48 -19.11 -40.08
CA ASN A 26 -43.82 -20.25 -39.46
C ASN A 26 -42.89 -20.94 -40.45
N ILE A 27 -41.66 -21.12 -40.03
CA ILE A 27 -40.64 -21.83 -40.79
C ILE A 27 -40.21 -23.03 -39.96
N HIS A 28 -40.53 -24.22 -40.47
CA HIS A 28 -40.18 -25.46 -39.81
CA HIS A 28 -40.19 -25.47 -39.83
C HIS A 28 -38.91 -26.02 -40.45
N GLN A 29 -38.01 -26.48 -39.61
CA GLN A 29 -36.75 -27.07 -40.04
C GLN A 29 -36.70 -28.52 -39.57
N ASN A 30 -36.32 -29.43 -40.47
CA ASN A 30 -36.17 -30.84 -40.14
C ASN A 30 -34.71 -31.26 -39.98
N SER A 31 -33.83 -30.72 -40.81
CA SER A 31 -32.43 -31.11 -40.74
C SER A 31 -31.66 -30.24 -39.73
N GLN A 32 -30.43 -30.65 -39.44
CA GLN A 32 -29.64 -29.90 -38.47
C GLN A 32 -29.23 -28.54 -39.05
N ASN A 33 -29.01 -28.49 -40.36
CA ASN A 33 -28.62 -27.29 -41.06
C ASN A 33 -29.57 -27.17 -42.24
N MET A 34 -30.05 -25.96 -42.48
CA MET A 34 -31.00 -25.69 -43.54
C MET A 34 -30.66 -24.37 -44.22
N VAL A 35 -30.88 -24.32 -45.53
CA VAL A 35 -30.66 -23.11 -46.31
C VAL A 35 -31.97 -22.72 -47.01
N ALA A 36 -32.38 -21.47 -46.81
CA ALA A 36 -33.52 -20.90 -47.51
C ALA A 36 -33.10 -19.62 -48.24
N ASN A 37 -33.43 -19.55 -49.52
CA ASN A 37 -33.25 -18.32 -50.28
C ASN A 37 -34.55 -17.56 -50.26
N TRP A 38 -34.45 -16.23 -50.26
CA TRP A 38 -35.59 -15.33 -50.10
C TRP A 38 -35.52 -14.25 -51.16
N ASN A 39 -36.64 -13.98 -51.80
CA ASN A 39 -36.73 -12.77 -52.61
C ASN A 39 -36.50 -11.55 -51.74
N SER A 40 -37.14 -11.51 -50.57
CA SER A 40 -36.94 -10.45 -49.60
C SER A 40 -37.15 -11.02 -48.20
N PHE A 41 -36.59 -10.34 -47.21
CA PHE A 41 -36.69 -10.78 -45.81
C PHE A 41 -36.90 -9.54 -44.95
N ASP A 42 -38.10 -8.98 -45.03
CA ASP A 42 -38.55 -7.89 -44.18
C ASP A 42 -39.58 -8.45 -43.22
N ILE A 43 -39.64 -7.86 -42.03
CA ILE A 43 -40.68 -8.17 -41.06
C ILE A 43 -41.28 -6.86 -40.56
N GLY A 44 -42.57 -6.66 -40.85
CA GLY A 44 -43.23 -5.44 -40.40
C GLY A 44 -43.50 -5.48 -38.90
N LYS A 45 -43.78 -4.30 -38.36
CA LYS A 45 -44.18 -4.19 -36.97
C LYS A 45 -45.45 -4.99 -36.73
N GLY A 46 -45.50 -5.66 -35.59
CA GLY A 46 -46.62 -6.50 -35.26
C GLY A 46 -46.60 -7.88 -35.89
N ASN A 47 -45.62 -8.18 -36.72
CA ASN A 47 -45.51 -9.47 -37.38
C ASN A 47 -44.37 -10.26 -36.77
N THR A 48 -44.47 -11.58 -36.85
CA THR A 48 -43.46 -12.47 -36.33
C THR A 48 -43.04 -13.50 -37.36
N VAL A 49 -41.75 -13.82 -37.39
CA VAL A 49 -41.24 -14.96 -38.13
C VAL A 49 -40.71 -15.94 -37.10
N GLN A 50 -41.28 -17.16 -37.06
CA GLN A 50 -40.95 -18.14 -36.03
C GLN A 50 -40.31 -19.35 -36.70
N PHE A 51 -39.07 -19.64 -36.34
CA PHE A 51 -38.37 -20.85 -36.74
C PHE A 51 -38.60 -21.94 -35.70
N ASP A 52 -39.08 -23.10 -36.15
CA ASP A 52 -39.25 -24.29 -35.31
CA ASP A 52 -39.25 -24.29 -35.31
C ASP A 52 -38.17 -25.27 -35.71
N GLN A 53 -37.11 -25.36 -34.90
CA GLN A 53 -35.91 -26.11 -35.30
C GLN A 53 -35.69 -27.36 -34.43
N PRO A 54 -34.98 -28.36 -34.95
CA PRO A 54 -34.88 -29.63 -34.21
C PRO A 54 -34.03 -29.55 -32.96
N SER A 55 -33.12 -28.59 -32.88
CA SER A 55 -32.15 -28.55 -31.81
C SER A 55 -31.82 -27.09 -31.56
N SER A 56 -31.51 -26.78 -30.31
CA SER A 56 -31.01 -25.44 -30.02
C SER A 56 -29.75 -25.12 -30.80
N SER A 57 -29.03 -26.16 -31.28
CA SER A 57 -27.82 -25.95 -32.07
C SER A 57 -28.05 -26.10 -33.58
N ALA A 58 -29.29 -26.32 -34.01
CA ALA A 58 -29.61 -26.29 -35.43
C ALA A 58 -29.44 -24.88 -35.98
N VAL A 59 -29.13 -24.77 -37.26
CA VAL A 59 -28.87 -23.49 -37.92
C VAL A 59 -29.71 -23.41 -39.20
N ALA A 60 -30.39 -22.29 -39.37
CA ALA A 60 -31.09 -21.99 -40.62
C ALA A 60 -30.36 -20.83 -41.28
N LEU A 61 -29.92 -21.01 -42.51
CA LEU A 61 -29.37 -19.91 -43.28
C LEU A 61 -30.47 -19.32 -44.14
N ASN A 62 -30.59 -17.99 -44.12
CA ASN A 62 -31.60 -17.26 -44.88
C ASN A 62 -30.87 -16.24 -45.73
N ARG A 63 -30.84 -16.45 -47.04
CA ARG A 63 -30.14 -15.56 -47.97
C ARG A 63 -31.15 -14.78 -48.80
N VAL A 64 -31.03 -13.46 -48.76
CA VAL A 64 -31.85 -12.59 -49.60
C VAL A 64 -31.20 -12.51 -50.97
N VAL A 65 -31.90 -13.00 -51.97
CA VAL A 65 -31.42 -12.92 -53.35
C VAL A 65 -32.12 -11.86 -54.17
N GLY A 66 -33.08 -11.16 -53.58
CA GLY A 66 -33.70 -10.02 -54.21
C GLY A 66 -32.84 -8.79 -54.11
N GLY A 67 -33.48 -7.62 -54.09
CA GLY A 67 -32.72 -6.39 -54.26
C GLY A 67 -32.63 -5.46 -53.06
N GLY A 68 -33.56 -5.55 -52.12
CA GLY A 68 -33.71 -4.54 -51.09
C GLY A 68 -32.96 -4.82 -49.81
N GLU A 69 -32.63 -3.75 -49.09
CA GLU A 69 -32.09 -3.88 -47.74
C GLU A 69 -33.17 -4.44 -46.81
N SER A 70 -32.78 -5.39 -45.97
CA SER A 70 -33.76 -6.05 -45.10
C SER A 70 -34.27 -5.08 -44.05
N GLN A 71 -35.60 -4.98 -43.92
CA GLN A 71 -36.26 -4.10 -42.96
C GLN A 71 -36.94 -4.98 -41.91
N ILE A 72 -36.34 -5.08 -40.75
CA ILE A 72 -36.84 -5.94 -39.69
C ILE A 72 -37.42 -5.03 -38.62
N MET A 73 -38.74 -4.82 -38.68
CA MET A 73 -39.39 -3.98 -37.68
CA MET A 73 -39.43 -3.98 -37.71
C MET A 73 -40.12 -4.78 -36.61
N GLY A 74 -40.49 -6.03 -36.89
CA GLY A 74 -41.23 -6.89 -35.96
C GLY A 74 -40.33 -7.88 -35.26
N ASN A 75 -40.84 -9.09 -35.06
CA ASN A 75 -40.18 -10.09 -34.24
C ASN A 75 -39.64 -11.23 -35.09
N LEU A 76 -38.44 -11.69 -34.76
CA LEU A 76 -37.90 -12.93 -35.29
C LEU A 76 -37.56 -13.81 -34.09
N LYS A 77 -38.13 -15.01 -34.05
CA LYS A 77 -37.91 -15.94 -32.94
C LYS A 77 -37.48 -17.30 -33.47
N ALA A 78 -36.61 -17.97 -32.70
CA ALA A 78 -36.14 -19.29 -33.08
C ALA A 78 -35.60 -19.97 -31.84
N ASN A 79 -35.86 -21.29 -31.70
CA ASN A 79 -35.25 -22.06 -30.61
C ASN A 79 -33.80 -22.47 -30.94
N GLY A 80 -33.46 -22.49 -32.21
CA GLY A 80 -32.09 -22.72 -32.63
C GLY A 80 -31.46 -21.44 -33.13
N GLN A 81 -30.71 -21.53 -34.21
CA GLN A 81 -29.79 -20.50 -34.65
C GLN A 81 -30.19 -20.08 -36.06
N VAL A 82 -29.98 -18.81 -36.36
CA VAL A 82 -30.45 -18.23 -37.61
C VAL A 82 -29.33 -17.37 -38.17
N PHE A 83 -29.00 -17.59 -39.43
CA PHE A 83 -28.12 -16.72 -40.19
C PHE A 83 -28.96 -15.97 -41.22
N LEU A 84 -28.73 -14.66 -41.32
CA LEU A 84 -29.41 -13.83 -42.31
C LEU A 84 -28.36 -13.15 -43.14
N VAL A 85 -28.31 -13.45 -44.43
CA VAL A 85 -27.36 -12.84 -45.35
C VAL A 85 -28.13 -11.99 -46.33
N ASN A 86 -27.77 -10.72 -46.41
CA ASN A 86 -28.34 -9.79 -47.36
C ASN A 86 -27.22 -8.88 -47.85
N PRO A 87 -26.82 -8.99 -49.11
CA PRO A 87 -25.73 -8.12 -49.59
C PRO A 87 -26.09 -6.67 -49.59
N ASN A 88 -27.38 -6.31 -49.51
CA ASN A 88 -27.79 -4.91 -49.52
CA ASN A 88 -27.80 -4.91 -49.52
C ASN A 88 -27.93 -4.32 -48.12
N GLY A 89 -27.74 -5.12 -47.08
CA GLY A 89 -27.73 -4.66 -45.71
C GLY A 89 -28.99 -5.00 -44.94
N VAL A 90 -28.97 -4.70 -43.64
CA VAL A 90 -30.09 -5.00 -42.75
C VAL A 90 -30.30 -3.82 -41.81
N LEU A 91 -31.54 -3.37 -41.66
CA LEU A 91 -31.94 -2.43 -40.61
C LEU A 91 -32.89 -3.11 -39.63
N PHE A 92 -32.53 -3.14 -38.36
CA PHE A 92 -33.45 -3.56 -37.31
C PHE A 92 -34.05 -2.30 -36.70
N GLY A 93 -35.38 -2.16 -36.80
CA GLY A 93 -36.04 -0.97 -36.34
C GLY A 93 -36.14 -0.87 -34.83
N GLU A 94 -36.61 0.29 -34.38
CA GLU A 94 -36.66 0.59 -32.95
CA GLU A 94 -36.66 0.59 -32.95
C GLU A 94 -37.51 -0.42 -32.20
N GLY A 95 -38.54 -0.95 -32.83
CA GLY A 95 -39.39 -1.92 -32.17
C GLY A 95 -39.05 -3.37 -32.43
N ALA A 96 -38.00 -3.61 -33.21
CA ALA A 96 -37.69 -4.96 -33.62
C ALA A 96 -37.17 -5.76 -32.41
N SER A 97 -37.52 -7.04 -32.41
CA SER A 97 -37.00 -7.99 -31.42
C SER A 97 -36.57 -9.28 -32.10
N VAL A 98 -35.31 -9.65 -31.96
CA VAL A 98 -34.77 -10.90 -32.47
C VAL A 98 -34.29 -11.70 -31.28
N SER A 99 -34.81 -12.92 -31.13
CA SER A 99 -34.55 -13.76 -29.96
CA SER A 99 -34.55 -13.77 -29.96
C SER A 99 -34.27 -15.17 -30.46
N THR A 100 -33.02 -15.59 -30.38
CA THR A 100 -32.64 -16.90 -30.87
C THR A 100 -31.62 -17.53 -29.91
N SER A 101 -31.12 -18.70 -30.26
CA SER A 101 -29.97 -19.28 -29.59
C SER A 101 -28.64 -18.88 -30.25
N GLY A 102 -28.69 -18.05 -31.29
CA GLY A 102 -27.47 -17.64 -31.94
C GLY A 102 -27.88 -17.02 -33.25
N PHE A 103 -27.37 -15.84 -33.56
CA PHE A 103 -27.90 -15.06 -34.67
C PHE A 103 -26.75 -14.39 -35.39
N VAL A 104 -26.68 -14.52 -36.72
CA VAL A 104 -25.70 -13.83 -37.55
C VAL A 104 -26.48 -13.05 -38.59
N ALA A 105 -26.10 -11.78 -38.77
CA ALA A 105 -26.56 -10.93 -39.87
C ALA A 105 -25.32 -10.44 -40.59
N SER A 106 -25.23 -10.69 -41.89
CA SER A 106 -24.03 -10.36 -42.64
C SER A 106 -24.41 -9.88 -44.02
N THR A 107 -23.64 -8.91 -44.52
CA THR A 107 -23.70 -8.57 -45.92
C THR A 107 -22.76 -9.42 -46.78
N ARG A 108 -21.87 -10.20 -46.15
CA ARG A 108 -20.97 -11.11 -46.85
C ARG A 108 -21.60 -12.49 -46.96
N ASP A 109 -21.44 -13.11 -48.12
CA ASP A 109 -22.10 -14.37 -48.40
C ASP A 109 -21.31 -15.57 -47.87
N ILE A 110 -21.99 -16.72 -47.83
CA ILE A 110 -21.41 -18.01 -47.49
C ILE A 110 -21.90 -19.02 -48.51
N LYS A 111 -21.04 -19.96 -48.88
CA LYS A 111 -21.42 -20.97 -49.85
CA LYS A 111 -21.42 -20.97 -49.85
C LYS A 111 -22.32 -22.01 -49.20
N ASN A 112 -23.32 -22.46 -49.96
CA ASN A 112 -24.26 -23.47 -49.45
C ASN A 112 -23.52 -24.69 -48.89
N ASP A 113 -22.54 -25.19 -49.64
CA ASP A 113 -21.86 -26.41 -49.23
C ASP A 113 -21.03 -26.19 -47.97
N ASP A 114 -20.39 -25.03 -47.86
CA ASP A 114 -19.63 -24.73 -46.66
C ASP A 114 -20.56 -24.68 -45.45
N PHE A 115 -21.68 -23.96 -45.57
CA PHE A 115 -22.62 -23.87 -44.47
C PHE A 115 -23.14 -25.26 -44.09
N MET A 116 -23.49 -26.10 -45.07
CA MET A 116 -24.07 -27.40 -44.73
C MET A 116 -22.98 -28.32 -44.16
N ASN A 117 -21.71 -27.99 -44.36
CA ASN A 117 -20.59 -28.69 -43.72
C ASN A 117 -20.18 -28.02 -42.42
N ARG A 118 -20.97 -27.04 -41.97
CA ARG A 118 -20.70 -26.32 -40.73
CA ARG A 118 -20.69 -26.33 -40.72
C ARG A 118 -19.33 -25.65 -40.76
N ARG A 119 -18.96 -25.14 -41.95
CA ARG A 119 -17.78 -24.30 -42.14
CA ARG A 119 -17.78 -24.30 -42.14
C ARG A 119 -18.31 -22.88 -42.37
N TYR A 120 -18.31 -22.09 -41.31
CA TYR A 120 -18.99 -20.80 -41.32
C TYR A 120 -17.99 -19.67 -41.58
N THR A 121 -17.65 -19.48 -42.86
CA THR A 121 -16.82 -18.37 -43.29
C THR A 121 -17.61 -17.55 -44.30
N PHE A 122 -17.65 -16.25 -44.09
CA PHE A 122 -18.45 -15.32 -44.89
C PHE A 122 -17.52 -14.36 -45.62
N SER A 123 -17.75 -14.17 -46.90
CA SER A 123 -16.92 -13.30 -47.70
C SER A 123 -17.58 -13.07 -49.05
N GLY A 124 -17.54 -11.83 -49.52
CA GLY A 124 -17.86 -11.53 -50.90
C GLY A 124 -19.35 -11.30 -51.16
N GLY A 125 -19.63 -10.59 -52.25
CA GLY A 125 -20.99 -10.36 -52.69
C GLY A 125 -21.65 -9.11 -52.13
N GLN A 126 -21.09 -8.50 -51.08
CA GLN A 126 -21.71 -7.32 -50.51
C GLN A 126 -21.79 -6.18 -51.53
N LYS A 127 -22.88 -5.42 -51.50
CA LYS A 127 -23.00 -4.24 -52.34
C LYS A 127 -22.33 -3.05 -51.65
N ALA A 128 -21.90 -2.09 -52.46
CA ALA A 128 -21.32 -0.87 -51.92
C ALA A 128 -22.38 -0.06 -51.18
N GLY A 129 -22.05 0.36 -49.96
CA GLY A 129 -22.99 1.11 -49.14
C GLY A 129 -23.85 0.27 -48.22
N ALA A 130 -23.60 -1.03 -48.12
CA ALA A 130 -24.44 -1.91 -47.32
C ALA A 130 -23.99 -1.90 -45.87
N ALA A 131 -24.93 -1.66 -44.97
CA ALA A 131 -24.63 -1.65 -43.55
C ALA A 131 -25.60 -2.54 -42.80
N ILE A 132 -25.22 -2.83 -41.57
CA ILE A 132 -26.10 -3.47 -40.60
C ILE A 132 -26.29 -2.50 -39.46
N VAL A 133 -27.52 -2.03 -39.29
CA VAL A 133 -27.84 -1.06 -38.25
C VAL A 133 -28.89 -1.68 -37.32
N ASN A 134 -28.61 -1.68 -36.02
CA ASN A 134 -29.58 -2.17 -35.05
C ASN A 134 -30.05 -1.00 -34.20
N GLN A 135 -31.34 -0.69 -34.30
CA GLN A 135 -31.99 0.23 -33.36
C GLN A 135 -32.96 -0.47 -32.45
N GLY A 136 -33.10 -1.78 -32.57
CA GLY A 136 -33.99 -2.53 -31.71
C GLY A 136 -33.29 -3.42 -30.71
N GLU A 137 -33.82 -4.62 -30.46
CA GLU A 137 -33.32 -5.50 -29.41
CA GLU A 137 -33.32 -5.49 -29.41
C GLU A 137 -32.97 -6.84 -30.02
N LEU A 138 -31.69 -7.21 -29.95
CA LEU A 138 -31.21 -8.53 -30.34
C LEU A 138 -30.73 -9.25 -29.09
N THR A 139 -31.26 -10.44 -28.84
CA THR A 139 -30.92 -11.16 -27.63
C THR A 139 -30.86 -12.65 -27.94
N THR A 140 -30.02 -13.35 -27.18
CA THR A 140 -29.96 -14.81 -27.29
C THR A 140 -30.22 -15.44 -25.94
N ASN A 141 -30.62 -16.71 -25.97
CA ASN A 141 -30.58 -17.56 -24.81
C ASN A 141 -29.14 -17.67 -24.28
N ALA A 142 -29.03 -18.07 -23.02
CA ALA A 142 -27.74 -18.18 -22.37
C ALA A 142 -26.80 -19.03 -23.21
N GLY A 143 -25.60 -18.54 -23.42
CA GLY A 143 -24.57 -19.26 -24.12
C GLY A 143 -24.57 -19.03 -25.60
N GLY A 144 -25.54 -18.30 -26.12
CA GLY A 144 -25.60 -18.03 -27.54
C GLY A 144 -24.70 -16.87 -27.95
N TYR A 145 -24.76 -16.55 -29.24
CA TYR A 145 -23.90 -15.53 -29.84
C TYR A 145 -24.74 -14.65 -30.75
N ILE A 146 -24.27 -13.42 -30.95
CA ILE A 146 -24.78 -12.51 -31.98
C ILE A 146 -23.59 -11.93 -32.73
N VAL A 147 -23.60 -12.07 -34.05
CA VAL A 147 -22.53 -11.60 -34.91
C VAL A 147 -23.15 -10.73 -35.98
N LEU A 148 -22.71 -9.48 -36.07
CA LEU A 148 -23.09 -8.56 -37.13
C LEU A 148 -21.84 -8.21 -37.92
N ALA A 149 -21.84 -8.48 -39.22
CA ALA A 149 -20.63 -8.35 -40.03
C ALA A 149 -20.98 -7.65 -41.31
N ALA A 150 -20.40 -6.46 -41.51
CA ALA A 150 -20.66 -5.65 -42.69
C ALA A 150 -19.59 -4.58 -42.77
N ASP A 151 -19.50 -3.90 -43.91
CA ASP A 151 -18.58 -2.77 -44.05
C ASP A 151 -18.78 -1.76 -42.93
N ARG A 152 -20.04 -1.46 -42.60
N ARG A 152 -20.04 -1.44 -42.62
CA ARG A 152 -20.42 -0.57 -41.51
CA ARG A 152 -20.40 -0.57 -41.50
C ARG A 152 -21.42 -1.26 -40.61
C ARG A 152 -21.40 -1.29 -40.62
N VAL A 153 -21.12 -1.32 -39.32
CA VAL A 153 -21.99 -1.96 -38.34
C VAL A 153 -22.28 -0.93 -37.27
N SER A 154 -23.56 -0.63 -37.03
CA SER A 154 -23.97 0.37 -36.04
C SER A 154 -25.00 -0.22 -35.09
N ASN A 155 -24.79 -0.01 -33.80
CA ASN A 155 -25.76 -0.45 -32.80
C ASN A 155 -26.17 0.76 -31.98
N SER A 156 -27.42 1.23 -32.16
CA SER A 156 -28.00 2.23 -31.28
C SER A 156 -29.02 1.63 -30.33
N GLY A 157 -29.36 0.36 -30.51
CA GLY A 157 -30.29 -0.30 -29.62
C GLY A 157 -29.62 -1.11 -28.55
N THR A 158 -30.07 -2.35 -28.37
CA THR A 158 -29.58 -3.22 -27.29
C THR A 158 -29.25 -4.58 -27.88
N ILE A 159 -28.05 -5.06 -27.62
CA ILE A 159 -27.64 -6.42 -27.95
C ILE A 159 -27.27 -7.12 -26.66
N ARG A 160 -27.84 -8.30 -26.40
CA ARG A 160 -27.61 -9.03 -25.17
C ARG A 160 -27.30 -10.48 -25.48
N THR A 161 -26.10 -10.93 -25.09
CA THR A 161 -25.72 -12.34 -25.24
C THR A 161 -25.24 -12.88 -23.90
N PRO A 162 -26.14 -13.15 -22.96
CA PRO A 162 -25.70 -13.62 -21.62
C PRO A 162 -24.95 -14.93 -21.71
N GLY A 163 -23.81 -14.99 -21.04
CA GLY A 163 -23.01 -16.20 -21.01
C GLY A 163 -22.48 -16.58 -22.38
N GLY A 164 -22.57 -15.67 -23.34
CA GLY A 164 -22.22 -15.92 -24.71
C GLY A 164 -21.33 -14.84 -25.27
N LYS A 165 -21.40 -14.63 -26.58
CA LYS A 165 -20.51 -13.67 -27.22
C LYS A 165 -21.25 -12.79 -28.18
N THR A 166 -20.85 -11.52 -28.23
CA THR A 166 -21.28 -10.57 -29.24
C THR A 166 -20.07 -10.14 -30.04
N VAL A 167 -20.21 -10.17 -31.37
CA VAL A 167 -19.14 -9.80 -32.28
C VAL A 167 -19.69 -8.82 -33.30
N LEU A 168 -19.15 -7.62 -33.33
CA LEU A 168 -19.43 -6.62 -34.34
C LEU A 168 -18.15 -6.43 -35.13
N ALA A 169 -18.21 -6.73 -36.41
CA ALA A 169 -17.00 -6.89 -37.21
C ALA A 169 -17.15 -6.26 -38.59
N ALA A 170 -16.28 -5.30 -38.89
CA ALA A 170 -16.16 -4.72 -40.22
C ALA A 170 -14.84 -5.21 -40.83
N SER A 171 -14.92 -6.16 -41.75
CA SER A 171 -13.76 -6.82 -42.35
C SER A 171 -14.18 -7.45 -43.67
N GLU A 172 -13.21 -7.85 -44.47
CA GLU A 172 -13.53 -8.49 -45.74
C GLU A 172 -13.98 -9.94 -45.54
N ARG A 173 -13.55 -10.59 -44.46
CA ARG A 173 -13.84 -12.00 -44.22
C ARG A 173 -14.02 -12.21 -42.73
N ILE A 174 -14.93 -13.11 -42.37
CA ILE A 174 -15.15 -13.49 -40.98
C ILE A 174 -15.46 -14.97 -40.95
N THR A 175 -14.83 -15.69 -40.02
CA THR A 175 -15.01 -17.12 -39.85
C THR A 175 -15.43 -17.38 -38.43
N LEU A 176 -16.51 -18.12 -38.25
CA LEU A 176 -17.05 -18.47 -36.95
C LEU A 176 -16.82 -19.95 -36.74
N GLN A 177 -16.16 -20.30 -35.64
CA GLN A 177 -16.06 -21.69 -35.23
C GLN A 177 -17.00 -21.91 -34.06
N LEU A 178 -17.99 -22.78 -34.26
CA LEU A 178 -18.98 -23.08 -33.24
C LEU A 178 -18.64 -24.38 -32.55
N ASP A 179 -18.88 -24.43 -31.25
CA ASP A 179 -18.63 -25.62 -30.46
C ASP A 179 -19.84 -25.86 -29.57
N ASN A 180 -20.59 -26.94 -29.85
CA ASN A 180 -21.74 -27.33 -29.04
C ASN A 180 -22.76 -26.20 -28.97
N GLY A 181 -23.00 -25.56 -30.11
CA GLY A 181 -23.95 -24.46 -30.19
C GLY A 181 -23.41 -23.13 -29.74
N GLY A 182 -22.21 -23.09 -29.16
CA GLY A 182 -21.62 -21.84 -28.74
C GLY A 182 -20.56 -21.37 -29.70
N LEU A 183 -20.30 -20.07 -29.67
CA LEU A 183 -19.28 -19.47 -30.52
C LEU A 183 -17.94 -19.66 -29.82
N MET A 184 -17.11 -20.57 -30.36
CA MET A 184 -15.84 -20.88 -29.73
C MET A 184 -14.78 -19.83 -30.03
N SER A 185 -14.72 -19.36 -31.26
CA SER A 185 -13.73 -18.35 -31.64
C SER A 185 -14.16 -17.73 -32.96
N VAL A 186 -13.58 -16.57 -33.25
CA VAL A 186 -13.88 -15.80 -34.44
CA VAL A 186 -13.87 -15.85 -34.47
C VAL A 186 -12.57 -15.29 -35.02
N GLN A 187 -12.39 -15.43 -36.34
CA GLN A 187 -11.26 -14.84 -37.04
C GLN A 187 -11.77 -13.86 -38.07
N VAL A 188 -11.27 -12.62 -38.02
CA VAL A 188 -11.60 -11.57 -38.98
C VAL A 188 -10.33 -11.17 -39.68
N THR A 189 -10.38 -11.10 -41.01
CA THR A 189 -9.22 -10.76 -41.82
C THR A 189 -9.66 -9.89 -42.99
N GLY A 190 -8.74 -9.04 -43.43
CA GLY A 190 -8.92 -8.24 -44.62
C GLY A 190 -9.51 -6.89 -44.33
N ASP A 191 -8.89 -5.85 -44.88
CA ASP A 191 -9.34 -4.50 -44.65
C ASP A 191 -10.48 -4.14 -45.60
N VAL A 192 -11.33 -3.22 -45.15
CA VAL A 192 -12.47 -2.73 -45.91
C VAL A 192 -12.42 -1.21 -45.88
N VAL A 193 -12.59 -0.58 -47.05
CA VAL A 193 -12.62 0.88 -47.09
C VAL A 193 -13.85 1.39 -46.33
N ASN A 194 -13.69 2.49 -45.60
CA ASN A 194 -14.74 3.04 -44.75
C ASN A 194 -15.26 2.01 -43.75
N ALA A 195 -14.42 1.07 -43.32
CA ALA A 195 -14.79 0.15 -42.27
C ALA A 195 -15.19 0.95 -41.03
N LEU A 196 -16.34 0.60 -40.45
CA LEU A 196 -16.79 1.28 -39.24
C LEU A 196 -17.59 0.33 -38.38
N VAL A 197 -17.24 0.27 -37.10
CA VAL A 197 -18.05 -0.38 -36.08
C VAL A 197 -18.38 0.67 -35.02
N GLU A 198 -19.67 0.98 -34.83
CA GLU A 198 -20.02 2.03 -33.88
C GLU A 198 -21.06 1.49 -32.93
N ASN A 199 -20.95 1.87 -31.65
CA ASN A 199 -21.91 1.44 -30.64
C ASN A 199 -22.35 2.68 -29.88
N ARG A 200 -23.51 3.24 -30.23
CA ARG A 200 -24.13 4.28 -29.42
C ARG A 200 -25.05 3.70 -28.37
N GLY A 201 -25.50 2.47 -28.55
CA GLY A 201 -26.43 1.85 -27.62
C GLY A 201 -25.75 1.01 -26.56
N LEU A 202 -26.29 -0.17 -26.28
CA LEU A 202 -25.81 -1.05 -25.22
C LEU A 202 -25.50 -2.40 -25.83
N VAL A 203 -24.28 -2.87 -25.60
CA VAL A 203 -23.91 -4.26 -25.83
C VAL A 203 -23.62 -4.89 -24.49
N SER A 204 -24.30 -6.00 -24.18
CA SER A 204 -24.17 -6.64 -22.87
C SER A 204 -23.98 -8.13 -23.05
N ALA A 205 -22.83 -8.64 -22.62
CA ALA A 205 -22.57 -10.07 -22.61
C ALA A 205 -22.19 -10.43 -21.16
N ARG A 206 -23.20 -10.50 -20.29
CA ARG A 206 -22.96 -10.82 -18.89
C ARG A 206 -22.39 -12.22 -18.77
N ASP A 207 -21.26 -12.33 -18.08
CA ASP A 207 -20.51 -13.58 -18.02
C ASP A 207 -20.11 -14.08 -19.40
N GLY A 208 -20.03 -13.17 -20.37
CA GLY A 208 -19.65 -13.52 -21.72
C GLY A 208 -18.50 -12.65 -22.19
N GLN A 209 -18.47 -12.41 -23.50
CA GLN A 209 -17.41 -11.65 -24.16
CA GLN A 209 -17.42 -11.63 -24.14
C GLN A 209 -18.01 -10.80 -25.27
N VAL A 210 -17.47 -9.60 -25.42
CA VAL A 210 -17.82 -8.71 -26.52
C VAL A 210 -16.55 -8.42 -27.33
N TYR A 211 -16.61 -8.61 -28.64
CA TYR A 211 -15.49 -8.37 -29.53
C TYR A 211 -15.95 -7.44 -30.64
N LEU A 212 -15.38 -6.25 -30.66
CA LEU A 212 -15.62 -5.26 -31.70
C LEU A 212 -14.35 -5.05 -32.50
N THR A 213 -14.42 -5.29 -33.82
CA THR A 213 -13.22 -5.21 -34.63
C THR A 213 -13.57 -4.56 -35.96
N ALA A 214 -12.79 -3.56 -36.35
CA ALA A 214 -12.95 -2.87 -37.62
C ALA A 214 -11.57 -2.79 -38.27
N LEU A 215 -11.48 -3.21 -39.53
CA LEU A 215 -10.24 -3.19 -40.29
C LEU A 215 -10.44 -2.32 -41.53
N GLY A 216 -10.02 -1.05 -41.41
CA GLY A 216 -10.07 -0.13 -42.53
C GLY A 216 -8.74 0.00 -43.23
N ARG A 217 -8.76 0.68 -44.37
CA ARG A 217 -7.56 0.96 -45.15
CA ARG A 217 -7.55 0.96 -45.13
C ARG A 217 -7.55 2.42 -45.54
N GLY A 218 -6.39 3.06 -45.42
CA GLY A 218 -6.23 4.44 -45.84
C GLY A 218 -7.20 5.41 -45.22
N MET A 219 -7.51 5.22 -43.93
CA MET A 219 -8.41 6.12 -43.21
CA MET A 219 -8.43 6.13 -43.26
C MET A 219 -7.77 7.46 -42.93
N LEU A 220 -6.44 7.49 -42.75
CA LEU A 220 -5.71 8.62 -42.15
C LEU A 220 -6.14 8.72 -40.69
N MET A 221 -7.06 9.63 -40.37
CA MET A 221 -7.58 9.73 -39.01
CA MET A 221 -7.59 9.78 -39.02
C MET A 221 -9.10 9.59 -38.96
N ASN A 222 -9.71 9.00 -40.00
CA ASN A 222 -11.12 8.65 -39.92
C ASN A 222 -11.32 7.60 -38.84
N THR A 223 -12.44 7.69 -38.14
CA THR A 223 -12.76 6.72 -37.10
C THR A 223 -13.13 5.40 -37.71
N VAL A 224 -12.53 4.33 -37.20
CA VAL A 224 -12.93 2.97 -37.60
C VAL A 224 -13.75 2.28 -36.50
N LEU A 225 -13.65 2.72 -35.28
CA LEU A 225 -14.29 2.06 -34.16
C LEU A 225 -14.68 3.15 -33.18
N ASN A 226 -15.99 3.30 -32.93
CA ASN A 226 -16.52 4.39 -32.13
C ASN A 226 -17.49 3.84 -31.10
N VAL A 227 -17.17 3.96 -29.82
CA VAL A 227 -18.06 3.50 -28.76
C VAL A 227 -18.46 4.71 -27.93
N SER A 228 -19.70 5.22 -28.14
CA SER A 228 -20.25 6.30 -27.33
C SER A 228 -21.28 5.81 -26.31
N GLY A 229 -21.71 4.56 -26.44
CA GLY A 229 -22.62 3.97 -25.50
C GLY A 229 -21.94 3.15 -24.42
N VAL A 230 -22.49 1.96 -24.16
CA VAL A 230 -22.01 1.08 -23.10
C VAL A 230 -21.71 -0.29 -23.67
N VAL A 231 -20.49 -0.79 -23.44
CA VAL A 231 -20.16 -2.19 -23.69
C VAL A 231 -19.91 -2.82 -22.33
N GLU A 232 -20.66 -3.87 -22.00
CA GLU A 232 -20.60 -4.48 -20.67
C GLU A 232 -20.44 -5.99 -20.79
N ALA A 233 -19.41 -6.51 -20.14
CA ALA A 233 -19.18 -7.93 -20.05
C ALA A 233 -18.73 -8.22 -18.62
N SER A 234 -19.53 -7.82 -17.64
CA SER A 234 -19.22 -8.12 -16.24
C SER A 234 -19.32 -9.62 -16.00
N GLY A 235 -18.55 -10.10 -15.01
CA GLY A 235 -18.54 -11.50 -14.66
C GLY A 235 -17.13 -12.04 -14.57
N MET A 236 -17.00 -13.35 -14.74
CA MET A 236 -15.71 -14.01 -14.57
CA MET A 236 -15.70 -14.00 -14.55
C MET A 236 -14.65 -13.43 -15.50
N HIS A 237 -13.48 -13.13 -14.94
CA HIS A 237 -12.30 -12.74 -15.71
C HIS A 237 -11.96 -13.81 -16.74
N ARG A 238 -11.72 -13.39 -17.98
CA ARG A 238 -11.29 -14.30 -19.03
CA ARG A 238 -11.28 -14.31 -19.03
C ARG A 238 -9.91 -13.90 -19.55
N GLN A 239 -9.02 -14.90 -19.69
CA GLN A 239 -7.65 -14.63 -20.15
CA GLN A 239 -7.66 -14.62 -20.15
C GLN A 239 -7.66 -13.99 -21.53
N ASP A 240 -8.57 -14.42 -22.41
CA ASP A 240 -8.62 -13.89 -23.77
C ASP A 240 -9.40 -12.59 -23.84
N GLY A 241 -9.79 -12.02 -22.71
CA GLY A 241 -10.45 -10.74 -22.69
C GLY A 241 -11.97 -10.79 -22.61
N ASN A 242 -12.54 -10.07 -21.65
CA ASN A 242 -13.98 -9.93 -21.57
C ASN A 242 -14.51 -8.93 -22.61
N ILE A 243 -13.80 -7.84 -22.81
CA ILE A 243 -14.12 -6.89 -23.85
C ILE A 243 -12.85 -6.69 -24.66
N VAL A 244 -12.94 -6.89 -25.97
CA VAL A 244 -11.79 -6.70 -26.84
C VAL A 244 -12.19 -5.78 -27.99
N LEU A 245 -11.52 -4.64 -28.10
CA LEU A 245 -11.65 -3.70 -29.21
C LEU A 245 -10.41 -3.82 -30.07
N ASP A 246 -10.62 -3.86 -31.39
CA ASP A 246 -9.48 -3.91 -32.29
C ASP A 246 -9.76 -3.08 -33.52
N GLY A 247 -9.13 -1.90 -33.62
CA GLY A 247 -9.20 -1.02 -34.76
C GLY A 247 -8.26 -1.30 -35.91
N GLY A 248 -7.56 -2.43 -35.88
CA GLY A 248 -6.68 -2.75 -36.98
C GLY A 248 -5.44 -1.87 -36.97
N ASP A 249 -4.82 -1.76 -38.15
CA ASP A 249 -3.56 -1.03 -38.33
C ASP A 249 -3.77 0.32 -39.03
N SER A 250 -4.97 0.87 -38.96
CA SER A 250 -5.25 2.12 -39.63
C SER A 250 -6.46 2.76 -39.00
N GLY A 251 -6.45 4.09 -38.95
CA GLY A 251 -7.58 4.84 -38.44
C GLY A 251 -7.58 5.00 -36.93
N VAL A 252 -8.69 5.54 -36.42
CA VAL A 252 -8.81 5.93 -35.02
C VAL A 252 -9.85 5.04 -34.33
N VAL A 253 -9.51 4.61 -33.12
CA VAL A 253 -10.44 3.99 -32.19
C VAL A 253 -10.84 5.02 -31.16
N HIS A 254 -12.12 5.37 -31.11
CA HIS A 254 -12.63 6.49 -30.32
C HIS A 254 -13.57 5.96 -29.28
N LEU A 255 -13.26 6.21 -28.01
CA LEU A 255 -14.13 5.82 -26.90
C LEU A 255 -14.57 7.05 -26.14
N SER A 256 -15.88 7.33 -26.14
CA SER A 256 -16.44 8.36 -25.29
C SER A 256 -17.45 7.80 -24.30
N GLY A 257 -17.81 6.54 -24.43
CA GLY A 257 -18.74 5.84 -23.56
C GLY A 257 -18.03 5.01 -22.51
N THR A 258 -18.55 3.83 -22.27
CA THR A 258 -18.13 3.02 -21.14
C THR A 258 -17.84 1.60 -21.60
N LEU A 259 -16.73 1.05 -21.13
CA LEU A 259 -16.38 -0.37 -21.25
C LEU A 259 -16.32 -0.93 -19.83
N GLN A 260 -17.22 -1.87 -19.52
CA GLN A 260 -17.47 -2.32 -18.16
C GLN A 260 -17.28 -3.82 -18.08
N ALA A 261 -16.28 -4.25 -17.32
CA ALA A 261 -16.00 -5.65 -17.06
C ALA A 261 -15.75 -5.83 -15.57
N ASP A 262 -16.73 -5.44 -14.76
CA ASP A 262 -16.65 -5.54 -13.30
C ASP A 262 -17.07 -6.93 -12.81
N ASN A 263 -16.81 -7.20 -11.52
CA ASN A 263 -17.15 -8.49 -10.94
C ASN A 263 -17.23 -8.29 -9.43
N ALA A 264 -18.40 -7.90 -8.96
CA ALA A 264 -18.53 -7.49 -7.56
C ALA A 264 -18.16 -8.62 -6.62
N SER A 265 -18.34 -9.88 -7.04
CA SER A 265 -18.10 -11.04 -6.18
CA SER A 265 -18.10 -11.04 -6.19
C SER A 265 -16.88 -11.85 -6.62
N GLY A 266 -15.95 -11.24 -7.35
CA GLY A 266 -14.74 -11.92 -7.76
C GLY A 266 -13.72 -10.92 -8.24
N GLN A 267 -12.83 -11.38 -9.11
CA GLN A 267 -11.81 -10.53 -9.70
CA GLN A 267 -11.82 -10.51 -9.68
C GLN A 267 -12.35 -9.85 -10.94
N GLY A 268 -11.92 -8.61 -11.16
CA GLY A 268 -12.37 -7.85 -12.31
C GLY A 268 -11.92 -8.48 -13.61
N GLY A 269 -12.66 -8.15 -14.65
CA GLY A 269 -12.44 -8.68 -15.98
C GLY A 269 -11.26 -8.02 -16.69
N LYS A 270 -11.11 -8.35 -17.96
CA LYS A 270 -10.00 -7.92 -18.78
C LYS A 270 -10.54 -7.17 -19.99
N VAL A 271 -10.06 -5.95 -20.17
CA VAL A 271 -10.47 -5.07 -21.26
C VAL A 271 -9.24 -4.74 -22.08
N VAL A 272 -9.31 -5.01 -23.38
CA VAL A 272 -8.20 -4.80 -24.30
C VAL A 272 -8.69 -3.89 -25.40
N VAL A 273 -8.01 -2.75 -25.58
CA VAL A 273 -8.34 -1.76 -26.59
C VAL A 273 -7.13 -1.65 -27.50
N GLN A 274 -7.28 -2.03 -28.76
CA GLN A 274 -6.19 -2.04 -29.71
C GLN A 274 -6.56 -1.19 -30.92
N GLY A 275 -5.52 -0.69 -31.56
CA GLY A 275 -5.65 0.05 -32.80
C GLY A 275 -4.38 0.83 -33.06
N LYS A 276 -4.36 1.51 -34.21
CA LYS A 276 -3.20 2.35 -34.52
CA LYS A 276 -3.20 2.34 -34.51
C LYS A 276 -3.21 3.66 -33.75
N ASN A 277 -4.37 4.31 -33.69
CA ASN A 277 -4.55 5.56 -32.95
C ASN A 277 -5.76 5.37 -32.05
N ILE A 278 -5.57 5.54 -30.73
CA ILE A 278 -6.61 5.32 -29.74
C ILE A 278 -6.84 6.63 -29.00
N LEU A 279 -8.12 7.04 -28.91
CA LEU A 279 -8.52 8.27 -28.23
CA LEU A 279 -8.52 8.26 -28.23
C LEU A 279 -9.55 7.91 -27.16
N LEU A 280 -9.17 8.07 -25.90
CA LEU A 280 -10.08 7.92 -24.77
C LEU A 280 -10.55 9.32 -24.41
N ASP A 281 -11.78 9.65 -24.81
CA ASP A 281 -12.27 11.01 -24.75
C ASP A 281 -12.79 11.34 -23.35
N LYS A 282 -12.97 12.63 -23.11
CA LYS A 282 -13.57 13.05 -21.86
CA LYS A 282 -13.59 13.08 -21.86
C LYS A 282 -14.91 12.35 -21.66
N GLY A 283 -15.18 11.94 -20.42
CA GLY A 283 -16.39 11.19 -20.15
C GLY A 283 -16.27 9.71 -20.39
N SER A 284 -15.19 9.23 -21.01
CA SER A 284 -15.04 7.80 -21.21
C SER A 284 -14.68 7.12 -19.89
N ASN A 285 -15.03 5.85 -19.79
CA ASN A 285 -14.91 5.11 -18.55
C ASN A 285 -14.65 3.65 -18.88
N ILE A 286 -13.44 3.16 -18.59
CA ILE A 286 -13.11 1.74 -18.67
C ILE A 286 -12.96 1.24 -17.23
N THR A 287 -13.85 0.35 -16.81
CA THR A 287 -13.89 -0.12 -15.43
C THR A 287 -13.81 -1.64 -15.45
N ALA A 288 -12.83 -2.17 -14.71
CA ALA A 288 -12.66 -3.60 -14.50
C ALA A 288 -12.34 -3.81 -13.03
N THR A 289 -13.24 -3.34 -12.18
CA THR A 289 -13.07 -3.52 -10.74
C THR A 289 -13.61 -4.88 -10.31
N GLY A 290 -13.19 -5.29 -9.11
CA GLY A 290 -13.61 -6.58 -8.59
C GLY A 290 -13.64 -6.56 -7.10
N GLY A 291 -14.65 -7.18 -6.50
CA GLY A 291 -14.70 -7.22 -5.05
C GLY A 291 -13.49 -7.91 -4.46
N GLN A 292 -13.00 -8.94 -5.13
CA GLN A 292 -11.89 -9.75 -4.62
CA GLN A 292 -11.89 -9.74 -4.62
C GLN A 292 -10.61 -9.54 -5.43
N GLY A 293 -10.53 -8.45 -6.18
CA GLY A 293 -9.33 -8.14 -6.91
C GLY A 293 -9.62 -7.35 -8.17
N GLY A 294 -8.74 -6.44 -8.51
CA GLY A 294 -8.90 -5.66 -9.72
C GLY A 294 -8.53 -6.41 -10.96
N GLY A 295 -9.09 -5.96 -12.07
CA GLY A 295 -8.90 -6.61 -13.36
C GLY A 295 -7.73 -6.05 -14.13
N GLU A 296 -7.79 -6.21 -15.46
CA GLU A 296 -6.70 -5.75 -16.33
C GLU A 296 -7.29 -4.92 -17.45
N VAL A 297 -6.70 -3.74 -17.69
CA VAL A 297 -7.06 -2.90 -18.80
C VAL A 297 -5.77 -2.59 -19.57
N TYR A 298 -5.75 -2.96 -20.85
CA TYR A 298 -4.62 -2.75 -21.74
C TYR A 298 -5.10 -1.88 -22.89
N VAL A 299 -4.55 -0.67 -23.02
CA VAL A 299 -4.88 0.27 -24.07
C VAL A 299 -3.59 0.55 -24.82
N GLY A 300 -3.50 0.05 -26.04
CA GLY A 300 -2.36 0.29 -26.90
C GLY A 300 -1.29 -0.78 -26.84
N GLY A 301 -1.46 -1.80 -26.01
CA GLY A 301 -0.49 -2.86 -25.90
C GLY A 301 -0.51 -3.44 -24.50
N GLY A 302 0.24 -4.52 -24.33
CA GLY A 302 0.46 -5.09 -23.02
C GLY A 302 1.50 -4.29 -22.28
N TRP A 303 1.90 -4.81 -21.12
CA TRP A 303 2.95 -4.19 -20.32
C TRP A 303 4.20 -3.97 -21.15
N GLN A 304 4.62 -2.70 -21.26
CA GLN A 304 5.77 -2.30 -22.06
CA GLN A 304 5.77 -2.30 -22.06
C GLN A 304 5.67 -2.77 -23.50
N GLY A 305 4.46 -3.04 -23.97
CA GLY A 305 4.27 -3.48 -25.33
C GLY A 305 4.82 -4.83 -25.65
N LYS A 306 4.92 -5.71 -24.65
CA LYS A 306 5.56 -7.01 -24.84
C LYS A 306 4.58 -8.16 -24.76
N ASP A 307 3.33 -7.93 -25.14
CA ASP A 307 2.33 -8.97 -25.27
C ASP A 307 2.02 -9.17 -26.75
N SER A 308 2.49 -10.28 -27.31
CA SER A 308 2.30 -10.53 -28.73
C SER A 308 0.83 -10.65 -29.10
N ASN A 309 -0.03 -10.98 -28.14
CA ASN A 309 -1.45 -11.14 -28.42
C ASN A 309 -2.21 -9.81 -28.39
N ILE A 310 -1.54 -8.71 -28.11
CA ILE A 310 -2.17 -7.38 -28.09
C ILE A 310 -1.40 -6.52 -29.07
N ARG A 311 -2.10 -5.98 -30.06
CA ARG A 311 -1.49 -5.10 -31.03
C ARG A 311 -0.97 -3.85 -30.33
N ASN A 312 0.20 -3.37 -30.76
CA ASN A 312 0.79 -2.16 -30.20
C ASN A 312 0.33 -0.96 -31.02
N ALA A 313 -0.18 0.04 -30.32
CA ALA A 313 -0.63 1.28 -30.94
C ALA A 313 0.55 2.16 -31.33
N ASP A 314 0.26 3.10 -32.23
CA ASP A 314 1.22 4.14 -32.58
C ASP A 314 1.08 5.35 -31.66
N LYS A 315 -0.17 5.78 -31.43
CA LYS A 315 -0.46 6.91 -30.55
C LYS A 315 -1.66 6.58 -29.68
N VAL A 316 -1.56 6.93 -28.40
CA VAL A 316 -2.66 6.81 -27.47
C VAL A 316 -2.84 8.15 -26.78
N VAL A 317 -4.08 8.65 -26.79
CA VAL A 317 -4.43 9.91 -26.14
C VAL A 317 -5.57 9.65 -25.17
N MET A 318 -5.34 9.96 -23.88
CA MET A 318 -6.36 9.84 -22.84
C MET A 318 -6.65 11.28 -22.39
N GLN A 319 -7.85 11.77 -22.65
CA GLN A 319 -8.16 13.15 -22.36
C GLN A 319 -8.46 13.32 -20.88
N GLY A 320 -8.33 14.56 -20.42
CA GLY A 320 -8.77 14.93 -19.10
C GLY A 320 -10.25 14.62 -18.94
N GLY A 321 -10.60 13.96 -17.82
CA GLY A 321 -11.95 13.51 -17.60
C GLY A 321 -12.24 12.09 -18.04
N ALA A 322 -11.35 11.50 -18.82
CA ALA A 322 -11.41 10.07 -19.06
C ALA A 322 -10.90 9.34 -17.83
N ARG A 323 -11.39 8.12 -17.63
CA ARG A 323 -10.99 7.35 -16.47
C ARG A 323 -10.88 5.87 -16.79
N ILE A 324 -9.89 5.26 -16.11
CA ILE A 324 -9.72 3.81 -16.07
C ILE A 324 -9.70 3.40 -14.59
N ASP A 325 -10.42 2.32 -14.26
CA ASP A 325 -10.46 1.84 -12.88
C ASP A 325 -10.26 0.34 -12.87
N VAL A 326 -9.19 -0.11 -12.23
CA VAL A 326 -8.90 -1.52 -12.04
C VAL A 326 -8.74 -1.81 -10.56
N SER A 327 -9.48 -1.07 -9.74
CA SER A 327 -9.35 -1.18 -8.30
C SER A 327 -9.97 -2.49 -7.77
N ALA A 328 -9.43 -2.96 -6.64
CA ALA A 328 -10.12 -3.93 -5.82
C ALA A 328 -11.03 -3.14 -4.92
N THR A 329 -12.28 -3.57 -4.76
CA THR A 329 -13.24 -2.80 -3.99
C THR A 329 -13.41 -3.28 -2.56
N GLN A 330 -13.34 -4.59 -2.32
CA GLN A 330 -13.55 -5.11 -0.97
C GLN A 330 -12.25 -5.62 -0.34
N GLN A 331 -11.78 -6.80 -0.78
CA GLN A 331 -10.51 -7.34 -0.35
C GLN A 331 -9.71 -7.75 -1.59
N GLY A 332 -8.41 -7.56 -1.57
CA GLY A 332 -7.56 -7.98 -2.67
C GLY A 332 -6.84 -6.81 -3.32
N ASN A 333 -5.95 -7.18 -4.23
CA ASN A 333 -5.02 -6.23 -4.81
C ASN A 333 -5.65 -5.48 -5.99
N GLY A 334 -5.27 -4.23 -6.13
CA GLY A 334 -5.58 -3.52 -7.35
C GLY A 334 -5.05 -4.27 -8.55
N GLY A 335 -5.68 -4.04 -9.72
CA GLY A 335 -5.33 -4.71 -10.95
C GLY A 335 -4.24 -4.01 -11.72
N THR A 336 -4.21 -4.26 -13.02
CA THR A 336 -3.20 -3.73 -13.89
C THR A 336 -3.85 -2.85 -14.94
N ALA A 337 -3.29 -1.66 -15.16
CA ALA A 337 -3.74 -0.77 -16.22
C ALA A 337 -2.53 -0.28 -17.02
N VAL A 338 -2.62 -0.40 -18.32
CA VAL A 338 -1.51 -0.07 -19.22
C VAL A 338 -2.03 0.88 -20.28
N LEU A 339 -1.36 2.03 -20.42
CA LEU A 339 -1.41 2.85 -21.61
C LEU A 339 -0.06 2.73 -22.28
N TRP A 340 -0.05 2.31 -23.55
CA TRP A 340 1.20 2.04 -24.26
C TRP A 340 1.08 2.47 -25.71
N SER A 341 2.18 2.98 -26.26
CA SER A 341 2.23 3.27 -27.69
C SER A 341 3.66 3.14 -28.15
N ASP A 342 3.85 3.08 -29.47
CA ASP A 342 5.19 3.05 -30.04
C ASP A 342 5.74 4.45 -30.29
N SER A 343 4.86 5.47 -30.44
CA SER A 343 5.33 6.77 -30.86
C SER A 343 4.94 7.89 -29.93
N TYR A 344 3.74 7.85 -29.35
CA TYR A 344 3.24 8.98 -28.56
C TYR A 344 2.15 8.51 -27.64
N THR A 345 2.35 8.67 -26.34
CA THR A 345 1.33 8.46 -25.33
C THR A 345 1.11 9.78 -24.62
N ASN A 346 -0.11 10.31 -24.69
CA ASN A 346 -0.47 11.55 -24.03
C ASN A 346 -1.51 11.22 -22.97
N PHE A 347 -1.10 11.23 -21.71
CA PHE A 347 -1.95 10.80 -20.60
C PHE A 347 -2.39 12.02 -19.81
N HIS A 348 -3.68 12.33 -19.87
CA HIS A 348 -4.24 13.44 -19.12
C HIS A 348 -5.42 13.02 -18.27
N GLY A 349 -5.72 11.73 -18.20
CA GLY A 349 -6.90 11.24 -17.51
C GLY A 349 -6.61 10.79 -16.08
N GLN A 350 -7.45 9.89 -15.58
CA GLN A 350 -7.37 9.38 -14.23
CA GLN A 350 -7.36 9.37 -14.22
C GLN A 350 -7.37 7.85 -14.28
N ILE A 351 -6.39 7.24 -13.63
CA ILE A 351 -6.31 5.79 -13.56
C ILE A 351 -6.34 5.40 -12.08
N GLY A 352 -7.23 4.46 -11.73
CA GLY A 352 -7.40 4.01 -10.36
C GLY A 352 -7.05 2.53 -10.29
N ALA A 353 -6.25 2.19 -9.30
CA ALA A 353 -5.83 0.83 -9.08
C ALA A 353 -5.64 0.60 -7.59
N LYS A 354 -6.69 0.89 -6.82
CA LYS A 354 -6.61 0.82 -5.37
C LYS A 354 -6.75 -0.62 -4.89
N GLY A 355 -6.17 -0.90 -3.72
CA GLY A 355 -6.46 -2.14 -3.04
C GLY A 355 -7.79 -2.07 -2.31
N GLY A 356 -8.27 -3.25 -1.93
CA GLY A 356 -9.54 -3.32 -1.22
C GLY A 356 -9.55 -2.51 0.05
N GLU A 357 -10.75 -2.07 0.45
CA GLU A 357 -10.90 -1.35 1.71
C GLU A 357 -10.51 -2.21 2.89
N THR A 358 -10.90 -3.49 2.88
CA THR A 358 -10.61 -4.38 4.00
C THR A 358 -9.22 -5.01 3.91
N GLY A 359 -8.46 -4.72 2.87
CA GLY A 359 -7.13 -5.27 2.70
C GLY A 359 -6.78 -5.40 1.23
N GLY A 360 -5.47 -5.42 0.97
CA GLY A 360 -4.97 -5.57 -0.39
C GLY A 360 -4.03 -4.45 -0.77
N ASN A 361 -3.09 -4.74 -1.68
CA ASN A 361 -2.09 -3.77 -2.12
C ASN A 361 -2.55 -3.05 -3.38
N GLY A 362 -2.02 -1.84 -3.58
CA GLY A 362 -2.29 -1.13 -4.82
C GLY A 362 -1.81 -1.91 -6.02
N GLY A 363 -2.44 -1.63 -7.16
CA GLY A 363 -2.17 -2.37 -8.37
C GLY A 363 -0.94 -1.85 -9.11
N ARG A 364 -0.94 -2.05 -10.42
CA ARG A 364 0.21 -1.74 -11.26
C ARG A 364 -0.29 -0.95 -12.46
N VAL A 365 0.26 0.26 -12.64
CA VAL A 365 -0.14 1.18 -13.69
C VAL A 365 1.09 1.58 -14.46
N GLU A 366 0.99 1.55 -15.79
CA GLU A 366 2.03 2.04 -16.69
C GLU A 366 1.40 2.95 -17.74
N THR A 367 1.94 4.15 -17.85
CA THR A 367 1.57 5.10 -18.90
C THR A 367 2.91 5.44 -19.55
N SER A 368 3.18 4.88 -20.73
CA SER A 368 4.51 4.97 -21.33
CA SER A 368 4.50 5.05 -21.33
C SER A 368 4.42 4.88 -22.84
N SER A 369 5.57 5.02 -23.48
CA SER A 369 5.67 4.93 -24.93
C SER A 369 7.10 4.59 -25.28
N HIS A 370 7.29 3.88 -26.40
CA HIS A 370 8.64 3.72 -26.94
C HIS A 370 9.20 5.07 -27.38
N GLY A 371 8.33 5.97 -27.83
CA GLY A 371 8.75 7.32 -28.19
C GLY A 371 8.43 8.36 -27.15
N ASN A 372 7.52 9.28 -27.49
CA ASN A 372 7.21 10.43 -26.64
C ASN A 372 6.18 10.09 -25.59
N LEU A 373 6.39 10.62 -24.37
CA LEU A 373 5.47 10.44 -23.26
C LEU A 373 5.17 11.79 -22.64
N GLN A 374 3.88 12.10 -22.55
CA GLN A 374 3.38 13.26 -21.82
C GLN A 374 2.38 12.71 -20.81
N ALA A 375 2.76 12.72 -19.52
CA ALA A 375 1.97 12.13 -18.45
C ALA A 375 1.60 13.24 -17.47
N PHE A 376 0.36 13.73 -17.58
CA PHE A 376 -0.11 14.86 -16.79
C PHE A 376 -1.37 14.53 -16.01
N GLY A 377 -1.80 13.27 -16.00
CA GLY A 377 -3.00 12.86 -15.32
C GLY A 377 -2.75 12.48 -13.88
N THR A 378 -3.61 11.61 -13.35
CA THR A 378 -3.55 11.21 -11.95
C THR A 378 -3.67 9.69 -11.88
N VAL A 379 -2.82 9.09 -11.08
CA VAL A 379 -2.79 7.65 -10.87
C VAL A 379 -2.84 7.41 -9.36
N SER A 380 -3.82 6.63 -8.90
CA SER A 380 -3.93 6.24 -7.50
C SER A 380 -3.79 4.72 -7.43
N ALA A 381 -2.63 4.26 -7.00
CA ALA A 381 -2.33 2.84 -6.87
C ALA A 381 -1.82 2.58 -5.45
N SER A 382 -2.71 2.72 -4.47
CA SER A 382 -2.33 2.56 -3.08
C SER A 382 -3.25 1.58 -2.35
N ALA A 383 -2.75 1.04 -1.24
CA ALA A 383 -3.61 0.29 -0.33
C ALA A 383 -4.60 1.25 0.31
N ALA A 384 -5.70 0.69 0.83
CA ALA A 384 -6.74 1.50 1.47
C ALA A 384 -6.19 2.22 2.70
N SER B 2 40.31 36.40 22.82
CA SER B 2 39.52 35.93 21.65
C SER B 2 39.99 36.52 20.33
N GLY B 3 41.19 37.10 20.35
CA GLY B 3 41.78 37.69 19.15
C GLY B 3 42.64 36.72 18.37
N SER B 4 43.45 35.95 19.08
CA SER B 4 44.37 35.02 18.47
C SER B 4 44.38 33.73 19.28
N PRO B 5 44.73 32.61 18.65
CA PRO B 5 44.89 31.37 19.44
C PRO B 5 45.88 31.56 20.58
N THR B 6 45.64 30.86 21.68
CA THR B 6 46.47 30.97 22.87
C THR B 6 46.92 29.60 23.35
N GLY B 7 48.04 29.60 24.07
CA GLY B 7 48.52 28.40 24.71
C GLY B 7 48.88 27.28 23.76
N GLY B 8 49.42 27.63 22.59
CA GLY B 8 49.71 26.66 21.55
C GLY B 8 51.00 25.91 21.84
N GLN B 9 50.93 24.60 21.62
CA GLN B 9 52.02 23.69 21.95
C GLN B 9 52.14 22.65 20.85
N ILE B 10 53.24 22.66 20.10
CA ILE B 10 53.43 21.63 19.08
C ILE B 10 53.85 20.36 19.79
N VAL B 11 53.03 19.32 19.65
CA VAL B 11 53.23 18.05 20.34
C VAL B 11 53.64 16.93 19.41
N ALA B 12 53.57 17.12 18.09
CA ALA B 12 54.06 16.13 17.14
C ALA B 12 54.48 16.85 15.87
N GLY B 13 55.49 16.29 15.18
CA GLY B 13 56.05 16.99 14.03
C GLY B 13 56.95 18.13 14.52
N SER B 14 57.26 19.03 13.61
CA SER B 14 58.23 20.09 13.86
C SER B 14 57.68 21.39 13.29
N GLY B 15 57.78 22.45 14.09
CA GLY B 15 57.33 23.75 13.65
C GLY B 15 57.50 24.77 14.77
N SER B 16 57.01 25.98 14.51
CA SER B 16 57.12 27.05 15.49
C SER B 16 55.99 28.04 15.24
N ILE B 17 55.65 28.78 16.29
CA ILE B 17 54.51 29.70 16.26
C ILE B 17 55.04 31.11 16.47
N GLN B 18 54.94 31.93 15.43
CA GLN B 18 55.33 33.32 15.50
CA GLN B 18 55.33 33.33 15.48
C GLN B 18 54.10 34.22 15.61
N THR B 19 54.22 35.29 16.38
CA THR B 19 53.19 36.33 16.46
C THR B 19 53.88 37.67 16.41
N PRO B 20 54.15 38.19 15.20
CA PRO B 20 54.90 39.46 15.10
C PRO B 20 54.08 40.68 15.52
N SER B 21 52.78 40.71 15.23
CA SER B 21 51.91 41.84 15.55
C SER B 21 50.65 41.35 16.25
N GLY B 22 49.88 42.31 16.74
CA GLY B 22 48.65 42.01 17.46
C GLY B 22 47.53 41.47 16.59
N ASN B 23 47.68 41.51 15.28
CA ASN B 23 46.64 41.03 14.38
C ASN B 23 47.09 39.94 13.43
N GLN B 24 48.31 39.43 13.57
CA GLN B 24 48.79 38.37 12.71
C GLN B 24 49.59 37.37 13.53
N MET B 25 49.31 36.07 13.32
CA MET B 25 50.15 35.02 13.86
C MET B 25 50.53 34.13 12.69
N ASN B 26 51.81 33.78 12.60
CA ASN B 26 52.34 32.91 11.55
C ASN B 26 52.80 31.61 12.18
N ILE B 27 52.23 30.50 11.72
CA ILE B 27 52.56 29.17 12.20
C ILE B 27 53.42 28.53 11.12
N HIS B 28 54.69 28.29 11.43
CA HIS B 28 55.64 27.76 10.47
CA HIS B 28 55.65 27.76 10.48
C HIS B 28 55.81 26.26 10.72
N GLN B 29 55.44 25.45 9.74
CA GLN B 29 55.48 24.00 9.83
C GLN B 29 56.65 23.50 8.99
N ASN B 30 57.48 22.65 9.58
CA ASN B 30 58.62 22.06 8.89
C ASN B 30 58.40 20.62 8.50
N SER B 31 57.68 19.85 9.32
CA SER B 31 57.40 18.45 9.02
C SER B 31 56.15 18.37 8.11
N GLN B 32 56.00 17.22 7.47
CA GLN B 32 54.85 17.04 6.60
C GLN B 32 53.55 17.03 7.40
N ASN B 33 53.56 16.42 8.59
CA ASN B 33 52.41 16.42 9.50
C ASN B 33 52.84 17.02 10.83
N MET B 34 51.95 17.79 11.42
CA MET B 34 52.23 18.53 12.63
C MET B 34 50.97 18.60 13.48
N VAL B 35 51.15 18.45 14.80
CA VAL B 35 50.06 18.53 15.77
C VAL B 35 50.38 19.63 16.76
N ALA B 36 49.42 20.53 16.98
CA ALA B 36 49.51 21.57 18.00
C ALA B 36 48.26 21.47 18.86
N ASN B 37 48.44 21.40 20.17
CA ASN B 37 47.34 21.56 21.11
C ASN B 37 47.21 23.03 21.47
N TRP B 38 45.97 23.48 21.61
CA TRP B 38 45.68 24.89 21.88
C TRP B 38 44.76 25.01 23.08
N ASN B 39 45.11 25.91 24.01
CA ASN B 39 44.17 26.23 25.08
C ASN B 39 42.90 26.86 24.49
N SER B 40 43.05 27.68 23.45
CA SER B 40 41.93 28.20 22.70
C SER B 40 42.41 28.43 21.28
N PHE B 41 41.48 28.48 20.38
CA PHE B 41 41.78 28.73 18.97
C PHE B 41 40.63 29.57 18.41
N ASP B 42 40.73 30.87 18.66
CA ASP B 42 39.84 31.89 18.12
C ASP B 42 40.66 32.86 17.30
N ILE B 43 40.02 33.44 16.29
CA ILE B 43 40.63 34.50 15.48
C ILE B 43 39.67 35.70 15.46
N GLY B 44 40.07 36.80 16.05
CA GLY B 44 39.23 37.98 16.09
C GLY B 44 39.05 38.60 14.73
N LYS B 45 38.11 39.55 14.66
CA LYS B 45 37.90 40.29 13.43
CA LYS B 45 37.90 40.30 13.42
C LYS B 45 39.14 41.11 13.10
N GLY B 46 39.56 41.05 11.84
CA GLY B 46 40.76 41.76 11.44
C GLY B 46 42.06 41.07 11.77
N ASN B 47 42.02 39.88 12.36
CA ASN B 47 43.20 39.09 12.66
C ASN B 47 43.37 37.98 11.64
N THR B 48 44.60 37.48 11.56
CA THR B 48 44.88 36.43 10.60
C THR B 48 45.80 35.41 11.25
N VAL B 49 45.45 34.14 11.06
CA VAL B 49 46.34 33.02 11.33
C VAL B 49 46.79 32.48 9.98
N GLN B 50 48.11 32.46 9.75
CA GLN B 50 48.70 32.01 8.50
C GLN B 50 49.58 30.80 8.80
N PHE B 51 49.28 29.69 8.15
CA PHE B 51 50.13 28.50 8.18
C PHE B 51 51.09 28.52 7.00
N ASP B 52 52.38 28.37 7.29
CA ASP B 52 53.44 28.28 6.29
CA ASP B 52 53.44 28.28 6.29
C ASP B 52 53.91 26.83 6.28
N GLN B 53 53.46 26.07 5.27
CA GLN B 53 53.67 24.63 5.33
C GLN B 53 54.60 24.14 4.23
N PRO B 54 55.25 22.99 4.41
CA PRO B 54 56.33 22.59 3.49
C PRO B 54 55.83 22.09 2.16
N SER B 55 54.55 21.82 2.03
CA SER B 55 53.99 21.34 0.77
C SER B 55 52.50 21.61 0.82
N SER B 56 51.84 21.48 -0.32
CA SER B 56 50.39 21.66 -0.38
C SER B 56 49.64 20.47 0.22
N SER B 57 50.32 19.36 0.45
CA SER B 57 49.71 18.20 1.08
C SER B 57 50.09 18.06 2.54
N ALA B 58 50.90 18.96 3.07
CA ALA B 58 51.18 18.92 4.49
C ALA B 58 49.91 19.21 5.27
N VAL B 59 49.77 18.59 6.44
CA VAL B 59 48.60 18.76 7.29
C VAL B 59 49.04 19.26 8.66
N ALA B 60 48.39 20.34 9.14
CA ALA B 60 48.54 20.79 10.52
C ALA B 60 47.25 20.47 11.25
N LEU B 61 47.35 19.64 12.29
CA LEU B 61 46.22 19.34 13.18
C LEU B 61 46.25 20.30 14.36
N ASN B 62 45.16 21.01 14.57
CA ASN B 62 45.05 22.00 15.64
C ASN B 62 43.91 21.54 16.54
N ARG B 63 44.26 21.06 17.72
CA ARG B 63 43.32 20.50 18.69
C ARG B 63 43.12 21.48 19.84
N VAL B 64 41.89 21.93 20.03
CA VAL B 64 41.57 22.79 21.17
C VAL B 64 41.34 21.90 22.40
N VAL B 65 42.10 22.19 23.46
CA VAL B 65 42.02 21.40 24.67
C VAL B 65 41.43 22.18 25.83
N GLY B 66 41.14 23.45 25.64
CA GLY B 66 40.39 24.22 26.61
C GLY B 66 38.91 23.89 26.55
N GLY B 67 38.08 24.84 26.97
CA GLY B 67 36.65 24.58 27.04
C GLY B 67 35.77 25.46 26.18
N GLY B 68 36.37 26.43 25.50
CA GLY B 68 35.61 27.39 24.71
C GLY B 68 35.35 26.91 23.29
N GLU B 69 34.13 27.17 22.80
CA GLU B 69 33.85 26.98 21.39
C GLU B 69 34.72 27.93 20.58
N SER B 70 35.28 27.44 19.47
CA SER B 70 36.16 28.27 18.65
C SER B 70 35.34 29.37 17.97
N GLN B 71 35.79 30.61 18.14
CA GLN B 71 35.17 31.77 17.47
C GLN B 71 36.08 32.23 16.34
N ILE B 72 35.78 31.80 15.12
CA ILE B 72 36.60 32.19 13.97
C ILE B 72 35.92 33.38 13.30
N MET B 73 36.39 34.58 13.60
CA MET B 73 35.84 35.79 13.00
CA MET B 73 35.84 35.79 13.00
C MET B 73 36.75 36.40 11.96
N GLY B 74 38.05 36.10 12.02
CA GLY B 74 39.05 36.67 11.15
C GLY B 74 39.40 35.74 10.01
N ASN B 75 40.67 35.74 9.63
CA ASN B 75 41.13 35.00 8.47
C ASN B 75 42.04 33.86 8.91
N LEU B 76 41.83 32.69 8.30
CA LEU B 76 42.70 31.53 8.44
C LEU B 76 43.21 31.16 7.06
N LYS B 77 44.52 31.23 6.85
CA LYS B 77 45.13 30.95 5.56
C LYS B 77 46.17 29.86 5.70
N ALA B 78 46.30 29.04 4.67
CA ALA B 78 47.34 28.02 4.67
C ALA B 78 47.62 27.58 3.23
N ASN B 79 48.87 27.30 2.90
CA ASN B 79 49.17 26.74 1.57
C ASN B 79 48.96 25.23 1.54
N GLY B 80 49.03 24.57 2.70
CA GLY B 80 48.70 23.17 2.81
C GLY B 80 47.33 22.93 3.42
N GLN B 81 47.23 21.92 4.28
CA GLN B 81 45.96 21.43 4.78
C GLN B 81 45.90 21.63 6.29
N VAL B 82 44.71 21.92 6.78
CA VAL B 82 44.52 22.30 8.17
C VAL B 82 43.34 21.54 8.75
N PHE B 83 43.54 20.91 9.91
CA PHE B 83 42.45 20.30 10.68
C PHE B 83 42.29 21.12 11.94
N LEU B 84 41.06 21.54 12.24
CA LEU B 84 40.74 22.17 13.51
C LEU B 84 39.74 21.27 14.24
N VAL B 85 40.12 20.78 15.41
CA VAL B 85 39.31 19.90 16.24
C VAL B 85 39.02 20.63 17.53
N ASN B 86 37.74 20.92 17.76
CA ASN B 86 37.28 21.49 19.03
C ASN B 86 36.06 20.73 19.52
N PRO B 87 36.18 19.97 20.61
CA PRO B 87 34.99 19.26 21.11
C PRO B 87 33.83 20.20 21.44
N ASN B 88 34.09 21.47 21.70
CA ASN B 88 33.04 22.41 22.04
C ASN B 88 32.39 23.06 20.84
N GLY B 89 32.88 22.79 19.63
CA GLY B 89 32.31 23.30 18.40
C GLY B 89 33.10 24.46 17.83
N VAL B 90 32.70 24.87 16.63
CA VAL B 90 33.30 26.00 15.92
C VAL B 90 32.19 26.86 15.33
N LEU B 91 32.33 28.18 15.45
CA LEU B 91 31.48 29.16 14.80
C LEU B 91 32.36 30.01 13.88
N PHE B 92 32.12 29.92 12.58
CA PHE B 92 32.74 30.84 11.63
C PHE B 92 31.78 32.03 11.44
N GLY B 93 32.20 33.22 11.87
CA GLY B 93 31.36 34.39 11.76
C GLY B 93 31.29 34.88 10.34
N GLU B 94 30.38 35.83 10.10
CA GLU B 94 30.07 36.24 8.72
C GLU B 94 31.26 36.93 8.04
N GLY B 95 32.20 37.44 8.83
CA GLY B 95 33.42 37.99 8.28
C GLY B 95 34.59 37.04 8.20
N ALA B 96 34.40 35.79 8.61
CA ALA B 96 35.49 34.83 8.59
C ALA B 96 35.82 34.41 7.16
N SER B 97 37.11 34.20 6.91
CA SER B 97 37.61 33.75 5.61
C SER B 97 38.64 32.68 5.88
N VAL B 98 38.29 31.44 5.53
CA VAL B 98 39.20 30.31 5.65
C VAL B 98 39.59 29.91 4.24
N SER B 99 40.88 29.90 3.94
CA SER B 99 41.39 29.59 2.61
CA SER B 99 41.37 29.58 2.60
C SER B 99 42.59 28.66 2.76
N THR B 100 42.43 27.40 2.32
CA THR B 100 43.48 26.41 2.44
C THR B 100 43.50 25.56 1.18
N SER B 101 44.38 24.56 1.16
CA SER B 101 44.28 23.49 0.18
C SER B 101 43.41 22.35 0.65
N GLY B 102 43.03 22.34 1.91
CA GLY B 102 42.14 21.34 2.45
C GLY B 102 41.89 21.63 3.91
N PHE B 103 40.62 21.58 4.31
CA PHE B 103 40.25 22.07 5.63
C PHE B 103 39.23 21.13 6.25
N VAL B 104 39.48 20.73 7.50
CA VAL B 104 38.55 19.94 8.28
C VAL B 104 38.29 20.66 9.59
N ALA B 105 37.02 20.89 9.94
CA ALA B 105 36.62 21.32 11.27
C ALA B 105 35.74 20.23 11.87
N SER B 106 36.07 19.81 13.07
CA SER B 106 35.38 18.67 13.65
C SER B 106 35.25 18.82 15.16
N THR B 107 34.13 18.37 15.70
CA THR B 107 34.03 18.18 17.14
C THR B 107 34.49 16.78 17.57
N ARG B 108 34.67 15.87 16.62
CA ARG B 108 35.22 14.54 16.87
C ARG B 108 36.74 14.59 16.80
N ASP B 109 37.37 13.89 17.73
CA ASP B 109 38.82 13.93 17.85
C ASP B 109 39.49 12.90 16.95
N ILE B 110 40.74 13.18 16.60
CA ILE B 110 41.62 12.24 15.93
C ILE B 110 42.87 12.08 16.77
N LYS B 111 43.23 10.84 17.05
CA LYS B 111 44.38 10.56 17.89
CA LYS B 111 44.38 10.56 17.89
C LYS B 111 45.67 10.97 17.19
N ASN B 112 46.65 11.38 18.00
CA ASN B 112 47.95 11.75 17.44
C ASN B 112 48.56 10.60 16.64
N ASP B 113 48.50 9.38 17.17
CA ASP B 113 49.14 8.27 16.48
C ASP B 113 48.46 7.99 15.14
N ASP B 114 47.12 8.03 15.13
CA ASP B 114 46.40 7.87 13.88
C ASP B 114 46.81 8.95 12.89
N PHE B 115 46.83 10.20 13.35
CA PHE B 115 47.14 11.32 12.46
C PHE B 115 48.52 11.15 11.79
N MET B 116 49.51 10.71 12.55
CA MET B 116 50.85 10.58 11.99
C MET B 116 51.01 9.28 11.20
N ASN B 117 50.07 8.33 11.32
CA ASN B 117 49.99 7.14 10.46
C ASN B 117 49.15 7.40 9.23
N ARG B 118 48.71 8.63 9.01
CA ARG B 118 47.75 8.95 7.94
C ARG B 118 46.48 8.11 8.04
N ARG B 119 46.04 7.84 9.28
CA ARG B 119 44.76 7.18 9.53
CA ARG B 119 44.77 7.18 9.53
C ARG B 119 43.80 8.27 9.98
N TYR B 120 43.21 8.97 9.00
CA TYR B 120 42.41 10.17 9.26
C TYR B 120 40.99 9.79 9.68
N THR B 121 40.88 9.28 10.89
CA THR B 121 39.60 8.94 11.48
C THR B 121 39.31 9.87 12.64
N PHE B 122 38.15 10.53 12.60
CA PHE B 122 37.68 11.40 13.67
C PHE B 122 36.51 10.74 14.38
N SER B 123 36.64 10.56 15.69
CA SER B 123 35.61 9.95 16.52
C SER B 123 35.87 10.23 17.98
N GLY B 124 34.82 10.60 18.71
CA GLY B 124 34.85 10.67 20.15
C GLY B 124 35.36 12.00 20.70
N GLY B 125 35.04 12.24 21.98
CA GLY B 125 35.46 13.45 22.66
C GLY B 125 34.50 14.62 22.59
N GLN B 126 33.59 14.62 21.62
CA GLN B 126 32.70 15.74 21.42
C GLN B 126 31.83 15.98 22.64
N LYS B 127 31.57 17.25 22.95
CA LYS B 127 30.67 17.60 24.02
C LYS B 127 29.24 17.67 23.49
N ALA B 128 28.28 17.48 24.39
CA ALA B 128 26.88 17.52 23.98
C ALA B 128 26.49 18.94 23.61
N GLY B 129 25.76 19.07 22.49
CA GLY B 129 25.36 20.35 21.97
C GLY B 129 26.37 21.03 21.04
N ALA B 130 27.56 20.46 20.89
CA ALA B 130 28.59 21.09 20.07
C ALA B 130 28.21 21.01 18.60
N ALA B 131 28.32 22.14 17.92
CA ALA B 131 28.01 22.20 16.51
C ALA B 131 29.14 22.90 15.74
N ILE B 132 29.09 22.78 14.43
CA ILE B 132 29.89 23.61 13.55
C ILE B 132 28.93 24.45 12.74
N VAL B 133 29.07 25.78 12.82
CA VAL B 133 28.20 26.72 12.11
C VAL B 133 29.08 27.64 11.28
N ASN B 134 28.84 27.66 9.96
CA ASN B 134 29.56 28.58 9.08
C ASN B 134 28.62 29.69 8.64
N GLN B 135 28.96 30.92 9.00
CA GLN B 135 28.33 32.10 8.44
C GLN B 135 29.25 32.81 7.46
N GLY B 136 30.52 32.38 7.34
CA GLY B 136 31.47 33.10 6.52
C GLY B 136 31.83 32.42 5.23
N GLU B 137 33.09 32.49 4.79
CA GLU B 137 33.52 31.95 3.50
CA GLU B 137 33.52 31.95 3.51
C GLU B 137 34.63 30.94 3.76
N LEU B 138 34.37 29.69 3.42
CA LEU B 138 35.34 28.60 3.48
C LEU B 138 35.61 28.23 2.05
N THR B 139 36.85 28.42 1.60
CA THR B 139 37.23 28.12 0.23
C THR B 139 38.54 27.34 0.19
N THR B 140 38.70 26.55 -0.86
CA THR B 140 39.98 25.90 -1.11
C THR B 140 40.42 26.24 -2.52
N ASN B 141 41.73 26.12 -2.78
CA ASN B 141 42.23 26.17 -4.15
CA ASN B 141 42.22 26.17 -4.16
C ASN B 141 41.72 24.95 -4.93
N ALA B 142 42.00 24.94 -6.22
CA ALA B 142 41.52 23.87 -7.10
C ALA B 142 41.92 22.51 -6.54
N GLY B 143 40.94 21.61 -6.50
CA GLY B 143 41.19 20.26 -6.07
C GLY B 143 41.13 20.04 -4.58
N GLY B 144 40.93 21.10 -3.80
CA GLY B 144 40.91 20.97 -2.36
C GLY B 144 39.61 20.38 -1.84
N TYR B 145 39.53 20.27 -0.51
CA TYR B 145 38.36 19.72 0.14
C TYR B 145 38.06 20.50 1.40
N ILE B 146 36.79 20.51 1.79
CA ILE B 146 36.36 21.05 3.06
C ILE B 146 35.48 19.98 3.69
N VAL B 147 35.70 19.73 4.98
CA VAL B 147 34.89 18.78 5.72
C VAL B 147 34.51 19.41 7.04
N LEU B 148 33.22 19.41 7.34
CA LEU B 148 32.66 19.85 8.61
C LEU B 148 31.93 18.66 9.20
N ALA B 149 32.30 18.25 10.41
CA ALA B 149 31.77 17.05 11.04
C ALA B 149 31.45 17.34 12.50
N ALA B 150 30.17 17.21 12.85
CA ALA B 150 29.66 17.49 14.18
C ALA B 150 28.26 16.89 14.30
N ASP B 151 27.76 16.84 15.54
CA ASP B 151 26.37 16.41 15.74
C ASP B 151 25.42 17.28 14.92
N ARG B 152 25.71 18.57 14.82
CA ARG B 152 24.93 19.53 14.05
CA ARG B 152 24.93 19.52 14.05
C ARG B 152 25.87 20.37 13.22
N VAL B 153 25.69 20.35 11.90
CA VAL B 153 26.46 21.17 10.97
C VAL B 153 25.48 22.08 10.26
N SER B 154 25.80 23.39 10.21
CA SER B 154 24.89 24.37 9.61
C SER B 154 25.71 25.35 8.78
N ASN B 155 25.37 25.49 7.50
CA ASN B 155 26.01 26.46 6.64
C ASN B 155 24.95 27.47 6.25
N SER B 156 25.18 28.74 6.57
CA SER B 156 24.40 29.86 6.07
C SER B 156 25.28 30.78 5.25
N GLY B 157 26.57 30.48 5.13
CA GLY B 157 27.52 31.27 4.37
C GLY B 157 27.83 30.64 3.03
N THR B 158 29.12 30.63 2.69
CA THR B 158 29.56 30.09 1.40
C THR B 158 30.69 29.11 1.65
N ILE B 159 30.59 27.94 1.04
CA ILE B 159 31.65 26.95 1.03
C ILE B 159 31.94 26.64 -0.42
N ARG B 160 33.18 26.86 -0.87
CA ARG B 160 33.58 26.62 -2.26
CA ARG B 160 33.58 26.62 -2.26
C ARG B 160 34.78 25.69 -2.29
N THR B 161 34.65 24.59 -3.03
CA THR B 161 35.76 23.66 -3.28
C THR B 161 35.83 23.39 -4.76
N PRO B 162 36.30 24.36 -5.55
CA PRO B 162 36.38 24.15 -7.02
C PRO B 162 37.20 22.91 -7.38
N GLY B 163 36.64 22.06 -8.25
CA GLY B 163 37.32 20.86 -8.64
C GLY B 163 37.63 19.91 -7.52
N GLY B 164 37.02 20.11 -6.34
CA GLY B 164 37.29 19.33 -5.16
C GLY B 164 36.04 18.70 -4.56
N LYS B 165 36.04 18.59 -3.22
CA LYS B 165 34.96 17.92 -2.53
C LYS B 165 34.59 18.69 -1.27
N THR B 166 33.28 18.84 -1.05
CA THR B 166 32.74 19.37 0.19
CA THR B 166 32.74 19.37 0.19
C THR B 166 31.95 18.27 0.87
N VAL B 167 32.16 18.10 2.17
CA VAL B 167 31.45 17.10 2.97
C VAL B 167 30.99 17.75 4.26
N LEU B 168 29.67 17.76 4.47
CA LEU B 168 29.05 18.09 5.74
C LEU B 168 28.49 16.79 6.30
N ALA B 169 28.92 16.42 7.48
CA ALA B 169 28.62 15.08 8.00
C ALA B 169 28.25 15.16 9.46
N ALA B 170 27.08 14.62 9.79
CA ALA B 170 26.62 14.45 11.15
C ALA B 170 26.57 12.95 11.40
N SER B 171 27.56 12.44 12.11
CA SER B 171 27.71 11.01 12.36
C SER B 171 28.66 10.79 13.53
N GLU B 172 28.67 9.57 14.06
CA GLU B 172 29.57 9.27 15.17
C GLU B 172 31.02 9.29 14.72
N ARG B 173 31.30 8.91 13.48
CA ARG B 173 32.65 8.68 12.99
C ARG B 173 32.74 9.08 11.52
N ILE B 174 33.89 9.60 11.15
CA ILE B 174 34.17 9.93 9.76
C ILE B 174 35.64 9.64 9.47
N THR B 175 35.91 8.97 8.35
CA THR B 175 37.25 8.62 7.94
C THR B 175 37.50 9.21 6.57
N LEU B 176 38.59 9.98 6.46
CA LEU B 176 39.01 10.57 5.19
C LEU B 176 40.21 9.80 4.65
N GLN B 177 40.21 9.57 3.35
CA GLN B 177 41.33 8.96 2.64
CA GLN B 177 41.33 8.96 2.64
C GLN B 177 41.92 10.05 1.75
N LEU B 178 43.13 10.48 2.06
CA LEU B 178 43.84 11.51 1.33
C LEU B 178 44.96 10.87 0.52
N ASP B 179 44.96 11.12 -0.78
CA ASP B 179 45.98 10.63 -1.70
C ASP B 179 46.54 11.83 -2.45
N ASN B 180 47.81 12.15 -2.19
CA ASN B 180 48.49 13.28 -2.83
C ASN B 180 47.67 14.56 -2.70
N GLY B 181 47.23 14.82 -1.46
CA GLY B 181 46.58 16.07 -1.13
C GLY B 181 45.08 16.10 -1.37
N GLY B 182 44.57 15.19 -2.18
CA GLY B 182 43.16 15.19 -2.53
C GLY B 182 42.36 14.22 -1.68
N LEU B 183 41.08 14.52 -1.52
CA LEU B 183 40.20 13.65 -0.74
C LEU B 183 39.71 12.53 -1.66
N MET B 184 40.37 11.37 -1.54
CA MET B 184 39.98 10.18 -2.30
C MET B 184 38.53 9.80 -2.02
N SER B 185 38.21 9.47 -0.77
CA SER B 185 36.89 8.99 -0.41
C SER B 185 36.66 9.29 1.06
N VAL B 186 35.42 9.15 1.48
CA VAL B 186 35.00 9.40 2.86
CA VAL B 186 35.01 9.40 2.86
C VAL B 186 34.06 8.30 3.30
N GLN B 187 34.21 7.85 4.55
CA GLN B 187 33.35 6.83 5.14
C GLN B 187 32.70 7.47 6.35
N VAL B 188 31.38 7.58 6.34
CA VAL B 188 30.60 8.17 7.41
C VAL B 188 29.74 7.06 8.01
N THR B 189 29.93 6.80 9.29
CA THR B 189 29.29 5.66 9.94
C THR B 189 28.88 6.06 11.34
N GLY B 190 27.84 5.38 11.84
CA GLY B 190 27.41 5.54 13.20
C GLY B 190 26.38 6.62 13.36
N ASP B 191 25.23 6.25 13.94
CA ASP B 191 24.14 7.18 14.15
C ASP B 191 24.42 8.05 15.37
N VAL B 192 23.88 9.26 15.35
CA VAL B 192 24.04 10.22 16.44
C VAL B 192 22.66 10.79 16.76
N VAL B 193 22.39 11.02 18.04
CA VAL B 193 21.08 11.57 18.41
C VAL B 193 20.99 13.02 17.96
N ASN B 194 19.83 13.40 17.42
CA ASN B 194 19.59 14.76 16.91
C ASN B 194 20.63 15.16 15.88
N ALA B 195 21.12 14.19 15.09
CA ALA B 195 21.97 14.50 13.96
C ALA B 195 21.27 15.49 13.03
N LEU B 196 22.03 16.47 12.56
CA LEU B 196 21.45 17.43 11.63
C LEU B 196 22.51 18.06 10.75
N VAL B 197 22.27 18.04 9.45
CA VAL B 197 23.04 18.84 8.50
C VAL B 197 22.06 19.77 7.80
N GLU B 198 22.37 21.07 7.81
CA GLU B 198 21.51 22.04 7.18
C GLU B 198 22.35 22.97 6.34
N ASN B 199 21.88 23.28 5.14
CA ASN B 199 22.53 24.28 4.29
C ASN B 199 21.49 25.32 3.88
N ARG B 200 21.60 26.52 4.45
CA ARG B 200 20.78 27.66 4.06
CA ARG B 200 20.78 27.67 4.07
C ARG B 200 21.53 28.59 3.12
N GLY B 201 22.83 28.41 2.98
CA GLY B 201 23.63 29.25 2.13
C GLY B 201 23.99 28.57 0.83
N LEU B 202 25.22 28.74 0.40
CA LEU B 202 25.69 28.17 -0.86
C LEU B 202 26.82 27.19 -0.58
N VAL B 203 26.70 25.99 -1.14
CA VAL B 203 27.80 25.04 -1.25
C VAL B 203 28.08 24.86 -2.73
N SER B 204 29.31 25.16 -3.14
CA SER B 204 29.69 25.22 -4.55
C SER B 204 30.94 24.36 -4.75
N ALA B 205 30.84 23.39 -5.63
CA ALA B 205 31.97 22.57 -6.01
C ALA B 205 31.90 22.36 -7.53
N ARG B 206 32.17 23.42 -8.28
CA ARG B 206 32.23 23.29 -9.73
CA ARG B 206 32.24 23.31 -9.73
C ARG B 206 33.30 22.28 -10.12
N ASP B 207 32.92 21.33 -10.98
CA ASP B 207 33.81 20.27 -11.42
C ASP B 207 34.19 19.35 -10.29
N GLY B 208 33.46 19.43 -9.16
CA GLY B 208 33.71 18.63 -7.99
C GLY B 208 32.50 17.83 -7.53
N GLN B 209 32.48 17.54 -6.24
CA GLN B 209 31.40 16.73 -5.66
C GLN B 209 31.00 17.32 -4.32
N VAL B 210 29.71 17.30 -4.02
CA VAL B 210 29.20 17.73 -2.72
C VAL B 210 28.51 16.52 -2.08
N TYR B 211 28.78 16.30 -0.80
CA TYR B 211 28.26 15.16 -0.06
C TYR B 211 27.76 15.65 1.29
N LEU B 212 26.45 15.65 1.48
CA LEU B 212 25.80 15.98 2.75
C LEU B 212 25.19 14.72 3.34
N THR B 213 25.58 14.37 4.55
CA THR B 213 25.18 13.11 5.17
C THR B 213 24.89 13.30 6.65
N ALA B 214 23.73 12.83 7.09
CA ALA B 214 23.32 12.92 8.49
C ALA B 214 22.74 11.56 8.89
N LEU B 215 23.37 10.93 9.87
CA LEU B 215 22.98 9.61 10.37
C LEU B 215 22.38 9.83 11.76
N GLY B 216 21.04 9.85 11.81
CA GLY B 216 20.33 10.06 13.05
C GLY B 216 19.91 8.76 13.71
N ARG B 217 19.62 8.86 15.01
CA ARG B 217 19.25 7.71 15.83
CA ARG B 217 19.25 7.72 15.85
C ARG B 217 17.83 7.93 16.35
N GLY B 218 16.87 7.22 15.75
CA GLY B 218 15.49 7.27 16.17
C GLY B 218 14.88 8.65 16.29
N MET B 219 14.73 9.35 15.17
CA MET B 219 14.20 10.69 15.14
CA MET B 219 14.16 10.68 15.20
C MET B 219 12.74 10.75 14.67
N LEU B 220 12.06 9.60 14.56
CA LEU B 220 10.69 9.59 14.04
C LEU B 220 10.68 10.33 12.70
N MET B 221 10.00 11.48 12.65
CA MET B 221 10.01 12.29 11.44
C MET B 221 10.72 13.63 11.65
N ASN B 222 11.69 13.69 12.57
CA ASN B 222 12.50 14.90 12.70
C ASN B 222 13.40 15.06 11.48
N THR B 223 13.58 16.31 11.05
CA THR B 223 14.46 16.61 9.94
C THR B 223 15.90 16.37 10.35
N VAL B 224 16.57 15.47 9.63
CA VAL B 224 18.00 15.24 9.83
C VAL B 224 18.87 15.89 8.75
N LEU B 225 18.30 16.22 7.60
CA LEU B 225 19.03 16.86 6.51
CA LEU B 225 19.03 16.86 6.51
C LEU B 225 18.12 17.90 5.89
N ASN B 226 18.54 19.17 5.94
CA ASN B 226 17.70 20.28 5.49
C ASN B 226 18.49 21.14 4.51
N VAL B 227 18.11 21.13 3.24
CA VAL B 227 18.76 21.98 2.24
C VAL B 227 17.74 23.01 1.78
N SER B 228 17.87 24.24 2.28
CA SER B 228 17.03 25.34 1.86
C SER B 228 17.78 26.32 0.96
N GLY B 229 19.10 26.20 0.87
CA GLY B 229 19.86 27.12 0.07
C GLY B 229 20.18 26.55 -1.31
N VAL B 230 21.43 26.64 -1.74
CA VAL B 230 21.83 26.21 -3.08
C VAL B 230 23.02 25.30 -2.94
N VAL B 231 22.93 24.12 -3.55
CA VAL B 231 24.08 23.24 -3.71
C VAL B 231 24.35 23.13 -5.18
N GLU B 232 25.58 23.47 -5.60
CA GLU B 232 25.94 23.50 -7.01
C GLU B 232 27.20 22.67 -7.23
N ALA B 233 27.11 21.72 -8.16
CA ALA B 233 28.25 20.91 -8.56
C ALA B 233 28.17 20.70 -10.07
N SER B 234 27.94 21.79 -10.81
CA SER B 234 27.97 21.75 -12.26
C SER B 234 29.32 21.25 -12.75
N GLY B 235 29.32 20.74 -13.99
CA GLY B 235 30.52 20.25 -14.63
C GLY B 235 30.29 18.83 -15.11
N MET B 236 31.40 18.15 -15.39
CA MET B 236 31.36 16.81 -15.96
C MET B 236 30.56 15.86 -15.08
N HIS B 237 29.79 15.00 -15.74
CA HIS B 237 28.98 14.00 -15.05
C HIS B 237 29.87 13.02 -14.29
N ARG B 238 29.46 12.70 -13.06
CA ARG B 238 30.17 11.75 -12.21
C ARG B 238 29.27 10.57 -11.88
N GLN B 239 29.73 9.36 -12.19
CA GLN B 239 28.96 8.16 -11.88
C GLN B 239 28.67 8.05 -10.38
N ASP B 240 29.62 8.48 -9.54
CA ASP B 240 29.40 8.43 -8.10
C ASP B 240 28.62 9.64 -7.59
N GLY B 241 28.11 10.47 -8.50
CA GLY B 241 27.22 11.54 -8.13
C GLY B 241 27.94 12.88 -7.96
N ASN B 242 27.46 13.90 -8.66
CA ASN B 242 28.00 15.23 -8.41
C ASN B 242 27.49 15.80 -7.09
N ILE B 243 26.21 15.55 -6.77
CA ILE B 243 25.64 15.94 -5.50
C ILE B 243 25.04 14.69 -4.86
N VAL B 244 25.40 14.41 -3.62
CA VAL B 244 24.92 13.22 -2.92
C VAL B 244 24.40 13.61 -1.54
N LEU B 245 23.11 13.43 -1.32
CA LEU B 245 22.48 13.61 -0.02
C LEU B 245 22.16 12.22 0.53
N ASP B 246 22.52 12.00 1.81
CA ASP B 246 22.20 10.75 2.47
C ASP B 246 21.68 11.05 3.87
N GLY B 247 20.39 10.80 4.11
CA GLY B 247 19.73 11.03 5.37
C GLY B 247 19.71 9.85 6.33
N GLY B 248 20.44 8.79 6.03
CA GLY B 248 20.49 7.67 6.95
C GLY B 248 19.23 6.82 6.97
N ASP B 249 19.01 6.19 8.12
N ASP B 249 19.00 6.18 8.12
CA ASP B 249 17.91 5.25 8.32
CA ASP B 249 17.90 5.25 8.31
C ASP B 249 16.81 5.83 9.21
C ASP B 249 16.80 5.83 9.21
N SER B 250 16.88 7.11 9.54
CA SER B 250 15.91 7.69 10.47
C SER B 250 15.71 9.15 10.13
N GLY B 251 14.49 9.63 10.30
CA GLY B 251 14.22 11.04 10.09
C GLY B 251 13.93 11.38 8.64
N VAL B 252 13.97 12.67 8.36
CA VAL B 252 13.47 13.21 7.09
C VAL B 252 14.56 14.03 6.43
N VAL B 253 14.70 13.83 5.13
CA VAL B 253 15.51 14.71 4.28
C VAL B 253 14.56 15.72 3.69
N HIS B 254 14.81 17.01 3.89
CA HIS B 254 13.94 18.08 3.40
C HIS B 254 14.69 18.97 2.45
N LEU B 255 14.25 19.00 1.20
CA LEU B 255 14.80 19.91 0.20
C LEU B 255 13.76 20.98 -0.12
N SER B 256 14.08 22.23 0.19
CA SER B 256 13.29 23.36 -0.22
C SER B 256 14.06 24.26 -1.17
N GLY B 257 15.36 24.01 -1.38
CA GLY B 257 16.20 24.89 -2.18
C GLY B 257 16.57 24.23 -3.49
N THR B 258 17.78 24.45 -3.97
CA THR B 258 18.17 24.04 -5.31
C THR B 258 19.41 23.16 -5.22
N LEU B 259 19.36 22.01 -5.90
CA LEU B 259 20.51 21.17 -6.19
C LEU B 259 20.74 21.21 -7.71
N GLN B 260 21.89 21.74 -8.10
CA GLN B 260 22.19 22.02 -9.51
C GLN B 260 23.44 21.27 -9.93
N ALA B 261 23.30 20.40 -10.93
CA ALA B 261 24.42 19.63 -11.47
C ALA B 261 24.29 19.64 -12.98
N ASP B 262 24.32 20.84 -13.56
CA ASP B 262 24.18 21.02 -15.00
C ASP B 262 25.55 21.00 -15.68
N ASN B 263 25.52 20.90 -17.00
CA ASN B 263 26.74 20.88 -17.80
C ASN B 263 26.41 21.48 -19.15
N ALA B 264 26.78 22.76 -19.36
CA ALA B 264 26.39 23.44 -20.58
C ALA B 264 26.99 22.78 -21.82
N SER B 265 28.13 22.11 -21.66
CA SER B 265 28.91 21.60 -22.78
C SER B 265 29.09 20.08 -22.72
N GLY B 266 28.12 19.38 -22.14
CA GLY B 266 28.22 17.94 -22.09
C GLY B 266 26.96 17.32 -21.54
N GLN B 267 27.11 16.09 -21.04
CA GLN B 267 25.99 15.43 -20.38
C GLN B 267 25.73 16.04 -19.01
N GLY B 268 24.46 16.09 -18.63
CA GLY B 268 24.10 16.59 -17.32
C GLY B 268 24.69 15.73 -16.22
N GLY B 269 24.84 16.36 -15.05
CA GLY B 269 25.41 15.70 -13.89
C GLY B 269 24.49 14.64 -13.31
N LYS B 270 24.89 14.14 -12.14
CA LYS B 270 24.16 13.10 -11.42
C LYS B 270 23.89 13.59 -10.00
N VAL B 271 22.62 13.58 -9.61
CA VAL B 271 22.17 13.99 -8.29
C VAL B 271 21.49 12.81 -7.61
N VAL B 272 21.92 12.50 -6.40
CA VAL B 272 21.38 11.37 -5.63
C VAL B 272 20.87 11.89 -4.30
N VAL B 273 19.60 11.64 -4.01
CA VAL B 273 18.99 12.03 -2.75
C VAL B 273 18.53 10.75 -2.06
N GLN B 274 19.07 10.48 -0.87
CA GLN B 274 18.77 9.26 -0.14
C GLN B 274 18.38 9.58 1.29
N GLY B 275 17.56 8.71 1.84
CA GLY B 275 17.15 8.84 3.23
C GLY B 275 15.99 7.89 3.44
N LYS B 276 15.53 7.85 4.70
CA LYS B 276 14.36 7.02 4.97
C LYS B 276 13.08 7.71 4.53
N ASN B 277 12.96 9.01 4.79
CA ASN B 277 11.82 9.82 4.34
C ASN B 277 12.37 11.03 3.64
N ILE B 278 11.94 11.28 2.41
CA ILE B 278 12.41 12.41 1.62
C ILE B 278 11.23 13.32 1.31
N LEU B 279 11.42 14.61 1.50
CA LEU B 279 10.40 15.61 1.19
C LEU B 279 11.01 16.65 0.24
N LEU B 280 10.61 16.60 -1.03
CA LEU B 280 10.90 17.65 -1.99
C LEU B 280 9.74 18.64 -1.91
N ASP B 281 10.00 19.82 -1.36
CA ASP B 281 8.94 20.77 -1.00
C ASP B 281 8.70 21.75 -2.14
N LYS B 282 7.62 22.51 -2.01
CA LYS B 282 7.29 23.53 -2.99
C LYS B 282 8.48 24.45 -3.19
N GLY B 283 8.74 24.80 -4.44
CA GLY B 283 9.85 25.68 -4.76
C GLY B 283 11.21 25.03 -4.82
N SER B 284 11.34 23.75 -4.42
CA SER B 284 12.60 23.05 -4.57
C SER B 284 12.85 22.77 -6.05
N ASN B 285 14.12 22.66 -6.40
CA ASN B 285 14.51 22.55 -7.80
C ASN B 285 15.78 21.73 -7.89
N ILE B 286 15.69 20.58 -8.56
CA ILE B 286 16.83 19.73 -8.85
C ILE B 286 17.01 19.75 -10.36
N THR B 287 18.13 20.32 -10.82
CA THR B 287 18.43 20.45 -12.24
CA THR B 287 18.43 20.45 -12.23
C THR B 287 19.71 19.71 -12.54
N ALA B 288 19.69 18.95 -13.62
CA ALA B 288 20.82 18.19 -14.12
C ALA B 288 20.65 18.11 -15.62
N THR B 289 20.59 19.27 -16.28
CA THR B 289 20.49 19.33 -17.73
C THR B 289 21.88 19.46 -18.34
N GLY B 290 21.97 19.07 -19.62
CA GLY B 290 23.23 19.07 -20.32
C GLY B 290 23.11 19.51 -21.76
N GLY B 291 24.10 20.25 -22.24
CA GLY B 291 24.11 20.64 -23.64
C GLY B 291 24.14 19.49 -24.63
N GLN B 292 24.60 18.31 -24.20
CA GLN B 292 24.68 17.15 -25.08
CA GLN B 292 24.67 17.15 -25.08
C GLN B 292 23.90 15.96 -24.53
N GLY B 293 23.04 16.19 -23.54
CA GLY B 293 22.24 15.14 -22.96
C GLY B 293 21.91 15.41 -21.50
N GLY B 294 20.68 15.11 -21.11
CA GLY B 294 20.27 15.32 -19.74
C GLY B 294 21.00 14.39 -18.81
N GLY B 295 21.01 14.78 -17.54
CA GLY B 295 21.68 14.03 -16.50
C GLY B 295 20.82 12.98 -15.84
N GLU B 296 21.12 12.72 -14.56
CA GLU B 296 20.41 11.70 -13.81
C GLU B 296 20.06 12.24 -12.43
N VAL B 297 18.81 12.02 -12.01
CA VAL B 297 18.36 12.40 -10.68
C VAL B 297 17.67 11.18 -10.07
N TYR B 298 18.14 10.72 -8.93
CA TYR B 298 17.55 9.57 -8.25
C TYR B 298 17.18 10.02 -6.85
N VAL B 299 15.88 9.95 -6.54
CA VAL B 299 15.34 10.33 -5.25
C VAL B 299 14.71 9.08 -4.65
N GLY B 300 15.33 8.53 -3.61
CA GLY B 300 14.80 7.38 -2.90
C GLY B 300 15.28 6.05 -3.39
N GLY B 301 16.13 6.01 -4.39
CA GLY B 301 16.64 4.75 -4.92
C GLY B 301 16.94 4.91 -6.39
N GLY B 302 17.61 3.89 -6.93
CA GLY B 302 17.82 3.78 -8.35
C GLY B 302 16.58 3.30 -9.06
N TRP B 303 16.71 3.10 -10.37
CA TRP B 303 15.58 2.60 -11.16
C TRP B 303 15.11 1.28 -10.59
N GLN B 304 13.79 1.18 -10.36
CA GLN B 304 13.18 0.00 -9.73
C GLN B 304 13.79 -0.29 -8.37
N GLY B 305 14.51 0.67 -7.80
CA GLY B 305 15.22 0.43 -6.55
C GLY B 305 16.27 -0.66 -6.62
N LYS B 306 16.92 -0.81 -7.77
CA LYS B 306 17.85 -1.91 -8.01
C LYS B 306 19.29 -1.42 -8.16
N ASP B 307 19.63 -0.32 -7.51
CA ASP B 307 20.99 0.19 -7.46
C ASP B 307 21.50 0.01 -6.03
N SER B 308 22.43 -0.93 -5.85
CA SER B 308 22.96 -1.20 -4.50
CA SER B 308 22.96 -1.20 -4.50
C SER B 308 23.66 0.02 -3.92
N ASN B 309 24.21 0.88 -4.77
CA ASN B 309 24.93 2.06 -4.30
C ASN B 309 24.00 3.21 -3.95
N ILE B 310 22.69 3.02 -4.04
CA ILE B 310 21.70 4.04 -3.70
C ILE B 310 20.77 3.44 -2.67
N ARG B 311 20.68 4.06 -1.50
CA ARG B 311 19.79 3.60 -0.46
C ARG B 311 18.34 3.79 -0.89
N ASN B 312 17.52 2.75 -0.68
CA ASN B 312 16.11 2.84 -0.99
C ASN B 312 15.36 3.52 0.15
N ALA B 313 14.61 4.56 -0.18
CA ALA B 313 13.78 5.25 0.81
C ALA B 313 12.53 4.44 1.13
N ASP B 314 11.97 4.71 2.32
CA ASP B 314 10.69 4.14 2.67
C ASP B 314 9.54 5.00 2.14
N LYS B 315 9.67 6.32 2.25
CA LYS B 315 8.65 7.24 1.78
C LYS B 315 9.31 8.41 1.06
N VAL B 316 8.75 8.76 -0.09
CA VAL B 316 9.17 9.92 -0.84
C VAL B 316 7.93 10.76 -1.13
N VAL B 317 8.01 12.05 -0.82
CA VAL B 317 6.94 13.00 -1.14
C VAL B 317 7.53 14.14 -1.94
N MET B 318 6.90 14.44 -3.10
CA MET B 318 7.32 15.58 -3.92
C MET B 318 6.09 16.45 -4.11
N GLN B 319 6.11 17.64 -3.49
CA GLN B 319 4.93 18.49 -3.40
C GLN B 319 4.74 19.26 -4.70
N GLY B 320 3.52 19.78 -4.87
CA GLY B 320 3.28 20.65 -5.99
C GLY B 320 4.22 21.85 -5.94
N GLY B 321 4.73 22.21 -7.11
CA GLY B 321 5.69 23.26 -7.22
C GLY B 321 7.14 22.82 -7.16
N ALA B 322 7.42 21.62 -6.69
CA ALA B 322 8.76 21.05 -6.74
C ALA B 322 9.05 20.64 -8.17
N ARG B 323 10.32 20.75 -8.56
CA ARG B 323 10.69 20.42 -9.92
CA ARG B 323 10.73 20.50 -9.94
C ARG B 323 12.00 19.66 -10.00
N ILE B 324 12.05 18.76 -10.97
CA ILE B 324 13.22 17.98 -11.34
C ILE B 324 13.34 18.12 -12.85
N ASP B 325 14.57 18.42 -13.33
CA ASP B 325 14.83 18.63 -14.75
C ASP B 325 16.08 17.88 -15.17
N VAL B 326 15.90 16.88 -16.03
CA VAL B 326 17.02 16.12 -16.58
C VAL B 326 16.94 16.17 -18.10
N SER B 327 16.56 17.33 -18.65
CA SER B 327 16.42 17.47 -20.09
C SER B 327 17.77 17.70 -20.76
N ALA B 328 17.85 17.33 -22.04
CA ALA B 328 18.91 17.81 -22.91
C ALA B 328 18.52 19.19 -23.44
N THR B 329 19.50 20.04 -23.65
CA THR B 329 19.21 21.41 -24.09
C THR B 329 19.30 21.48 -25.61
N GLN B 330 20.51 21.34 -26.15
CA GLN B 330 20.71 21.48 -27.60
C GLN B 330 20.64 20.14 -28.32
N GLN B 331 21.47 19.19 -27.91
CA GLN B 331 21.54 17.88 -28.53
CA GLN B 331 21.51 17.89 -28.53
C GLN B 331 21.51 16.80 -27.46
N GLY B 332 21.13 15.59 -27.89
CA GLY B 332 21.17 14.45 -27.01
C GLY B 332 19.80 14.09 -26.47
N ASN B 333 19.76 12.94 -25.81
CA ASN B 333 18.52 12.41 -25.25
C ASN B 333 18.25 13.01 -23.87
N GLY B 334 16.96 13.03 -23.51
CA GLY B 334 16.59 13.34 -22.15
C GLY B 334 17.21 12.36 -21.17
N GLY B 335 17.40 12.83 -19.93
CA GLY B 335 18.09 12.05 -18.93
C GLY B 335 17.19 11.04 -18.24
N THR B 336 17.59 10.68 -17.03
CA THR B 336 16.86 9.75 -16.19
C THR B 336 16.48 10.41 -14.87
N ALA B 337 15.22 10.23 -14.45
CA ALA B 337 14.76 10.76 -13.17
C ALA B 337 13.92 9.70 -12.49
N VAL B 338 14.19 9.45 -11.22
CA VAL B 338 13.54 8.41 -10.45
C VAL B 338 13.04 9.00 -9.14
N LEU B 339 11.76 8.81 -8.86
CA LEU B 339 11.18 8.86 -7.53
C LEU B 339 10.86 7.42 -7.15
N TRP B 340 11.52 6.91 -6.12
CA TRP B 340 11.34 5.53 -5.70
C TRP B 340 11.16 5.48 -4.19
N SER B 341 10.38 4.50 -3.75
CA SER B 341 10.25 4.24 -2.33
C SER B 341 9.86 2.78 -2.14
N ASP B 342 10.06 2.29 -0.92
CA ASP B 342 9.64 0.94 -0.57
C ASP B 342 8.19 0.87 -0.10
N SER B 343 7.63 1.99 0.34
CA SER B 343 6.33 1.93 0.99
C SER B 343 5.33 2.94 0.44
N TYR B 344 5.78 4.15 0.08
CA TYR B 344 4.85 5.21 -0.28
C TYR B 344 5.59 6.30 -1.07
N THR B 345 5.23 6.44 -2.34
CA THR B 345 5.68 7.54 -3.18
C THR B 345 4.46 8.41 -3.48
N ASN B 346 4.56 9.69 -3.13
CA ASN B 346 3.51 10.67 -3.37
C ASN B 346 4.09 11.72 -4.31
N PHE B 347 3.71 11.65 -5.59
CA PHE B 347 4.28 12.53 -6.62
C PHE B 347 3.27 13.57 -7.06
N HIS B 348 3.53 14.83 -6.68
CA HIS B 348 2.68 15.95 -7.08
C HIS B 348 3.46 17.04 -7.79
N GLY B 349 4.75 16.85 -8.06
CA GLY B 349 5.58 17.88 -8.63
C GLY B 349 5.65 17.78 -10.13
N GLN B 350 6.74 18.32 -10.69
CA GLN B 350 6.97 18.31 -12.12
C GLN B 350 8.33 17.71 -12.42
N ILE B 351 8.37 16.81 -13.41
CA ILE B 351 9.60 16.17 -13.86
C ILE B 351 9.70 16.33 -15.37
N GLY B 352 10.82 16.91 -15.82
CA GLY B 352 11.08 17.10 -17.23
C GLY B 352 12.28 16.25 -17.64
N ALA B 353 12.13 15.51 -18.75
CA ALA B 353 13.20 14.68 -19.31
C ALA B 353 13.13 14.83 -20.83
N LYS B 354 13.19 16.09 -21.28
CA LYS B 354 13.02 16.40 -22.69
CA LYS B 354 13.03 16.41 -22.69
C LYS B 354 14.26 16.00 -23.50
N GLY B 355 14.05 15.72 -24.78
CA GLY B 355 15.15 15.48 -25.67
C GLY B 355 15.70 16.77 -26.25
N GLY B 356 16.87 16.67 -26.84
CA GLY B 356 17.58 17.86 -27.28
C GLY B 356 16.84 18.61 -28.38
N GLU B 357 17.19 19.89 -28.49
CA GLU B 357 16.47 20.78 -29.41
C GLU B 357 16.68 20.35 -30.86
N THR B 358 17.93 20.15 -31.25
CA THR B 358 18.25 19.72 -32.61
C THR B 358 17.98 18.24 -32.83
N GLY B 359 17.57 17.52 -31.81
CA GLY B 359 17.32 16.10 -31.92
C GLY B 359 17.60 15.42 -30.59
N GLY B 360 17.11 14.20 -30.49
CA GLY B 360 17.27 13.42 -29.29
C GLY B 360 15.96 12.88 -28.76
N ASN B 361 16.02 11.67 -28.20
CA ASN B 361 14.82 11.04 -27.66
C ASN B 361 14.50 11.62 -26.29
N GLY B 362 13.25 11.45 -25.89
CA GLY B 362 12.88 11.74 -24.53
C GLY B 362 13.55 10.80 -23.54
N GLY B 363 13.70 11.27 -22.32
CA GLY B 363 14.37 10.53 -21.28
C GLY B 363 13.50 9.45 -20.69
N ARG B 364 14.00 8.87 -19.59
CA ARG B 364 13.29 7.86 -18.81
C ARG B 364 12.90 8.45 -17.47
N VAL B 365 11.64 8.34 -17.11
CA VAL B 365 11.15 8.87 -15.84
C VAL B 365 10.37 7.76 -15.12
N GLU B 366 10.57 7.70 -13.81
CA GLU B 366 9.93 6.70 -12.95
C GLU B 366 9.45 7.36 -11.67
N THR B 367 8.15 7.26 -11.40
CA THR B 367 7.58 7.66 -10.11
C THR B 367 6.83 6.41 -9.62
N SER B 368 7.50 5.59 -8.81
CA SER B 368 6.96 4.28 -8.46
C SER B 368 7.29 3.95 -7.00
N SER B 369 6.78 2.80 -6.56
CA SER B 369 7.02 2.32 -5.21
C SER B 369 6.73 0.84 -5.13
N HIS B 370 7.52 0.11 -4.35
CA HIS B 370 7.14 -1.24 -3.97
C HIS B 370 5.78 -1.28 -3.27
N GLY B 371 5.35 -0.17 -2.69
CA GLY B 371 4.10 -0.12 -1.96
C GLY B 371 3.08 0.78 -2.60
N ASN B 372 2.73 1.87 -1.92
CA ASN B 372 1.69 2.78 -2.35
C ASN B 372 2.23 3.86 -3.26
N LEU B 373 1.47 4.17 -4.31
CA LEU B 373 1.82 5.21 -5.26
C LEU B 373 0.61 6.09 -5.50
N GLN B 374 0.82 7.40 -5.36
CA GLN B 374 -0.15 8.42 -5.74
C GLN B 374 0.58 9.40 -6.64
N ALA B 375 0.25 9.40 -7.95
CA ALA B 375 0.96 10.20 -8.95
C ALA B 375 -0.01 11.22 -9.52
N PHE B 376 0.17 12.47 -9.12
CA PHE B 376 -0.70 13.55 -9.55
C PHE B 376 0.07 14.67 -10.23
N GLY B 377 1.38 14.52 -10.44
CA GLY B 377 2.19 15.56 -11.02
C GLY B 377 2.22 15.49 -12.54
N THR B 378 3.22 16.14 -13.11
CA THR B 378 3.40 16.21 -14.55
C THR B 378 4.76 15.66 -14.92
N VAL B 379 4.79 14.84 -15.96
CA VAL B 379 6.00 14.24 -16.49
C VAL B 379 6.05 14.54 -17.99
N SER B 380 7.07 15.25 -18.42
CA SER B 380 7.31 15.55 -19.83
C SER B 380 8.58 14.82 -20.26
N ALA B 381 8.42 13.81 -21.11
CA ALA B 381 9.51 12.95 -21.54
C ALA B 381 9.38 12.70 -23.04
N SER B 382 9.55 13.76 -23.83
CA SER B 382 9.32 13.72 -25.26
C SER B 382 10.45 14.44 -25.99
N ALA B 383 10.58 14.13 -27.28
CA ALA B 383 11.50 14.84 -28.14
C ALA B 383 10.90 16.22 -28.49
N ALA B 384 11.65 16.98 -29.28
CA ALA B 384 11.17 18.28 -29.75
C ALA B 384 10.18 18.11 -30.89
N SER C 2 -30.50 -52.12 -24.28
CA SER C 2 -30.54 -52.46 -22.83
C SER C 2 -29.53 -51.62 -22.03
N GLY C 3 -28.55 -51.04 -22.73
CA GLY C 3 -27.53 -50.25 -22.08
C GLY C 3 -27.90 -48.79 -21.95
N SER C 4 -29.18 -48.51 -21.94
CA SER C 4 -29.73 -47.16 -21.86
C SER C 4 -30.48 -46.97 -20.54
N PRO C 5 -30.61 -45.73 -20.07
CA PRO C 5 -31.60 -45.46 -19.01
C PRO C 5 -32.97 -45.99 -19.40
N THR C 6 -33.71 -46.47 -18.40
CA THR C 6 -35.03 -47.08 -18.62
C THR C 6 -36.10 -46.41 -17.78
N GLY C 7 -37.34 -46.57 -18.23
CA GLY C 7 -38.51 -46.07 -17.50
C GLY C 7 -38.53 -44.58 -17.24
N GLY C 8 -38.03 -43.80 -18.20
CA GLY C 8 -37.95 -42.37 -18.00
C GLY C 8 -39.31 -41.72 -18.16
N GLN C 9 -39.58 -40.72 -17.31
CA GLN C 9 -40.84 -40.00 -17.34
C GLN C 9 -40.61 -38.55 -16.94
N ILE C 10 -40.95 -37.61 -17.83
CA ILE C 10 -40.85 -36.19 -17.51
C ILE C 10 -42.01 -35.82 -16.60
N VAL C 11 -41.69 -35.37 -15.38
CA VAL C 11 -42.70 -34.98 -14.40
C VAL C 11 -42.73 -33.47 -14.16
N ALA C 12 -41.75 -32.72 -14.64
CA ALA C 12 -41.80 -31.26 -14.55
C ALA C 12 -41.06 -30.70 -15.77
N GLY C 13 -41.50 -29.53 -16.23
CA GLY C 13 -40.94 -28.98 -17.44
C GLY C 13 -41.52 -29.66 -18.66
N SER C 14 -40.88 -29.42 -19.79
CA SER C 14 -41.36 -29.89 -21.09
CA SER C 14 -41.35 -29.89 -21.10
C SER C 14 -40.18 -30.47 -21.86
N GLY C 15 -40.36 -31.70 -22.35
CA GLY C 15 -39.30 -32.34 -23.10
C GLY C 15 -39.79 -33.63 -23.71
N SER C 16 -38.84 -34.41 -24.23
CA SER C 16 -39.16 -35.66 -24.92
C SER C 16 -37.97 -36.59 -24.79
N ILE C 17 -38.22 -37.80 -24.30
CA ILE C 17 -37.22 -38.86 -24.26
C ILE C 17 -37.44 -39.75 -25.48
N GLN C 18 -36.44 -39.83 -26.34
CA GLN C 18 -36.58 -40.52 -27.60
C GLN C 18 -36.16 -41.98 -27.49
N THR C 19 -36.71 -42.81 -28.37
CA THR C 19 -36.37 -44.23 -28.41
C THR C 19 -34.87 -44.37 -28.70
N PRO C 20 -34.13 -45.15 -27.92
CA PRO C 20 -32.69 -45.26 -28.16
C PRO C 20 -32.40 -45.72 -29.58
N SER C 21 -31.52 -44.97 -30.25
CA SER C 21 -31.12 -45.27 -31.63
C SER C 21 -29.81 -46.05 -31.62
N GLY C 22 -29.93 -47.33 -31.30
CA GLY C 22 -28.78 -48.23 -31.35
C GLY C 22 -27.87 -48.12 -30.16
N ASN C 23 -27.00 -47.10 -30.16
CA ASN C 23 -26.10 -46.85 -29.06
C ASN C 23 -26.21 -45.42 -28.55
N GLN C 24 -27.36 -44.77 -28.79
CA GLN C 24 -27.55 -43.39 -28.39
C GLN C 24 -29.01 -43.19 -27.99
N MET C 25 -29.20 -42.42 -26.92
CA MET C 25 -30.53 -41.98 -26.51
C MET C 25 -30.46 -40.47 -26.37
N ASN C 26 -31.40 -39.79 -27.02
CA ASN C 26 -31.46 -38.34 -27.05
C ASN C 26 -32.61 -37.85 -26.18
N ILE C 27 -32.31 -36.91 -25.30
CA ILE C 27 -33.31 -36.34 -24.41
C ILE C 27 -33.45 -34.87 -24.81
N HIS C 28 -34.60 -34.53 -25.40
CA HIS C 28 -34.84 -33.16 -25.83
CA HIS C 28 -34.86 -33.17 -25.84
C HIS C 28 -35.57 -32.39 -24.74
N GLN C 29 -35.04 -31.22 -24.42
CA GLN C 29 -35.59 -30.39 -23.36
C GLN C 29 -36.00 -29.03 -23.93
N ASN C 30 -37.25 -28.63 -23.69
CA ASN C 30 -37.76 -27.36 -24.20
C ASN C 30 -37.87 -26.28 -23.15
N SER C 31 -38.16 -26.65 -21.90
CA SER C 31 -38.19 -25.68 -20.81
C SER C 31 -36.79 -25.45 -20.24
N GLN C 32 -36.64 -24.32 -19.54
CA GLN C 32 -35.34 -24.04 -18.93
C GLN C 32 -34.98 -25.05 -17.84
N ASN C 33 -35.98 -25.56 -17.12
CA ASN C 33 -35.74 -26.59 -16.10
C ASN C 33 -36.68 -27.75 -16.36
N MET C 34 -36.18 -28.96 -16.23
CA MET C 34 -36.91 -30.18 -16.49
C MET C 34 -36.58 -31.23 -15.45
N VAL C 35 -37.58 -32.04 -15.10
CA VAL C 35 -37.39 -33.14 -14.18
C VAL C 35 -37.86 -34.43 -14.82
N ALA C 36 -36.98 -35.42 -14.84
CA ALA C 36 -37.31 -36.75 -15.32
C ALA C 36 -36.99 -37.75 -14.22
N ASN C 37 -37.94 -38.62 -13.91
CA ASN C 37 -37.74 -39.74 -13.00
C ASN C 37 -37.44 -40.98 -13.85
N TRP C 38 -36.49 -41.79 -13.38
CA TRP C 38 -36.04 -42.97 -14.09
C TRP C 38 -36.11 -44.19 -13.20
N ASN C 39 -36.64 -45.29 -13.73
CA ASN C 39 -36.45 -46.57 -13.05
C ASN C 39 -34.97 -46.89 -12.87
N SER C 40 -34.16 -46.55 -13.86
CA SER C 40 -32.72 -46.72 -13.76
C SER C 40 -32.06 -45.74 -14.72
N PHE C 41 -30.90 -45.25 -14.32
CA PHE C 41 -30.09 -44.36 -15.13
C PHE C 41 -28.69 -44.98 -15.17
N ASP C 42 -28.53 -46.00 -16.02
CA ASP C 42 -27.25 -46.61 -16.34
C ASP C 42 -26.97 -46.38 -17.82
N ILE C 43 -25.69 -46.24 -18.14
CA ILE C 43 -25.24 -46.07 -19.52
C ILE C 43 -24.14 -47.09 -19.75
N GLY C 44 -24.41 -48.07 -20.59
CA GLY C 44 -23.43 -49.09 -20.89
C GLY C 44 -22.24 -48.56 -21.67
N LYS C 45 -21.20 -49.38 -21.72
CA LYS C 45 -20.02 -49.02 -22.49
C LYS C 45 -20.39 -48.89 -23.97
N GLY C 46 -19.91 -47.82 -24.59
CA GLY C 46 -20.20 -47.59 -25.99
C GLY C 46 -21.54 -46.94 -26.25
N ASN C 47 -22.31 -46.63 -25.21
CA ASN C 47 -23.59 -45.95 -25.37
C ASN C 47 -23.43 -44.48 -24.98
N THR C 48 -24.42 -43.69 -25.37
CA THR C 48 -24.39 -42.26 -25.15
C THR C 48 -25.79 -41.77 -24.84
N VAL C 49 -25.91 -40.97 -23.79
CA VAL C 49 -27.12 -40.21 -23.48
C VAL C 49 -26.80 -38.75 -23.75
N GLN C 50 -27.53 -38.15 -24.69
CA GLN C 50 -27.32 -36.76 -25.12
C GLN C 50 -28.55 -35.94 -24.76
N PHE C 51 -28.34 -34.89 -23.97
CA PHE C 51 -29.37 -33.90 -23.69
C PHE C 51 -29.22 -32.73 -24.66
N ASP C 52 -30.30 -32.42 -25.36
CA ASP C 52 -30.39 -31.22 -26.19
C ASP C 52 -31.25 -30.20 -25.43
N GLN C 53 -30.62 -29.14 -24.92
CA GLN C 53 -31.28 -28.23 -23.99
C GLN C 53 -31.33 -26.83 -24.58
N PRO C 54 -32.30 -26.00 -24.17
CA PRO C 54 -32.56 -24.74 -24.88
C PRO C 54 -31.51 -23.69 -24.67
N SER C 55 -30.66 -23.83 -23.67
CA SER C 55 -29.63 -22.85 -23.40
C SER C 55 -28.50 -23.54 -22.62
N SER C 56 -27.37 -22.84 -22.52
CA SER C 56 -26.25 -23.39 -21.74
C SER C 56 -26.51 -23.33 -20.24
N SER C 57 -27.55 -22.63 -19.81
CA SER C 57 -27.89 -22.55 -18.39
C SER C 57 -29.15 -23.35 -18.05
N ALA C 58 -29.74 -24.04 -19.01
CA ALA C 58 -30.84 -24.94 -18.71
C ALA C 58 -30.37 -26.12 -17.90
N VAL C 59 -31.26 -26.67 -17.08
CA VAL C 59 -30.91 -27.75 -16.17
C VAL C 59 -31.90 -28.89 -16.33
N ALA C 60 -31.39 -30.11 -16.44
CA ALA C 60 -32.22 -31.31 -16.45
C ALA C 60 -31.92 -32.10 -15.20
N LEU C 61 -32.95 -32.33 -14.38
CA LEU C 61 -32.86 -33.15 -13.17
C LEU C 61 -33.29 -34.56 -13.48
N ASN C 62 -32.40 -35.52 -13.22
CA ASN C 62 -32.64 -36.94 -13.46
C ASN C 62 -32.56 -37.64 -12.11
N ARG C 63 -33.72 -38.13 -11.64
CA ARG C 63 -33.86 -38.78 -10.34
C ARG C 63 -34.12 -40.25 -10.57
N VAL C 64 -33.26 -41.10 -10.00
CA VAL C 64 -33.40 -42.55 -10.09
C VAL C 64 -34.31 -42.99 -8.96
N VAL C 65 -35.35 -43.77 -9.29
CA VAL C 65 -36.34 -44.18 -8.30
C VAL C 65 -36.54 -45.69 -8.29
N GLY C 66 -35.64 -46.43 -8.94
CA GLY C 66 -35.80 -47.85 -9.11
C GLY C 66 -35.15 -48.71 -8.05
N GLY C 67 -33.98 -48.28 -7.58
CA GLY C 67 -33.35 -48.92 -6.44
C GLY C 67 -32.00 -49.57 -6.68
N GLY C 68 -31.33 -49.26 -7.77
CA GLY C 68 -30.00 -49.76 -8.04
C GLY C 68 -28.99 -48.63 -8.20
N GLU C 69 -27.74 -48.92 -7.87
CA GLU C 69 -26.70 -47.89 -7.99
C GLU C 69 -26.42 -47.62 -9.47
N SER C 70 -26.32 -46.34 -9.84
CA SER C 70 -26.20 -45.97 -11.25
C SER C 70 -24.84 -46.38 -11.78
N GLN C 71 -24.83 -47.13 -12.89
CA GLN C 71 -23.59 -47.59 -13.52
C GLN C 71 -23.40 -46.82 -14.81
N ILE C 72 -22.63 -45.75 -14.73
CA ILE C 72 -22.34 -44.90 -15.88
C ILE C 72 -21.01 -45.36 -16.49
N MET C 73 -21.07 -46.21 -17.51
CA MET C 73 -19.88 -46.71 -18.19
CA MET C 73 -19.87 -46.68 -18.18
C MET C 73 -19.66 -46.09 -19.56
N GLY C 74 -20.65 -45.39 -20.10
CA GLY C 74 -20.54 -44.76 -21.40
C GLY C 74 -20.50 -43.25 -21.27
N ASN C 75 -21.11 -42.54 -22.21
CA ASN C 75 -20.94 -41.10 -22.32
C ASN C 75 -22.24 -40.40 -22.03
N LEU C 76 -22.16 -39.29 -21.27
CA LEU C 76 -23.27 -38.39 -21.02
C LEU C 76 -22.86 -37.00 -21.48
N LYS C 77 -23.56 -36.47 -22.48
CA LYS C 77 -23.27 -35.14 -23.02
C LYS C 77 -24.50 -34.25 -22.89
N ALA C 78 -24.25 -32.96 -22.75
CA ALA C 78 -25.33 -31.97 -22.69
C ALA C 78 -24.75 -30.61 -23.02
N ASN C 79 -25.52 -29.80 -23.76
CA ASN C 79 -25.08 -28.42 -23.99
C ASN C 79 -25.32 -27.55 -22.75
N GLY C 80 -26.31 -27.94 -21.96
CA GLY C 80 -26.64 -27.28 -20.70
C GLY C 80 -26.17 -28.08 -19.50
N GLN C 81 -26.99 -28.09 -18.45
CA GLN C 81 -26.58 -28.60 -17.15
C GLN C 81 -27.43 -29.79 -16.77
N VAL C 82 -26.82 -30.71 -16.01
CA VAL C 82 -27.45 -31.98 -15.73
C VAL C 82 -27.26 -32.28 -14.26
N PHE C 83 -28.36 -32.62 -13.58
CA PHE C 83 -28.31 -33.12 -12.21
C PHE C 83 -28.67 -34.60 -12.27
N LEU C 84 -27.87 -35.44 -11.60
CA LEU C 84 -28.14 -36.87 -11.42
C LEU C 84 -28.28 -37.14 -9.92
N VAL C 85 -29.48 -37.56 -9.50
CA VAL C 85 -29.77 -37.90 -8.12
C VAL C 85 -30.04 -39.41 -8.06
N ASN C 86 -29.28 -40.12 -7.27
CA ASN C 86 -29.55 -41.53 -7.03
C ASN C 86 -29.26 -41.85 -5.58
N PRO C 87 -30.29 -42.10 -4.77
CA PRO C 87 -30.03 -42.40 -3.35
C PRO C 87 -29.09 -43.58 -3.14
N ASN C 88 -28.97 -44.46 -4.13
CA ASN C 88 -28.16 -45.67 -4.02
C ASN C 88 -26.74 -45.48 -4.50
N GLY C 89 -26.37 -44.28 -4.93
CA GLY C 89 -25.02 -44.01 -5.36
C GLY C 89 -24.88 -43.96 -6.87
N VAL C 90 -23.70 -43.50 -7.30
CA VAL C 90 -23.32 -43.46 -8.71
C VAL C 90 -21.89 -43.96 -8.83
N LEU C 91 -21.63 -44.77 -9.86
CA LEU C 91 -20.27 -45.20 -10.19
C LEU C 91 -19.99 -44.85 -11.65
N PHE C 92 -19.04 -43.93 -11.87
CA PHE C 92 -18.52 -43.61 -13.20
C PHE C 92 -17.33 -44.52 -13.51
N GLY C 93 -17.55 -45.46 -14.42
CA GLY C 93 -16.51 -46.40 -14.77
C GLY C 93 -15.34 -45.76 -15.51
N GLU C 94 -14.29 -46.56 -15.67
CA GLU C 94 -13.07 -46.05 -16.28
C GLU C 94 -13.33 -45.51 -17.68
N GLY C 95 -14.23 -46.13 -18.43
CA GLY C 95 -14.55 -45.64 -19.75
C GLY C 95 -15.58 -44.54 -19.82
N ALA C 96 -16.11 -44.11 -18.68
CA ALA C 96 -17.16 -43.09 -18.68
C ALA C 96 -16.60 -41.71 -19.03
N SER C 97 -17.45 -40.92 -19.66
CA SER C 97 -17.09 -39.56 -20.05
C SER C 97 -18.35 -38.71 -19.92
N VAL C 98 -18.34 -37.75 -18.99
CA VAL C 98 -19.48 -36.86 -18.76
C VAL C 98 -19.04 -35.46 -19.14
N SER C 99 -19.63 -34.90 -20.18
CA SER C 99 -19.28 -33.59 -20.70
C SER C 99 -20.53 -32.73 -20.74
N THR C 100 -20.57 -31.68 -19.92
CA THR C 100 -21.73 -30.80 -19.83
C THR C 100 -21.23 -29.37 -19.64
N SER C 101 -22.16 -28.44 -19.46
CA SER C 101 -21.82 -27.10 -18.98
C SER C 101 -21.97 -26.99 -17.47
N GLY C 102 -22.39 -28.06 -16.81
CA GLY C 102 -22.53 -28.09 -15.37
C GLY C 102 -23.10 -29.44 -14.98
N PHE C 103 -22.52 -30.09 -13.98
CA PHE C 103 -22.91 -31.46 -13.64
C PHE C 103 -22.98 -31.61 -12.14
N VAL C 104 -24.08 -32.18 -11.63
CA VAL C 104 -24.18 -32.55 -10.22
C VAL C 104 -24.54 -34.03 -10.16
N ALA C 105 -23.87 -34.78 -9.27
CA ALA C 105 -24.22 -36.17 -8.97
C ALA C 105 -24.38 -36.23 -7.46
N SER C 106 -25.56 -36.63 -6.99
CA SER C 106 -25.89 -36.57 -5.58
C SER C 106 -26.67 -37.80 -5.14
N THR C 107 -26.36 -38.28 -3.94
CA THR C 107 -27.22 -39.25 -3.28
C THR C 107 -28.29 -38.56 -2.50
N ARG C 108 -28.20 -37.24 -2.33
CA ARG C 108 -29.18 -36.42 -1.64
C ARG C 108 -30.21 -35.92 -2.64
N ASP C 109 -31.48 -36.03 -2.27
CA ASP C 109 -32.55 -35.66 -3.18
C ASP C 109 -32.73 -34.15 -3.18
N ILE C 110 -33.43 -33.68 -4.20
CA ILE C 110 -33.89 -32.30 -4.29
C ILE C 110 -35.36 -32.31 -4.72
N LYS C 111 -36.20 -31.58 -3.99
CA LYS C 111 -37.63 -31.56 -4.29
CA LYS C 111 -37.63 -31.58 -4.30
C LYS C 111 -37.88 -30.94 -5.66
N ASN C 112 -38.86 -31.48 -6.37
CA ASN C 112 -39.24 -30.92 -7.66
C ASN C 112 -39.57 -29.43 -7.54
N ASP C 113 -40.36 -29.06 -6.53
CA ASP C 113 -40.75 -27.66 -6.37
C ASP C 113 -39.54 -26.76 -6.14
N ASP C 114 -38.59 -27.22 -5.31
CA ASP C 114 -37.38 -26.44 -5.10
C ASP C 114 -36.62 -26.29 -6.42
N PHE C 115 -36.47 -27.40 -7.14
CA PHE C 115 -35.69 -27.35 -8.38
C PHE C 115 -36.31 -26.40 -9.39
N MET C 116 -37.63 -26.52 -9.59
CA MET C 116 -38.32 -25.64 -10.52
C MET C 116 -38.26 -24.19 -10.08
N ASN C 117 -38.15 -23.96 -8.77
CA ASN C 117 -37.97 -22.61 -8.23
C ASN C 117 -36.52 -22.13 -8.27
N ARG C 118 -35.60 -22.92 -8.84
CA ARG C 118 -34.17 -22.63 -8.82
C ARG C 118 -33.68 -22.45 -7.39
N ARG C 119 -34.14 -23.32 -6.48
CA ARG C 119 -33.62 -23.42 -5.11
C ARG C 119 -32.89 -24.76 -5.02
N TYR C 120 -31.60 -24.77 -5.36
CA TYR C 120 -30.88 -26.03 -5.55
C TYR C 120 -30.25 -26.48 -4.24
N THR C 121 -31.11 -27.04 -3.39
CA THR C 121 -30.68 -27.63 -2.13
C THR C 121 -30.93 -29.12 -2.19
N PHE C 122 -29.89 -29.90 -1.98
CA PHE C 122 -29.96 -31.35 -1.95
C PHE C 122 -29.84 -31.81 -0.51
N SER C 123 -30.78 -32.65 -0.07
CA SER C 123 -30.76 -33.18 1.29
C SER C 123 -31.75 -34.33 1.40
N GLY C 124 -31.36 -35.38 2.12
CA GLY C 124 -32.26 -36.45 2.49
C GLY C 124 -32.48 -37.49 1.41
N GLY C 125 -33.00 -38.64 1.85
CA GLY C 125 -33.34 -39.72 0.98
C GLY C 125 -32.19 -40.68 0.68
N GLN C 126 -30.96 -40.28 0.99
CA GLN C 126 -29.82 -41.14 0.68
C GLN C 126 -29.91 -42.45 1.44
N LYS C 127 -29.27 -43.47 0.88
CA LYS C 127 -29.33 -44.81 1.44
C LYS C 127 -28.04 -45.12 2.18
N ALA C 128 -28.12 -46.11 3.07
CA ALA C 128 -26.98 -46.51 3.88
C ALA C 128 -25.84 -47.00 2.98
N GLY C 129 -24.66 -46.44 3.16
CA GLY C 129 -23.51 -46.86 2.39
C GLY C 129 -23.46 -46.36 0.96
N ALA C 130 -24.30 -45.41 0.58
CA ALA C 130 -24.33 -44.94 -0.80
C ALA C 130 -23.16 -43.98 -1.06
N ALA C 131 -22.51 -44.16 -2.19
CA ALA C 131 -21.33 -43.39 -2.51
C ALA C 131 -21.36 -42.91 -3.96
N ILE C 132 -20.54 -41.90 -4.24
CA ILE C 132 -20.24 -41.48 -5.60
C ILE C 132 -18.76 -41.74 -5.86
N VAL C 133 -18.47 -42.55 -6.88
CA VAL C 133 -17.09 -42.93 -7.19
C VAL C 133 -16.85 -42.65 -8.66
N ASN C 134 -15.82 -41.83 -8.93
CA ASN C 134 -15.45 -41.52 -10.30
C ASN C 134 -14.12 -42.20 -10.64
N GLN C 135 -14.16 -43.10 -11.63
CA GLN C 135 -12.98 -43.67 -12.27
C GLN C 135 -12.78 -43.14 -13.67
N GLY C 136 -13.78 -42.47 -14.24
CA GLY C 136 -13.75 -41.95 -15.60
C GLY C 136 -13.33 -40.50 -15.67
N GLU C 137 -13.87 -39.79 -16.64
CA GLU C 137 -13.53 -38.39 -16.89
CA GLU C 137 -13.53 -38.39 -16.87
C GLU C 137 -14.81 -37.55 -16.83
N LEU C 138 -14.84 -36.59 -15.92
CA LEU C 138 -15.93 -35.63 -15.78
C LEU C 138 -15.37 -34.27 -16.16
N THR C 139 -15.92 -33.66 -17.22
CA THR C 139 -15.41 -32.40 -17.74
CA THR C 139 -15.41 -32.41 -17.75
C THR C 139 -16.56 -31.47 -18.06
N THR C 140 -16.29 -30.17 -18.00
CA THR C 140 -17.26 -29.15 -18.40
C THR C 140 -16.58 -28.19 -19.37
N ASN C 141 -17.41 -27.40 -20.05
CA ASN C 141 -16.90 -26.26 -20.82
C ASN C 141 -16.41 -25.19 -19.85
N ALA C 142 -15.74 -24.17 -20.40
CA ALA C 142 -15.20 -23.10 -19.58
C ALA C 142 -16.30 -22.50 -18.72
N GLY C 143 -15.94 -22.21 -17.47
CA GLY C 143 -16.89 -21.63 -16.55
C GLY C 143 -17.87 -22.60 -15.94
N GLY C 144 -17.78 -23.89 -16.29
CA GLY C 144 -18.69 -24.89 -15.77
C GLY C 144 -18.38 -25.28 -14.35
N TYR C 145 -19.17 -26.21 -13.83
CA TYR C 145 -18.96 -26.70 -12.48
C TYR C 145 -19.26 -28.20 -12.44
N ILE C 146 -18.68 -28.88 -11.46
CA ILE C 146 -18.92 -30.29 -11.22
C ILE C 146 -19.03 -30.44 -9.72
N VAL C 147 -20.18 -30.94 -9.23
CA VAL C 147 -20.43 -31.15 -7.81
C VAL C 147 -20.75 -32.63 -7.60
N LEU C 148 -20.00 -33.29 -6.73
CA LEU C 148 -20.32 -34.65 -6.31
C LEU C 148 -20.57 -34.62 -4.81
N ALA C 149 -21.76 -35.09 -4.40
CA ALA C 149 -22.22 -34.98 -3.02
C ALA C 149 -22.80 -36.30 -2.54
N ALA C 150 -22.21 -36.86 -1.49
CA ALA C 150 -22.62 -38.13 -0.90
C ALA C 150 -21.92 -38.32 0.45
N ASP C 151 -22.31 -39.39 1.14
CA ASP C 151 -21.62 -39.74 2.38
C ASP C 151 -20.15 -40.05 2.11
N ARG C 152 -19.87 -40.61 0.95
CA ARG C 152 -18.52 -40.99 0.58
CA ARG C 152 -18.52 -41.00 0.58
C ARG C 152 -18.33 -40.65 -0.90
N VAL C 153 -17.36 -39.79 -1.17
CA VAL C 153 -17.05 -39.34 -2.54
C VAL C 153 -15.61 -39.71 -2.81
N SER C 154 -15.36 -40.34 -3.96
CA SER C 154 -14.03 -40.85 -4.27
C SER C 154 -13.72 -40.61 -5.72
N ASN C 155 -12.60 -39.92 -5.99
CA ASN C 155 -12.15 -39.69 -7.36
C ASN C 155 -10.83 -40.40 -7.56
N SER C 156 -10.81 -41.42 -8.43
CA SER C 156 -9.59 -42.02 -8.93
C SER C 156 -9.36 -41.68 -10.39
N GLY C 157 -10.32 -41.02 -11.03
CA GLY C 157 -10.27 -40.63 -12.43
C GLY C 157 -9.83 -39.19 -12.61
N THR C 158 -10.46 -38.50 -13.56
CA THR C 158 -10.14 -37.12 -13.86
C THR C 158 -11.41 -36.28 -13.77
N ILE C 159 -11.27 -35.09 -13.19
CA ILE C 159 -12.34 -34.10 -13.06
C ILE C 159 -11.76 -32.76 -13.45
N ARG C 160 -12.25 -32.17 -14.54
CA ARG C 160 -11.72 -30.91 -15.06
CA ARG C 160 -11.73 -30.90 -15.05
C ARG C 160 -12.87 -29.91 -15.21
N THR C 161 -12.69 -28.71 -14.65
CA THR C 161 -13.66 -27.61 -14.75
C THR C 161 -12.84 -26.37 -15.06
N PRO C 162 -12.35 -26.23 -16.29
CA PRO C 162 -11.52 -25.06 -16.62
C PRO C 162 -12.31 -23.79 -16.43
N GLY C 163 -11.67 -22.83 -15.74
CA GLY C 163 -12.31 -21.57 -15.47
C GLY C 163 -13.57 -21.71 -14.66
N GLY C 164 -13.78 -22.85 -13.99
CA GLY C 164 -15.00 -23.15 -13.27
C GLY C 164 -14.70 -23.59 -11.85
N LYS C 165 -15.60 -24.42 -11.32
CA LYS C 165 -15.52 -24.85 -9.94
CA LYS C 165 -15.51 -24.86 -9.94
C LYS C 165 -15.79 -26.35 -9.87
N THR C 166 -14.98 -27.04 -9.06
CA THR C 166 -15.20 -28.43 -8.70
C THR C 166 -15.47 -28.50 -7.21
N VAL C 167 -16.51 -29.23 -6.82
CA VAL C 167 -16.86 -29.37 -5.40
C VAL C 167 -17.08 -30.85 -5.13
N LEU C 168 -16.31 -31.41 -4.20
CA LEU C 168 -16.53 -32.76 -3.69
C LEU C 168 -16.92 -32.60 -2.24
N ALA C 169 -18.14 -33.03 -1.89
CA ALA C 169 -18.76 -32.68 -0.61
C ALA C 169 -19.40 -33.90 0.03
N ALA C 170 -18.97 -34.22 1.24
CA ALA C 170 -19.60 -35.23 2.09
C ALA C 170 -20.24 -34.46 3.23
N SER C 171 -21.57 -34.37 3.24
CA SER C 171 -22.30 -33.58 4.23
C SER C 171 -23.76 -33.95 4.15
N GLU C 172 -24.52 -33.54 5.17
CA GLU C 172 -25.96 -33.80 5.17
C GLU C 172 -26.67 -32.99 4.10
N ARG C 173 -26.21 -31.78 3.85
CA ARG C 173 -26.89 -30.82 2.99
C ARG C 173 -25.87 -30.09 2.13
N ILE C 174 -26.31 -29.68 0.93
CA ILE C 174 -25.49 -28.83 0.08
C ILE C 174 -26.43 -27.96 -0.75
N THR C 175 -26.17 -26.67 -0.81
CA THR C 175 -26.95 -25.73 -1.61
C THR C 175 -26.03 -25.11 -2.65
N LEU C 176 -26.50 -25.07 -3.89
CA LEU C 176 -25.79 -24.45 -5.00
C LEU C 176 -26.53 -23.19 -5.42
N GLN C 177 -25.78 -22.10 -5.60
CA GLN C 177 -26.31 -20.84 -6.08
CA GLN C 177 -26.30 -20.83 -6.08
C GLN C 177 -25.76 -20.60 -7.48
N LEU C 178 -26.62 -20.76 -8.49
CA LEU C 178 -26.22 -20.64 -9.88
C LEU C 178 -26.55 -19.24 -10.40
N ASP C 179 -25.64 -18.65 -11.17
CA ASP C 179 -25.76 -17.27 -11.68
C ASP C 179 -25.34 -17.34 -13.17
N ASN C 180 -26.30 -17.12 -14.06
N ASN C 180 -26.33 -17.29 -14.07
CA ASN C 180 -26.03 -17.09 -15.50
CA ASN C 180 -26.05 -17.24 -15.50
C ASN C 180 -25.23 -18.32 -15.93
C ASN C 180 -24.95 -18.21 -15.92
N GLY C 181 -25.61 -19.48 -15.40
N GLY C 181 -23.69 -17.75 -15.90
CA GLY C 181 -24.99 -20.74 -15.73
CA GLY C 181 -22.61 -18.58 -16.41
C GLY C 181 -23.88 -21.16 -14.79
C GLY C 181 -22.33 -19.83 -15.61
N GLY C 182 -23.15 -20.20 -14.22
N GLY C 182 -22.50 -19.77 -14.28
CA GLY C 182 -22.02 -20.52 -13.37
CA GLY C 182 -22.24 -20.93 -13.47
C GLY C 182 -22.40 -20.69 -11.92
C GLY C 182 -22.46 -20.83 -11.97
N LEU C 183 -21.56 -21.43 -11.20
CA LEU C 183 -21.75 -21.62 -9.77
C LEU C 183 -21.22 -20.41 -9.01
N MET C 184 -22.13 -19.63 -8.41
CA MET C 184 -21.74 -18.46 -7.64
CA MET C 184 -21.74 -18.46 -7.64
C MET C 184 -21.12 -18.85 -6.31
N SER C 185 -21.77 -19.75 -5.57
CA SER C 185 -21.29 -20.15 -4.26
C SER C 185 -21.93 -21.47 -3.88
N VAL C 186 -21.41 -22.07 -2.81
CA VAL C 186 -21.87 -23.38 -2.34
CA VAL C 186 -21.88 -23.37 -2.35
C VAL C 186 -21.90 -23.35 -0.82
N GLN C 187 -22.98 -23.82 -0.23
CA GLN C 187 -23.11 -23.93 1.23
C GLN C 187 -23.15 -25.40 1.57
N VAL C 188 -22.21 -25.85 2.39
CA VAL C 188 -22.11 -27.24 2.81
C VAL C 188 -22.26 -27.28 4.32
N THR C 189 -23.30 -27.94 4.80
CA THR C 189 -23.59 -27.98 6.23
C THR C 189 -24.09 -29.37 6.62
N GLY C 190 -23.91 -29.68 7.89
CA GLY C 190 -24.43 -30.91 8.44
C GLY C 190 -23.44 -32.05 8.46
N ASP C 191 -23.08 -32.53 9.66
CA ASP C 191 -22.21 -33.69 9.78
C ASP C 191 -22.97 -34.97 9.43
N VAL C 192 -22.23 -35.94 8.88
CA VAL C 192 -22.77 -37.25 8.59
C VAL C 192 -21.78 -38.30 9.09
N VAL C 193 -22.31 -39.47 9.44
CA VAL C 193 -21.48 -40.55 9.96
CA VAL C 193 -21.48 -40.55 9.97
C VAL C 193 -20.64 -41.13 8.84
N ASN C 194 -19.34 -41.34 9.12
CA ASN C 194 -18.41 -41.94 8.16
C ASN C 194 -18.27 -41.09 6.90
N ALA C 195 -18.31 -39.77 7.06
CA ALA C 195 -18.05 -38.87 5.94
C ALA C 195 -16.65 -39.06 5.39
N LEU C 196 -16.51 -39.05 4.07
CA LEU C 196 -15.18 -39.19 3.49
C LEU C 196 -15.17 -38.61 2.09
N VAL C 197 -14.25 -37.69 1.82
CA VAL C 197 -13.93 -37.27 0.46
C VAL C 197 -12.49 -37.69 0.17
N GLU C 198 -12.29 -38.37 -0.95
CA GLU C 198 -10.94 -38.78 -1.30
C GLU C 198 -10.66 -38.52 -2.76
N ASN C 199 -9.47 -37.99 -3.02
CA ASN C 199 -9.00 -37.78 -4.38
C ASN C 199 -7.69 -38.51 -4.54
N ARG C 200 -7.69 -39.63 -5.26
CA ARG C 200 -6.48 -40.32 -5.66
CA ARG C 200 -6.45 -40.30 -5.64
C ARG C 200 -6.12 -40.04 -7.11
N GLY C 201 -6.99 -39.36 -7.84
CA GLY C 201 -6.79 -39.03 -9.24
C GLY C 201 -6.42 -37.57 -9.40
N LEU C 202 -6.91 -36.96 -10.47
CA LEU C 202 -6.64 -35.56 -10.78
C LEU C 202 -7.95 -34.78 -10.73
N VAL C 203 -7.93 -33.67 -10.01
CA VAL C 203 -8.95 -32.63 -10.06
C VAL C 203 -8.27 -31.37 -10.54
N SER C 204 -8.71 -30.83 -11.68
CA SER C 204 -8.06 -29.69 -12.31
C SER C 204 -9.09 -28.60 -12.54
N ALA C 205 -8.79 -27.37 -12.09
CA ALA C 205 -9.63 -26.22 -12.35
C ALA C 205 -8.71 -25.05 -12.66
N ARG C 206 -8.06 -25.12 -13.83
CA ARG C 206 -7.24 -24.00 -14.32
CA ARG C 206 -7.23 -24.01 -14.30
C ARG C 206 -8.04 -22.72 -14.33
N ASP C 207 -7.53 -21.68 -13.68
CA ASP C 207 -8.23 -20.40 -13.58
C ASP C 207 -9.58 -20.52 -12.91
N GLY C 208 -9.76 -21.57 -12.13
CA GLY C 208 -10.97 -21.82 -11.38
C GLY C 208 -10.68 -22.07 -9.91
N GLN C 209 -11.54 -22.88 -9.30
CA GLN C 209 -11.50 -23.12 -7.86
C GLN C 209 -11.88 -24.55 -7.59
N VAL C 210 -11.20 -25.17 -6.63
CA VAL C 210 -11.48 -26.53 -6.20
C VAL C 210 -11.75 -26.48 -4.70
N TYR C 211 -12.84 -27.12 -4.27
CA TYR C 211 -13.32 -27.07 -2.90
C TYR C 211 -13.67 -28.49 -2.50
N LEU C 212 -12.88 -29.08 -1.61
CA LEU C 212 -13.13 -30.42 -1.08
C LEU C 212 -13.49 -30.29 0.39
N THR C 213 -14.70 -30.74 0.76
CA THR C 213 -15.18 -30.60 2.13
C THR C 213 -15.80 -31.90 2.62
N ALA C 214 -15.46 -32.28 3.84
CA ALA C 214 -16.04 -33.46 4.44
C ALA C 214 -16.37 -33.13 5.88
N LEU C 215 -17.66 -33.22 6.22
CA LEU C 215 -18.15 -32.92 7.57
C LEU C 215 -18.56 -34.22 8.23
N GLY C 216 -17.66 -34.78 9.05
CA GLY C 216 -17.93 -36.02 9.76
C GLY C 216 -18.42 -35.82 11.17
N ARG C 217 -18.97 -36.90 11.73
CA ARG C 217 -19.57 -36.89 13.06
C ARG C 217 -18.82 -37.86 13.96
N GLY C 218 -18.20 -37.34 15.01
CA GLY C 218 -17.50 -38.17 15.98
C GLY C 218 -16.63 -39.24 15.35
N MET C 219 -15.63 -38.82 14.58
CA MET C 219 -14.73 -39.75 13.92
CA MET C 219 -14.71 -39.74 13.91
C MET C 219 -13.45 -40.02 14.69
N LEU C 220 -13.30 -39.46 15.90
CA LEU C 220 -12.04 -39.59 16.63
C LEU C 220 -10.93 -39.11 15.71
N MET C 221 -10.05 -40.00 15.28
CA MET C 221 -8.97 -39.61 14.39
C MET C 221 -9.10 -40.30 13.02
N ASN C 222 -10.32 -40.69 12.68
CA ASN C 222 -10.57 -41.26 11.36
C ASN C 222 -10.36 -40.24 10.26
N THR C 223 -9.75 -40.67 9.17
CA THR C 223 -9.57 -39.81 8.01
C THR C 223 -10.92 -39.44 7.42
N VAL C 224 -11.16 -38.14 7.29
CA VAL C 224 -12.38 -37.63 6.66
C VAL C 224 -12.12 -37.00 5.30
N LEU C 225 -10.88 -36.63 5.00
CA LEU C 225 -10.50 -35.97 3.78
C LEU C 225 -9.12 -36.48 3.43
N ASN C 226 -9.04 -37.18 2.30
CA ASN C 226 -7.81 -37.87 1.90
C ASN C 226 -7.46 -37.45 0.48
N VAL C 227 -6.40 -36.66 0.31
CA VAL C 227 -5.94 -36.25 -1.01
C VAL C 227 -4.55 -36.86 -1.24
N SER C 228 -4.50 -37.94 -2.00
CA SER C 228 -3.23 -38.55 -2.39
C SER C 228 -2.89 -38.35 -3.85
N GLY C 229 -3.81 -37.81 -4.64
CA GLY C 229 -3.54 -37.55 -6.05
C GLY C 229 -3.06 -36.14 -6.27
N VAL C 230 -3.65 -35.43 -7.23
CA VAL C 230 -3.23 -34.08 -7.60
C VAL C 230 -4.46 -33.20 -7.68
N VAL C 231 -4.41 -32.05 -7.02
CA VAL C 231 -5.42 -31.02 -7.13
C VAL C 231 -4.71 -29.83 -7.75
N GLU C 232 -5.11 -29.43 -8.95
CA GLU C 232 -4.45 -28.35 -9.67
C GLU C 232 -5.43 -27.20 -9.90
N ALA C 233 -5.03 -26.01 -9.52
CA ALA C 233 -5.85 -24.82 -9.72
C ALA C 233 -4.95 -23.64 -10.08
N SER C 234 -3.97 -23.90 -10.94
CA SER C 234 -3.09 -22.83 -11.38
C SER C 234 -3.87 -21.75 -12.12
N GLY C 235 -3.38 -20.54 -12.04
CA GLY C 235 -3.99 -19.40 -12.68
C GLY C 235 -4.03 -18.20 -11.76
N MET C 236 -4.92 -17.27 -12.05
CA MET C 236 -4.99 -16.02 -11.30
C MET C 236 -5.22 -16.31 -9.81
N HIS C 237 -4.62 -15.47 -8.97
CA HIS C 237 -4.81 -15.57 -7.53
C HIS C 237 -6.25 -15.24 -7.15
N ARG C 238 -6.80 -16.02 -6.24
CA ARG C 238 -8.18 -15.84 -5.76
C ARG C 238 -8.20 -15.61 -4.25
N GLN C 239 -8.76 -14.48 -3.83
CA GLN C 239 -8.81 -14.15 -2.41
C GLN C 239 -9.59 -15.19 -1.62
N ASP C 240 -10.63 -15.77 -2.20
CA ASP C 240 -11.38 -16.82 -1.53
C ASP C 240 -10.72 -18.19 -1.65
N GLY C 241 -9.50 -18.24 -2.18
CA GLY C 241 -8.80 -19.51 -2.29
C GLY C 241 -8.96 -20.19 -3.64
N ASN C 242 -7.83 -20.58 -4.26
CA ASN C 242 -7.93 -21.37 -5.46
C ASN C 242 -8.23 -22.82 -5.14
N ILE C 243 -7.60 -23.35 -4.08
CA ILE C 243 -7.89 -24.68 -3.55
C ILE C 243 -8.26 -24.51 -2.08
N VAL C 244 -9.41 -25.07 -1.69
CA VAL C 244 -9.88 -25.00 -0.31
C VAL C 244 -10.26 -26.40 0.15
N LEU C 245 -9.56 -26.91 1.15
CA LEU C 245 -9.91 -28.14 1.83
C LEU C 245 -10.53 -27.79 3.17
N ASP C 246 -11.58 -28.53 3.54
CA ASP C 246 -12.21 -28.30 4.83
C ASP C 246 -12.71 -29.64 5.35
N GLY C 247 -12.02 -30.18 6.36
CA GLY C 247 -12.43 -31.43 6.98
C GLY C 247 -13.30 -31.33 8.22
N GLY C 248 -13.93 -30.18 8.43
CA GLY C 248 -14.96 -30.12 9.45
C GLY C 248 -14.41 -30.02 10.87
N ASP C 249 -15.21 -30.51 11.81
CA ASP C 249 -14.90 -30.46 13.24
C ASP C 249 -14.44 -31.80 13.82
N SER C 250 -14.29 -32.83 13.01
CA SER C 250 -13.99 -34.16 13.50
C SER C 250 -13.18 -34.91 12.45
N GLY C 251 -12.20 -35.67 12.92
CA GLY C 251 -11.41 -36.48 12.03
C GLY C 251 -10.13 -35.80 11.58
N VAL C 252 -9.50 -36.44 10.60
CA VAL C 252 -8.19 -36.02 10.10
C VAL C 252 -8.30 -35.66 8.63
N VAL C 253 -7.65 -34.55 8.26
CA VAL C 253 -7.40 -34.21 6.87
C VAL C 253 -6.00 -34.71 6.54
N HIS C 254 -5.91 -35.58 5.53
CA HIS C 254 -4.65 -36.25 5.21
C HIS C 254 -4.22 -35.89 3.79
N LEU C 255 -3.12 -35.16 3.68
CA LEU C 255 -2.54 -34.83 2.38
C LEU C 255 -1.27 -35.64 2.18
N SER C 256 -1.24 -36.46 1.13
CA SER C 256 -0.02 -37.14 0.72
C SER C 256 0.36 -36.81 -0.71
N GLY C 257 -0.54 -36.19 -1.47
CA GLY C 257 -0.35 -35.81 -2.85
C GLY C 257 0.02 -34.35 -2.98
N THR C 258 -0.45 -33.72 -4.05
CA THR C 258 0.00 -32.38 -4.40
C THR C 258 -1.20 -31.45 -4.54
N LEU C 259 -1.09 -30.27 -3.97
CA LEU C 259 -2.02 -29.17 -4.17
C LEU C 259 -1.22 -28.07 -4.85
N GLN C 260 -1.56 -27.79 -6.11
CA GLN C 260 -0.80 -26.86 -6.93
C GLN C 260 -1.67 -25.68 -7.33
N ALA C 261 -1.22 -24.49 -6.96
CA ALA C 261 -1.86 -23.25 -7.35
C ALA C 261 -0.77 -22.24 -7.70
N ASP C 262 0.05 -22.59 -8.68
CA ASP C 262 1.09 -21.69 -9.19
C ASP C 262 0.54 -20.81 -10.30
N ASN C 263 1.34 -19.81 -10.67
CA ASN C 263 0.97 -18.86 -11.73
C ASN C 263 2.25 -18.35 -12.36
N ALA C 264 2.58 -18.85 -13.55
CA ALA C 264 3.85 -18.51 -14.17
C ALA C 264 3.94 -17.05 -14.58
N SER C 265 2.81 -16.38 -14.80
CA SER C 265 2.81 -15.03 -15.33
CA SER C 265 2.80 -15.02 -15.33
C SER C 265 2.31 -14.00 -14.32
N GLY C 266 2.06 -14.39 -13.09
CA GLY C 266 1.58 -13.47 -12.10
C GLY C 266 1.87 -13.93 -10.70
N GLN C 267 1.08 -13.43 -9.75
CA GLN C 267 1.21 -13.83 -8.36
C GLN C 267 0.72 -15.25 -8.14
N GLY C 268 1.33 -15.93 -7.18
CA GLY C 268 0.94 -17.28 -6.85
C GLY C 268 -0.47 -17.33 -6.30
N GLY C 269 -1.07 -18.51 -6.39
CA GLY C 269 -2.41 -18.74 -5.90
C GLY C 269 -2.48 -18.88 -4.38
N LYS C 270 -3.68 -19.16 -3.89
CA LYS C 270 -3.98 -19.28 -2.48
C LYS C 270 -4.53 -20.67 -2.19
N VAL C 271 -3.89 -21.38 -1.26
CA VAL C 271 -4.30 -22.72 -0.85
C VAL C 271 -4.66 -22.66 0.62
N VAL C 272 -5.83 -23.18 0.97
CA VAL C 272 -6.33 -23.15 2.35
C VAL C 272 -6.67 -24.58 2.75
N VAL C 273 -6.07 -25.07 3.83
CA VAL C 273 -6.32 -26.42 4.33
C VAL C 273 -6.84 -26.27 5.74
N GLN C 274 -8.07 -26.71 5.96
CA GLN C 274 -8.74 -26.59 7.25
C GLN C 274 -9.22 -27.95 7.71
N GLY C 275 -9.28 -28.10 9.02
CA GLY C 275 -9.80 -29.31 9.64
C GLY C 275 -9.46 -29.25 11.10
N LYS C 276 -9.93 -30.27 11.85
CA LYS C 276 -9.61 -30.33 13.27
C LYS C 276 -8.20 -30.88 13.48
N ASN C 277 -7.84 -31.95 12.78
CA ASN C 277 -6.48 -32.44 12.71
C ASN C 277 -6.07 -32.47 11.26
N ILE C 278 -4.85 -31.99 10.97
CA ILE C 278 -4.31 -31.97 9.62
C ILE C 278 -2.95 -32.68 9.65
N LEU C 279 -2.77 -33.61 8.73
CA LEU C 279 -1.51 -34.34 8.57
C LEU C 279 -0.98 -34.13 7.15
N LEU C 280 0.12 -33.40 7.04
CA LEU C 280 0.84 -33.25 5.78
C LEU C 280 1.90 -34.34 5.76
N ASP C 281 1.70 -35.32 4.91
CA ASP C 281 2.49 -36.54 4.96
C ASP C 281 3.77 -36.39 4.17
N LYS C 282 4.67 -37.36 4.39
CA LYS C 282 5.90 -37.46 3.61
C LYS C 282 5.57 -37.52 2.14
N GLY C 283 6.26 -36.71 1.35
CA GLY C 283 6.02 -36.63 -0.06
C GLY C 283 4.95 -35.66 -0.48
N SER C 284 4.17 -35.11 0.45
CA SER C 284 3.14 -34.16 0.09
C SER C 284 3.80 -32.86 -0.38
N ASN C 285 3.07 -32.11 -1.20
CA ASN C 285 3.61 -30.94 -1.86
C ASN C 285 2.49 -29.94 -2.06
N ILE C 286 2.61 -28.78 -1.41
CA ILE C 286 1.71 -27.63 -1.59
C ILE C 286 2.55 -26.52 -2.20
N THR C 287 2.26 -26.15 -3.44
CA THR C 287 3.02 -25.15 -4.16
C THR C 287 2.11 -24.01 -4.59
N ALA C 288 2.54 -22.78 -4.34
CA ALA C 288 1.83 -21.57 -4.68
C ALA C 288 2.83 -20.51 -5.13
N THR C 289 3.67 -20.87 -6.08
CA THR C 289 4.70 -19.98 -6.60
C THR C 289 4.16 -19.13 -7.74
N GLY C 290 4.80 -17.99 -7.94
CA GLY C 290 4.38 -17.06 -8.98
C GLY C 290 5.57 -16.33 -9.57
N GLY C 291 5.48 -16.05 -10.87
CA GLY C 291 6.60 -15.39 -11.53
C GLY C 291 6.88 -14.00 -11.00
N GLN C 292 5.83 -13.27 -10.62
CA GLN C 292 5.97 -11.92 -10.11
CA GLN C 292 5.99 -11.92 -10.10
C GLN C 292 5.60 -11.82 -8.62
N GLY C 293 5.62 -12.94 -7.90
CA GLY C 293 5.30 -12.91 -6.49
C GLY C 293 4.75 -14.23 -5.99
N GLY C 294 5.17 -14.60 -4.78
CA GLY C 294 4.66 -15.82 -4.18
C GLY C 294 3.22 -15.72 -3.74
N GLY C 295 2.56 -16.87 -3.69
CA GLY C 295 1.19 -16.97 -3.24
C GLY C 295 1.08 -17.12 -1.73
N GLU C 296 0.04 -17.85 -1.32
CA GLU C 296 -0.31 -17.98 0.09
C GLU C 296 -0.79 -19.41 0.36
N VAL C 297 -0.32 -19.94 1.48
CA VAL C 297 -0.72 -21.27 1.95
C VAL C 297 -1.03 -21.18 3.43
N TYR C 298 -2.28 -21.47 3.79
CA TYR C 298 -2.72 -21.46 5.18
C TYR C 298 -3.17 -22.87 5.54
N VAL C 299 -2.55 -23.45 6.56
CA VAL C 299 -2.80 -24.82 7.01
C VAL C 299 -3.13 -24.71 8.48
N GLY C 300 -4.39 -24.95 8.81
CA GLY C 300 -4.86 -24.95 10.19
C GLY C 300 -5.33 -23.62 10.69
N GLY C 301 -5.30 -22.59 9.86
CA GLY C 301 -5.72 -21.26 10.28
C GLY C 301 -4.97 -20.21 9.49
N GLY C 302 -5.44 -18.98 9.63
CA GLY C 302 -4.74 -17.84 9.09
C GLY C 302 -3.55 -17.44 9.93
N TRP C 303 -2.90 -16.34 9.52
CA TRP C 303 -1.83 -15.76 10.32
C TRP C 303 -2.30 -15.58 11.77
N GLN C 304 -1.56 -16.19 12.70
CA GLN C 304 -1.84 -16.11 14.13
C GLN C 304 -3.25 -16.60 14.47
N GLY C 305 -3.89 -17.32 13.57
CA GLY C 305 -5.22 -17.79 13.82
C GLY C 305 -6.29 -16.72 13.85
N LYS C 306 -6.02 -15.57 13.28
CA LYS C 306 -6.96 -14.45 13.30
C LYS C 306 -7.56 -14.18 11.91
N ASP C 307 -7.88 -15.24 11.19
CA ASP C 307 -8.62 -15.18 9.93
C ASP C 307 -9.97 -15.84 10.17
N SER C 308 -11.04 -15.04 10.28
CA SER C 308 -12.35 -15.60 10.59
C SER C 308 -12.84 -16.53 9.49
N ASN C 309 -12.40 -16.33 8.26
CA ASN C 309 -12.81 -17.14 7.12
C ASN C 309 -11.98 -18.41 6.97
N ILE C 310 -11.08 -18.68 7.90
CA ILE C 310 -10.29 -19.92 7.91
C ILE C 310 -10.49 -20.60 9.26
N ARG C 311 -11.03 -21.81 9.26
CA ARG C 311 -11.22 -22.55 10.48
C ARG C 311 -9.86 -22.88 11.10
N ASN C 312 -9.77 -22.69 12.42
CA ASN C 312 -8.55 -23.03 13.14
C ASN C 312 -8.54 -24.51 13.49
N ALA C 313 -7.41 -25.16 13.25
CA ALA C 313 -7.25 -26.56 13.58
C ALA C 313 -6.88 -26.74 15.04
N ASP C 314 -7.17 -27.95 15.56
CA ASP C 314 -6.67 -28.31 16.89
C ASP C 314 -5.22 -28.81 16.83
N LYS C 315 -4.91 -29.68 15.88
CA LYS C 315 -3.56 -30.21 15.72
CA LYS C 315 -3.56 -30.21 15.72
C LYS C 315 -3.17 -30.20 14.25
N VAL C 316 -1.88 -29.88 14.01
CA VAL C 316 -1.32 -29.89 12.66
C VAL C 316 0.04 -30.57 12.72
N VAL C 317 0.23 -31.61 11.91
CA VAL C 317 1.51 -32.31 11.85
C VAL C 317 2.00 -32.27 10.41
N MET C 318 3.22 -31.79 10.20
CA MET C 318 3.84 -31.77 8.87
C MET C 318 5.09 -32.63 8.95
N GLN C 319 5.02 -33.81 8.33
CA GLN C 319 6.09 -34.78 8.44
C GLN C 319 7.32 -34.34 7.64
N GLY C 320 8.44 -34.96 7.99
CA GLY C 320 9.64 -34.81 7.17
C GLY C 320 9.38 -35.30 5.76
N GLY C 321 9.87 -34.55 4.78
CA GLY C 321 9.58 -34.87 3.40
C GLY C 321 8.38 -34.16 2.82
N ALA C 322 7.56 -33.54 3.64
CA ALA C 322 6.48 -32.71 3.16
C ALA C 322 7.02 -31.32 2.83
N ARG C 323 6.47 -30.70 1.80
CA ARG C 323 6.97 -29.39 1.42
C ARG C 323 5.84 -28.42 1.10
N ILE C 324 6.07 -27.15 1.44
CA ILE C 324 5.23 -26.02 1.08
C ILE C 324 6.13 -24.99 0.43
N ASP C 325 5.70 -24.46 -0.72
CA ASP C 325 6.46 -23.49 -1.50
C ASP C 325 5.58 -22.30 -1.86
N VAL C 326 5.96 -21.12 -1.37
CA VAL C 326 5.27 -19.87 -1.68
C VAL C 326 6.29 -18.86 -2.14
N SER C 327 7.31 -19.33 -2.84
CA SER C 327 8.36 -18.44 -3.33
C SER C 327 7.93 -17.71 -4.60
N ALA C 328 8.60 -16.60 -4.88
CA ALA C 328 8.52 -15.93 -6.16
C ALA C 328 9.62 -16.49 -7.06
N THR C 329 9.39 -16.44 -8.37
CA THR C 329 10.35 -16.97 -9.31
C THR C 329 11.19 -15.86 -9.95
N GLN C 330 10.62 -15.14 -10.91
CA GLN C 330 11.41 -14.17 -11.66
C GLN C 330 11.59 -12.88 -10.88
N GLN C 331 10.50 -12.29 -10.40
CA GLN C 331 10.54 -11.07 -9.61
C GLN C 331 9.46 -11.14 -8.53
N GLY C 332 9.52 -10.19 -7.62
CA GLY C 332 8.51 -10.06 -6.59
C GLY C 332 8.92 -10.72 -5.28
N ASN C 333 8.12 -10.47 -4.24
CA ASN C 333 8.43 -10.94 -2.92
C ASN C 333 7.94 -12.37 -2.74
N GLY C 334 8.59 -13.06 -1.81
CA GLY C 334 8.09 -14.34 -1.35
C GLY C 334 6.72 -14.22 -0.75
N GLY C 335 5.98 -15.33 -0.78
CA GLY C 335 4.60 -15.35 -0.31
C GLY C 335 4.49 -15.54 1.19
N THR C 336 3.30 -15.99 1.58
CA THR C 336 2.93 -16.25 2.97
C THR C 336 2.62 -17.73 3.15
N ALA C 337 3.16 -18.30 4.23
CA ALA C 337 2.85 -19.68 4.58
C ALA C 337 2.61 -19.75 6.08
N VAL C 338 1.53 -20.42 6.47
CA VAL C 338 1.12 -20.52 7.86
C VAL C 338 0.85 -21.97 8.22
N LEU C 339 1.47 -22.43 9.30
CA LEU C 339 1.07 -23.67 9.96
C LEU C 339 0.54 -23.24 11.31
N TRP C 340 -0.75 -23.38 11.54
CA TRP C 340 -1.37 -22.89 12.77
C TRP C 340 -2.20 -23.99 13.41
N SER C 341 -2.25 -23.97 14.74
CA SER C 341 -3.12 -24.87 15.48
C SER C 341 -3.48 -24.23 16.82
N ASP C 342 -4.50 -24.79 17.46
CA ASP C 342 -4.89 -24.34 18.80
C ASP C 342 -4.19 -25.11 19.90
N SER C 343 -3.79 -26.36 19.65
CA SER C 343 -3.23 -27.22 20.68
C SER C 343 -1.84 -27.74 20.37
N TYR C 344 -1.55 -28.15 19.13
CA TYR C 344 -0.26 -28.80 18.87
C TYR C 344 0.09 -28.69 17.40
N THR C 345 1.16 -27.95 17.09
CA THR C 345 1.75 -27.89 15.77
C THR C 345 3.10 -28.60 15.83
N ASN C 346 3.22 -29.69 15.10
CA ASN C 346 4.48 -30.41 14.95
C ASN C 346 4.99 -30.19 13.53
N PHE C 347 6.05 -29.38 13.39
CA PHE C 347 6.59 -28.99 12.10
C PHE C 347 7.94 -29.67 11.87
N HIS C 348 7.97 -30.59 10.93
CA HIS C 348 9.16 -31.32 10.53
C HIS C 348 9.45 -31.25 9.03
N GLY C 349 8.64 -30.56 8.26
CA GLY C 349 8.81 -30.49 6.82
C GLY C 349 9.63 -29.31 6.37
N GLN C 350 9.39 -28.89 5.12
CA GLN C 350 10.12 -27.78 4.52
C GLN C 350 9.18 -26.72 4.01
N ILE C 351 9.50 -25.46 4.25
CA ILE C 351 8.70 -24.31 3.81
C ILE C 351 9.65 -23.32 3.11
N GLY C 352 9.34 -23.02 1.84
CA GLY C 352 10.10 -22.07 1.03
C GLY C 352 9.26 -20.84 0.73
N ALA C 353 9.85 -19.69 0.97
CA ALA C 353 9.22 -18.41 0.69
C ALA C 353 10.24 -17.41 0.19
N LYS C 354 11.02 -17.81 -0.81
CA LYS C 354 12.10 -16.96 -1.29
C LYS C 354 11.57 -15.79 -2.12
N GLY C 355 12.39 -14.74 -2.20
CA GLY C 355 12.10 -13.65 -3.10
C GLY C 355 12.52 -13.96 -4.52
N GLY C 356 12.03 -13.15 -5.45
CA GLY C 356 12.32 -13.38 -6.85
C GLY C 356 13.81 -13.39 -7.13
N GLU C 357 14.16 -13.97 -8.27
CA GLU C 357 15.57 -14.09 -8.63
C GLU C 357 16.19 -12.74 -8.95
N THR C 358 15.42 -11.85 -9.58
CA THR C 358 15.93 -10.54 -9.97
C THR C 358 15.68 -9.46 -8.91
N GLY C 359 15.30 -9.86 -7.71
CA GLY C 359 14.98 -8.93 -6.66
C GLY C 359 13.69 -9.31 -5.95
N GLY C 360 13.46 -8.66 -4.84
CA GLY C 360 12.28 -8.97 -4.05
C GLY C 360 12.65 -9.61 -2.73
N ASN C 361 11.91 -9.27 -1.69
CA ASN C 361 12.23 -9.70 -0.34
C ASN C 361 11.73 -11.10 -0.09
N GLY C 362 12.26 -11.72 0.96
CA GLY C 362 11.74 -13.01 1.39
C GLY C 362 10.36 -12.86 1.98
N GLY C 363 9.56 -13.92 1.80
CA GLY C 363 8.19 -13.92 2.29
C GLY C 363 8.10 -14.01 3.80
N ARG C 364 6.92 -14.34 4.28
N ARG C 364 6.90 -14.29 4.28
CA ARG C 364 6.62 -14.47 5.70
CA ARG C 364 6.64 -14.46 5.70
C ARG C 364 6.15 -15.89 5.97
C ARG C 364 6.16 -15.89 5.96
N VAL C 365 6.73 -16.52 6.98
CA VAL C 365 6.42 -17.90 7.32
C VAL C 365 6.13 -17.97 8.81
N GLU C 366 5.07 -18.70 9.17
CA GLU C 366 4.68 -18.91 10.56
C GLU C 366 4.40 -20.39 10.77
N THR C 367 5.04 -20.98 11.78
CA THR C 367 4.79 -22.34 12.23
C THR C 367 4.59 -22.17 13.74
N SER C 368 3.34 -21.99 14.17
CA SER C 368 3.09 -21.59 15.54
C SER C 368 1.84 -22.28 16.06
N SER C 369 1.54 -22.04 17.34
CA SER C 369 0.42 -22.70 18.00
C SER C 369 -0.03 -21.90 19.20
N HIS C 370 -1.36 -21.84 19.41
CA HIS C 370 -1.85 -21.36 20.70
C HIS C 370 -1.39 -22.26 21.83
N GLY C 371 -1.08 -23.52 21.54
CA GLY C 371 -0.61 -24.45 22.54
C GLY C 371 0.83 -24.85 22.33
N ASN C 372 1.04 -26.13 22.03
CA ASN C 372 2.39 -26.70 21.92
C ASN C 372 2.94 -26.54 20.52
N LEU C 373 4.25 -26.31 20.44
CA LEU C 373 4.95 -26.24 19.19
C LEU C 373 6.26 -27.03 19.27
N GLN C 374 6.44 -27.95 18.32
CA GLN C 374 7.73 -28.59 18.06
C GLN C 374 8.07 -28.28 16.61
N ALA C 375 9.12 -27.47 16.40
CA ALA C 375 9.49 -26.96 15.07
C ALA C 375 10.89 -27.46 14.77
N PHE C 376 10.98 -28.53 13.99
CA PHE C 376 12.26 -29.15 13.64
C PHE C 376 12.49 -29.15 12.14
N GLY C 377 11.68 -28.44 11.37
CA GLY C 377 11.80 -28.43 9.92
C GLY C 377 12.70 -27.31 9.44
N THR C 378 12.58 -27.01 8.14
CA THR C 378 13.39 -25.99 7.50
CA THR C 378 13.39 -25.99 7.50
C THR C 378 12.50 -24.88 6.96
N VAL C 379 12.92 -23.63 7.19
CA VAL C 379 12.19 -22.47 6.69
C VAL C 379 13.21 -21.57 5.99
N SER C 380 13.02 -21.36 4.69
CA SER C 380 13.88 -20.51 3.87
C SER C 380 13.08 -19.30 3.44
N ALA C 381 13.48 -18.11 3.90
CA ALA C 381 12.74 -16.88 3.66
C ALA C 381 13.74 -15.73 3.45
N SER C 382 14.50 -15.81 2.34
CA SER C 382 15.48 -14.79 2.00
C SER C 382 15.31 -14.36 0.55
N ALA C 383 15.92 -13.22 0.23
CA ALA C 383 16.04 -12.79 -1.14
C ALA C 383 17.18 -13.55 -1.83
N ALA C 384 17.29 -13.36 -3.14
CA ALA C 384 18.33 -14.02 -3.91
C ALA C 384 19.69 -13.41 -3.60
N SER D 2 33.93 21.13 47.64
CA SER D 2 33.29 20.45 48.79
C SER D 2 31.98 19.77 48.43
N GLY D 3 31.56 19.92 47.17
CA GLY D 3 30.36 19.30 46.66
C GLY D 3 29.09 20.09 46.88
N SER D 4 29.17 21.35 47.26
CA SER D 4 27.99 22.14 47.58
CA SER D 4 27.99 22.14 47.58
C SER D 4 27.90 23.36 46.66
N PRO D 5 26.77 24.06 46.67
CA PRO D 5 26.70 25.34 45.94
C PRO D 5 27.73 26.29 46.49
N THR D 6 28.18 27.23 45.65
CA THR D 6 29.27 28.13 46.03
C THR D 6 28.91 29.56 45.66
N GLY D 7 29.56 30.50 46.34
CA GLY D 7 29.39 31.91 46.04
C GLY D 7 27.99 32.42 46.31
N GLY D 8 27.33 31.89 47.34
CA GLY D 8 25.96 32.28 47.59
C GLY D 8 25.88 33.58 48.37
N GLN D 9 24.83 34.35 48.09
CA GLN D 9 24.58 35.61 48.78
C GLN D 9 23.08 35.91 48.72
N ILE D 10 22.50 36.19 49.88
CA ILE D 10 21.08 36.54 49.95
C ILE D 10 20.96 38.01 49.54
N VAL D 11 20.33 38.26 48.39
CA VAL D 11 20.15 39.61 47.87
C VAL D 11 18.75 40.17 48.09
N ALA D 12 17.81 39.39 48.59
CA ALA D 12 16.47 39.88 48.87
C ALA D 12 15.86 38.98 49.92
N GLY D 13 15.04 39.56 50.76
CA GLY D 13 14.52 38.80 51.88
C GLY D 13 15.53 38.73 53.00
N SER D 14 15.32 37.80 53.92
CA SER D 14 16.16 37.68 55.11
C SER D 14 16.45 36.21 55.38
N GLY D 15 17.71 35.89 55.57
CA GLY D 15 18.08 34.52 55.84
C GLY D 15 19.58 34.43 56.04
N SER D 16 20.06 33.20 56.10
CA SER D 16 21.48 32.97 56.30
C SER D 16 21.88 31.66 55.63
N ILE D 17 23.08 31.65 55.06
CA ILE D 17 23.71 30.44 54.54
C ILE D 17 24.82 30.05 55.50
N GLN D 18 24.71 28.86 56.08
CA GLN D 18 25.73 28.34 56.98
C GLN D 18 26.81 27.67 56.17
N THR D 19 28.06 27.83 56.60
CA THR D 19 29.18 27.20 55.91
CA THR D 19 29.18 27.20 55.91
C THR D 19 28.92 25.69 55.80
N PRO D 20 29.13 25.08 54.63
CA PRO D 20 28.86 23.64 54.50
C PRO D 20 29.77 22.79 55.40
N SER D 21 29.16 22.12 56.37
CA SER D 21 29.88 21.27 57.32
C SER D 21 29.81 19.83 56.81
N GLY D 22 30.94 19.31 56.36
CA GLY D 22 31.00 17.95 55.88
C GLY D 22 30.31 17.74 54.56
N ASN D 23 29.11 17.15 54.61
CA ASN D 23 28.37 16.83 53.40
C ASN D 23 27.01 17.52 53.36
N GLN D 24 26.76 18.49 54.23
CA GLN D 24 25.48 19.18 54.23
C GLN D 24 25.70 20.69 54.30
N MET D 25 24.89 21.42 53.53
CA MET D 25 24.81 22.87 53.62
C MET D 25 23.39 23.23 54.06
N ASN D 26 23.26 24.03 55.10
CA ASN D 26 21.97 24.47 55.60
C ASN D 26 21.73 25.92 55.21
N ILE D 27 20.51 26.19 54.74
CA ILE D 27 20.10 27.54 54.37
C ILE D 27 18.86 27.87 55.18
N HIS D 28 19.00 28.82 56.11
CA HIS D 28 17.90 29.29 56.95
C HIS D 28 17.22 30.48 56.30
N GLN D 29 15.91 30.44 56.21
CA GLN D 29 15.12 31.53 55.66
C GLN D 29 14.22 32.08 56.76
N ASN D 30 14.20 33.40 56.90
CA ASN D 30 13.35 34.08 57.88
C ASN D 30 12.16 34.79 57.25
N SER D 31 12.34 35.33 56.05
CA SER D 31 11.27 36.01 55.34
C SER D 31 10.43 35.02 54.56
N GLN D 32 9.22 35.45 54.21
CA GLN D 32 8.32 34.58 53.46
C GLN D 32 8.85 34.28 52.07
N ASN D 33 9.56 35.23 51.45
CA ASN D 33 10.17 35.06 50.15
C ASN D 33 11.62 35.53 50.24
N MET D 34 12.53 34.76 49.70
CA MET D 34 13.97 35.04 49.76
C MET D 34 14.64 34.76 48.44
N VAL D 35 15.63 35.58 48.09
CA VAL D 35 16.40 35.44 46.85
C VAL D 35 17.86 35.18 47.19
N ALA D 36 18.44 34.21 46.54
CA ALA D 36 19.88 33.99 46.65
C ALA D 36 20.47 33.84 45.26
N ASN D 37 21.60 34.53 45.01
CA ASN D 37 22.39 34.38 43.80
C ASN D 37 23.55 33.47 44.14
N TRP D 38 23.89 32.56 43.21
CA TRP D 38 24.95 31.58 43.43
C TRP D 38 25.95 31.62 42.30
N ASN D 39 27.24 31.62 42.64
CA ASN D 39 28.25 31.37 41.62
C ASN D 39 27.97 30.05 40.93
N SER D 40 27.60 29.03 41.70
CA SER D 40 27.24 27.73 41.15
C SER D 40 26.29 27.09 42.15
N PHE D 41 25.40 26.24 41.66
CA PHE D 41 24.44 25.52 42.50
C PHE D 41 24.46 24.06 42.04
N ASP D 42 25.55 23.37 42.40
CA ASP D 42 25.65 21.93 42.22
C ASP D 42 25.60 21.25 43.59
N ILE D 43 25.11 20.01 43.60
CA ILE D 43 25.07 19.23 44.82
C ILE D 43 25.68 17.87 44.49
N GLY D 44 26.78 17.54 45.13
CA GLY D 44 27.42 16.27 44.84
C GLY D 44 26.65 15.10 45.41
N LYS D 45 26.85 13.95 44.79
CA LYS D 45 26.33 12.71 45.33
CA LYS D 45 26.34 12.70 45.33
C LYS D 45 26.81 12.52 46.75
N GLY D 46 25.88 12.20 47.64
CA GLY D 46 26.21 12.07 49.05
C GLY D 46 26.12 13.36 49.84
N ASN D 47 25.86 14.47 49.18
CA ASN D 47 25.70 15.77 49.84
C ASN D 47 24.24 16.15 49.88
N THR D 48 23.93 17.10 50.75
CA THR D 48 22.56 17.56 50.92
C THR D 48 22.55 19.07 51.12
N VAL D 49 21.61 19.72 50.45
CA VAL D 49 21.29 21.13 50.69
C VAL D 49 19.90 21.15 51.32
N GLN D 50 19.82 21.62 52.57
CA GLN D 50 18.55 21.65 53.29
C GLN D 50 18.15 23.10 53.49
N PHE D 51 16.92 23.42 53.07
CA PHE D 51 16.31 24.72 53.30
C PHE D 51 15.38 24.61 54.51
N ASP D 52 15.61 25.41 55.52
CA ASP D 52 14.72 25.52 56.67
C ASP D 52 13.95 26.82 56.55
N GLN D 53 12.65 26.73 56.29
CA GLN D 53 11.86 27.89 55.89
C GLN D 53 10.70 28.13 56.86
N PRO D 54 10.23 29.37 56.96
CA PRO D 54 9.24 29.68 58.01
C PRO D 54 7.89 29.05 57.78
N SER D 55 7.55 28.72 56.54
CA SER D 55 6.24 28.20 56.20
C SER D 55 6.40 27.21 55.07
N SER D 56 5.48 26.25 55.00
CA SER D 56 5.43 25.36 53.86
C SER D 56 5.11 26.08 52.56
N SER D 57 4.61 27.33 52.63
CA SER D 57 4.37 28.16 51.46
C SER D 57 5.47 29.20 51.22
N ALA D 58 6.46 29.31 52.10
CA ALA D 58 7.58 30.21 51.81
C ALA D 58 8.39 29.70 50.62
N VAL D 59 8.99 30.63 49.87
CA VAL D 59 9.71 30.32 48.65
C VAL D 59 11.10 30.92 48.70
N ALA D 60 12.11 30.13 48.33
CA ALA D 60 13.47 30.61 48.20
C ALA D 60 13.84 30.53 46.73
N LEU D 61 14.21 31.68 46.13
CA LEU D 61 14.70 31.72 44.77
C LEU D 61 16.21 31.56 44.79
N ASN D 62 16.72 30.62 43.98
CA ASN D 62 18.15 30.35 43.87
C ASN D 62 18.54 30.53 42.42
N ARG D 63 19.27 31.59 42.11
CA ARG D 63 19.66 31.95 40.76
C ARG D 63 21.15 31.74 40.60
N VAL D 64 21.53 31.00 39.57
CA VAL D 64 22.92 30.76 39.24
C VAL D 64 23.40 31.85 38.29
N VAL D 65 24.45 32.57 38.70
CA VAL D 65 24.98 33.69 37.94
CA VAL D 65 24.98 33.69 37.93
C VAL D 65 26.44 33.50 37.58
N GLY D 66 27.00 32.33 37.84
CA GLY D 66 28.42 32.13 37.64
C GLY D 66 28.83 31.45 36.36
N GLY D 67 27.95 30.62 35.84
CA GLY D 67 28.27 29.85 34.65
C GLY D 67 28.21 28.37 34.91
N GLY D 68 27.89 27.58 33.89
CA GLY D 68 27.82 26.14 34.05
C GLY D 68 26.44 25.59 34.36
N GLU D 69 26.01 24.57 33.62
CA GLU D 69 24.80 23.84 33.92
C GLU D 69 24.89 23.23 35.33
N SER D 70 23.77 23.26 36.03
CA SER D 70 23.74 22.80 37.41
C SER D 70 23.72 21.28 37.46
N GLN D 71 24.60 20.70 38.29
CA GLN D 71 24.74 19.25 38.45
C GLN D 71 24.17 18.88 39.81
N ILE D 72 22.95 18.36 39.79
CA ILE D 72 22.27 17.95 41.02
C ILE D 72 22.31 16.42 41.11
N MET D 73 23.34 15.88 41.77
CA MET D 73 23.42 14.44 41.97
CA MET D 73 23.45 14.44 41.97
C MET D 73 23.12 14.00 43.39
N GLY D 74 23.14 14.92 44.34
CA GLY D 74 22.87 14.64 45.74
C GLY D 74 21.42 14.94 46.09
N ASN D 75 21.20 15.42 47.31
CA ASN D 75 19.87 15.66 47.84
C ASN D 75 19.61 17.14 48.02
N LEU D 76 18.39 17.55 47.71
CA LEU D 76 17.92 18.91 47.95
C LEU D 76 16.62 18.78 48.71
N LYS D 77 16.59 19.25 49.97
CA LYS D 77 15.42 19.13 50.83
CA LYS D 77 15.44 19.11 50.84
C LYS D 77 14.96 20.49 51.31
N ALA D 78 13.64 20.63 51.48
CA ALA D 78 13.09 21.88 51.96
C ALA D 78 11.69 21.63 52.48
N ASN D 79 11.32 22.25 53.60
CA ASN D 79 9.95 22.15 54.09
C ASN D 79 9.03 23.11 53.35
N GLY D 80 9.60 24.13 52.71
CA GLY D 80 8.88 25.05 51.87
C GLY D 80 9.11 24.80 50.39
N GLN D 81 9.26 25.88 49.64
CA GLN D 81 9.28 25.83 48.19
C GLN D 81 10.58 26.47 47.70
N VAL D 82 11.05 25.96 46.58
CA VAL D 82 12.38 26.30 46.08
C VAL D 82 12.26 26.52 44.59
N PHE D 83 12.75 27.66 44.13
CA PHE D 83 12.95 27.91 42.70
C PHE D 83 14.45 27.82 42.40
N LEU D 84 14.77 27.18 41.28
CA LEU D 84 16.15 27.12 40.80
C LEU D 84 16.17 27.65 39.36
N VAL D 85 16.88 28.76 39.16
CA VAL D 85 17.02 29.38 37.85
C VAL D 85 18.48 29.26 37.43
N ASN D 86 18.71 28.62 36.32
CA ASN D 86 20.05 28.52 35.75
C ASN D 86 19.94 28.65 34.25
N PRO D 87 20.42 29.76 33.66
CA PRO D 87 20.26 29.93 32.21
C PRO D 87 20.99 28.85 31.40
N ASN D 88 21.96 28.15 32.00
CA ASN D 88 22.73 27.12 31.30
C ASN D 88 22.20 25.71 31.49
N GLY D 89 21.14 25.53 32.26
CA GLY D 89 20.44 24.26 32.35
C GLY D 89 20.64 23.59 33.70
N VAL D 90 19.96 22.46 33.86
CA VAL D 90 20.00 21.68 35.09
C VAL D 90 19.96 20.22 34.70
N LEU D 91 20.80 19.42 35.34
CA LEU D 91 20.82 17.97 35.22
C LEU D 91 20.63 17.37 36.60
N PHE D 92 19.55 16.63 36.79
CA PHE D 92 19.31 15.84 38.00
C PHE D 92 19.78 14.43 37.70
N GLY D 93 20.87 14.04 38.34
CA GLY D 93 21.48 12.74 38.10
C GLY D 93 20.63 11.59 38.62
N GLU D 94 21.05 10.37 38.26
CA GLU D 94 20.22 9.20 38.53
C GLU D 94 20.01 8.97 40.02
N GLY D 95 20.95 9.40 40.84
CA GLY D 95 20.80 9.31 42.27
C GLY D 95 20.26 10.54 42.97
N ALA D 96 19.84 11.54 42.21
CA ALA D 96 19.39 12.81 42.78
C ALA D 96 18.01 12.64 43.42
N SER D 97 17.79 13.41 44.48
CA SER D 97 16.52 13.42 45.19
C SER D 97 16.23 14.86 45.62
N VAL D 98 15.15 15.43 45.08
CA VAL D 98 14.66 16.76 45.42
C VAL D 98 13.30 16.56 46.06
N SER D 99 13.16 16.99 47.32
CA SER D 99 11.94 16.82 48.10
CA SER D 99 11.94 16.81 48.11
C SER D 99 11.60 18.15 48.76
N THR D 100 10.49 18.74 48.33
CA THR D 100 10.05 20.04 48.80
C THR D 100 8.53 20.05 48.85
N SER D 101 7.98 21.21 49.21
CA SER D 101 6.55 21.46 49.06
CA SER D 101 6.55 21.46 49.07
C SER D 101 6.21 22.16 47.77
N GLY D 102 7.20 22.39 46.90
CA GLY D 102 6.98 23.07 45.65
C GLY D 102 8.34 23.38 45.05
N PHE D 103 8.52 23.13 43.76
CA PHE D 103 9.84 23.20 43.17
C PHE D 103 9.71 23.63 41.73
N VAL D 104 10.45 24.67 41.37
CA VAL D 104 10.58 25.10 39.99
C VAL D 104 12.04 24.99 39.60
N ALA D 105 12.32 24.47 38.39
CA ALA D 105 13.63 24.58 37.76
C ALA D 105 13.41 25.19 36.38
N SER D 106 14.04 26.34 36.11
CA SER D 106 13.80 27.06 34.87
C SER D 106 15.11 27.60 34.33
N THR D 107 15.27 27.56 33.03
CA THR D 107 16.34 28.29 32.37
C THR D 107 15.97 29.74 32.06
N ARG D 108 14.70 30.10 32.28
CA ARG D 108 14.20 31.46 32.12
C ARG D 108 14.27 32.19 33.45
N ASP D 109 14.58 33.48 33.39
CA ASP D 109 14.81 34.25 34.60
C ASP D 109 13.52 34.91 35.09
N ILE D 110 13.57 35.39 36.33
CA ILE D 110 12.46 36.13 36.94
C ILE D 110 13.06 37.32 37.70
N LYS D 111 12.43 38.48 37.56
CA LYS D 111 12.95 39.68 38.22
C LYS D 111 12.82 39.55 39.74
N ASN D 112 13.81 40.07 40.46
CA ASN D 112 13.76 40.03 41.92
C ASN D 112 12.49 40.67 42.46
N ASP D 113 12.16 41.88 41.97
CA ASP D 113 10.98 42.59 42.46
CA ASP D 113 10.99 42.58 42.48
C ASP D 113 9.71 41.79 42.24
N ASP D 114 9.59 41.15 41.07
CA ASP D 114 8.41 40.33 40.80
C ASP D 114 8.32 39.17 41.77
N PHE D 115 9.43 38.44 41.93
CA PHE D 115 9.44 37.27 42.80
C PHE D 115 9.07 37.67 44.24
N MET D 116 9.63 38.78 44.72
CA MET D 116 9.35 39.20 46.10
C MET D 116 7.93 39.71 46.24
N ASN D 117 7.28 40.05 45.13
CA ASN D 117 5.87 40.43 45.12
CA ASN D 117 5.87 40.43 45.14
C ASN D 117 4.97 39.26 44.79
N ARG D 118 5.50 38.05 44.71
CA ARG D 118 4.77 36.84 44.37
C ARG D 118 4.17 36.89 42.97
N ARG D 119 4.87 37.57 42.07
CA ARG D 119 4.57 37.56 40.63
CA ARG D 119 4.53 37.54 40.63
C ARG D 119 5.53 36.59 39.98
N TYR D 120 5.11 35.33 39.83
CA TYR D 120 6.01 34.27 39.36
C TYR D 120 5.89 34.10 37.86
N THR D 121 6.48 35.05 37.13
CA THR D 121 6.56 35.01 35.68
C THR D 121 8.03 34.89 35.27
N PHE D 122 8.34 33.88 34.47
CA PHE D 122 9.69 33.55 34.06
C PHE D 122 9.82 33.78 32.57
N SER D 123 10.95 34.38 32.17
CA SER D 123 11.23 34.62 30.75
C SER D 123 12.59 35.26 30.55
N GLY D 124 13.25 34.95 29.44
CA GLY D 124 14.46 35.63 29.05
C GLY D 124 15.71 35.15 29.78
N GLY D 125 16.85 35.33 29.14
CA GLY D 125 18.13 35.05 29.75
C GLY D 125 18.70 33.67 29.47
N GLN D 126 17.88 32.74 29.01
CA GLN D 126 18.37 31.39 28.75
C GLN D 126 19.44 31.40 27.67
N LYS D 127 20.34 30.43 27.76
CA LYS D 127 21.39 30.24 26.76
C LYS D 127 20.99 29.18 25.75
N ALA D 128 21.60 29.27 24.56
CA ALA D 128 21.36 28.27 23.53
C ALA D 128 21.74 26.89 24.06
N GLY D 129 20.94 25.91 23.71
CA GLY D 129 21.17 24.54 24.10
C GLY D 129 20.86 24.19 25.55
N ALA D 130 20.40 25.15 26.35
CA ALA D 130 20.13 24.88 27.75
C ALA D 130 18.88 24.02 27.93
N ALA D 131 19.01 22.92 28.67
CA ALA D 131 17.92 22.01 28.92
C ALA D 131 17.80 21.69 30.41
N ILE D 132 16.65 21.14 30.78
CA ILE D 132 16.46 20.54 32.09
C ILE D 132 16.19 19.06 31.87
N VAL D 133 17.05 18.22 32.43
CA VAL D 133 16.93 16.77 32.31
C VAL D 133 16.88 16.18 33.71
N ASN D 134 15.84 15.40 33.97
CA ASN D 134 15.72 14.71 35.25
C ASN D 134 15.92 13.22 35.02
N GLN D 135 16.98 12.67 35.59
CA GLN D 135 17.18 11.23 35.65
C GLN D 135 16.95 10.68 37.05
N GLY D 136 16.71 11.54 38.02
CA GLY D 136 16.54 11.10 39.39
C GLY D 136 15.10 11.18 39.86
N GLU D 137 14.89 11.51 41.13
CA GLU D 137 13.56 11.52 41.73
CA GLU D 137 13.57 11.52 41.74
C GLU D 137 13.26 12.93 42.21
N LEU D 138 12.16 13.51 41.70
CA LEU D 138 11.67 14.81 42.14
C LEU D 138 10.31 14.58 42.77
N THR D 139 10.15 14.96 44.04
CA THR D 139 8.93 14.68 44.76
C THR D 139 8.52 15.90 45.58
N THR D 140 7.20 16.06 45.74
CA THR D 140 6.67 17.07 46.64
C THR D 140 5.77 16.43 47.68
N ASN D 141 5.66 17.09 48.83
CA ASN D 141 4.60 16.81 49.78
C ASN D 141 3.26 16.99 49.11
N ALA D 142 2.24 16.35 49.67
CA ALA D 142 0.90 16.42 49.08
C ALA D 142 0.47 17.86 48.87
N GLY D 143 -0.12 18.12 47.71
CA GLY D 143 -0.59 19.44 47.36
C GLY D 143 0.42 20.30 46.66
N GLY D 144 1.67 19.85 46.56
CA GLY D 144 2.72 20.67 46.03
C GLY D 144 2.82 20.53 44.53
N TYR D 145 3.75 21.28 43.95
CA TYR D 145 3.92 21.32 42.50
C TYR D 145 5.37 21.11 42.12
N ILE D 146 5.60 20.67 40.89
CA ILE D 146 6.92 20.65 40.27
C ILE D 146 6.72 21.21 38.87
N VAL D 147 7.49 22.25 38.54
CA VAL D 147 7.50 22.87 37.22
C VAL D 147 8.95 22.81 36.69
N LEU D 148 9.12 22.25 35.50
CA LEU D 148 10.38 22.32 34.77
C LEU D 148 10.11 23.07 33.49
N ALA D 149 10.75 24.23 33.31
CA ALA D 149 10.57 25.05 32.12
C ALA D 149 11.91 25.34 31.46
N ALA D 150 12.03 24.96 30.19
CA ALA D 150 13.25 25.18 29.42
C ALA D 150 12.91 24.95 27.96
N ASP D 151 13.86 25.29 27.08
CA ASP D 151 13.68 24.99 25.65
C ASP D 151 13.47 23.49 25.42
N ARG D 152 14.17 22.67 26.20
CA ARG D 152 14.07 21.21 26.15
CA ARG D 152 14.07 21.22 26.14
C ARG D 152 13.96 20.70 27.58
N VAL D 153 12.94 19.91 27.84
CA VAL D 153 12.69 19.30 29.13
C VAL D 153 12.54 17.82 28.89
N SER D 154 13.36 17.01 29.57
CA SER D 154 13.35 15.56 29.44
C SER D 154 13.30 14.93 30.80
N ASN D 155 12.38 13.98 31.00
CA ASN D 155 12.29 13.24 32.25
C ASN D 155 12.45 11.74 31.96
N SER D 156 13.61 11.18 32.35
CA SER D 156 13.81 9.74 32.32
CA SER D 156 13.82 9.74 32.32
C SER D 156 13.67 9.11 33.70
N GLY D 157 13.57 9.92 34.73
CA GLY D 157 13.42 9.43 36.10
C GLY D 157 11.98 9.44 36.55
N THR D 158 11.78 9.84 37.80
CA THR D 158 10.45 9.86 38.40
C THR D 158 10.13 11.26 38.92
N ILE D 159 8.89 11.69 38.66
CA ILE D 159 8.41 12.97 39.20
C ILE D 159 7.07 12.70 39.84
N ARG D 160 6.92 13.03 41.13
CA ARG D 160 5.72 12.71 41.89
CA ARG D 160 5.73 12.69 41.92
C ARG D 160 5.20 13.96 42.58
N THR D 161 3.94 14.28 42.32
CA THR D 161 3.26 15.44 42.91
C THR D 161 1.88 14.99 43.37
N PRO D 162 1.79 14.18 44.42
CA PRO D 162 0.46 13.73 44.89
C PRO D 162 -0.41 14.91 45.28
N GLY D 163 -1.67 14.87 44.84
CA GLY D 163 -2.63 15.90 45.17
C GLY D 163 -2.23 17.25 44.62
N GLY D 164 -1.21 17.28 43.82
CA GLY D 164 -0.66 18.53 43.32
C GLY D 164 -0.60 18.56 41.80
N LYS D 165 0.37 19.29 41.28
CA LYS D 165 0.44 19.51 39.84
C LYS D 165 1.89 19.36 39.38
N THR D 166 2.09 18.74 38.24
CA THR D 166 3.38 18.68 37.57
C THR D 166 3.19 19.31 36.20
N VAL D 167 4.07 20.26 35.89
CA VAL D 167 4.12 20.98 34.62
C VAL D 167 5.51 20.83 34.03
N LEU D 168 5.58 20.31 32.80
CA LEU D 168 6.77 20.35 31.97
C LEU D 168 6.45 21.25 30.79
N ALA D 169 7.15 22.39 30.70
CA ALA D 169 6.83 23.41 29.71
C ALA D 169 8.05 23.85 28.91
N ALA D 170 7.95 23.76 27.58
CA ALA D 170 8.91 24.35 26.66
C ALA D 170 8.19 25.51 26.00
N SER D 171 8.56 26.74 26.38
CA SER D 171 7.89 27.96 25.92
C SER D 171 8.76 29.15 26.30
N GLU D 172 8.52 30.27 25.62
CA GLU D 172 9.30 31.48 25.88
C GLU D 172 8.97 32.05 27.26
N ARG D 173 7.70 31.99 27.67
CA ARG D 173 7.27 32.56 28.93
C ARG D 173 6.43 31.54 29.69
N ILE D 174 6.58 31.52 31.00
CA ILE D 174 5.70 30.74 31.88
C ILE D 174 5.39 31.58 33.11
N THR D 175 4.11 31.58 33.50
CA THR D 175 3.65 32.30 34.68
C THR D 175 2.94 31.31 35.60
N LEU D 176 3.29 31.33 36.88
CA LEU D 176 2.70 30.48 37.88
C LEU D 176 1.87 31.32 38.85
N GLN D 177 0.66 30.86 39.13
CA GLN D 177 -0.22 31.49 40.11
CA GLN D 177 -0.22 31.49 40.11
C GLN D 177 -0.33 30.55 41.30
N LEU D 178 0.23 30.96 42.44
CA LEU D 178 0.30 30.14 43.63
C LEU D 178 -0.76 30.59 44.63
N ASP D 179 -1.63 29.67 45.04
CA ASP D 179 -2.67 29.92 46.02
C ASP D 179 -2.49 28.96 47.19
N ASN D 180 -2.25 29.51 48.39
CA ASN D 180 -2.15 28.71 49.61
C ASN D 180 -1.04 27.67 49.47
N GLY D 181 0.05 28.07 48.83
CA GLY D 181 1.17 27.18 48.58
C GLY D 181 0.96 26.20 47.44
N GLY D 182 -0.22 26.18 46.83
CA GLY D 182 -0.47 25.29 45.73
C GLY D 182 -0.48 25.99 44.39
N LEU D 183 -0.29 25.22 43.32
CA LEU D 183 -0.25 25.76 41.98
C LEU D 183 -1.69 25.87 41.49
N MET D 184 -2.19 27.09 41.41
CA MET D 184 -3.59 27.26 41.02
CA MET D 184 -3.59 27.29 41.02
C MET D 184 -3.77 27.18 39.51
N SER D 185 -2.88 27.80 38.76
CA SER D 185 -2.97 27.77 37.29
C SER D 185 -1.62 28.17 36.73
N VAL D 186 -1.43 27.86 35.45
CA VAL D 186 -0.19 28.18 34.74
CA VAL D 186 -0.20 28.19 34.74
CA VAL D 186 -0.20 28.19 34.74
C VAL D 186 -0.56 28.74 33.38
N GLN D 187 0.16 29.78 32.95
CA GLN D 187 0.01 30.35 31.62
C GLN D 187 1.34 30.21 30.90
N VAL D 188 1.35 29.52 29.76
CA VAL D 188 2.56 29.34 28.97
C VAL D 188 2.30 29.91 27.60
N THR D 189 3.16 30.83 27.16
CA THR D 189 2.98 31.51 25.89
C THR D 189 4.33 31.65 25.21
N GLY D 190 4.27 31.79 23.87
CA GLY D 190 5.44 32.05 23.06
C GLY D 190 6.13 30.80 22.61
N ASP D 191 6.32 30.65 21.30
CA ASP D 191 6.99 29.46 20.79
C ASP D 191 8.50 29.61 20.91
N VAL D 192 9.18 28.47 20.94
CA VAL D 192 10.63 28.42 21.03
CA VAL D 192 10.63 28.39 21.05
C VAL D 192 11.13 27.42 20.00
N VAL D 193 12.22 27.76 19.33
CA VAL D 193 12.76 26.87 18.31
C VAL D 193 13.32 25.61 18.97
N ASN D 194 13.08 24.47 18.33
CA ASN D 194 13.47 23.17 18.88
C ASN D 194 12.87 22.92 20.25
N ALA D 195 11.63 23.36 20.45
CA ALA D 195 10.94 23.07 21.69
C ALA D 195 10.74 21.57 21.80
N LEU D 196 11.01 21.02 22.97
CA LEU D 196 10.77 19.60 23.18
C LEU D 196 10.49 19.34 24.65
N VAL D 197 9.43 18.59 24.92
CA VAL D 197 9.13 18.03 26.23
C VAL D 197 9.01 16.53 26.01
N GLU D 198 9.81 15.75 26.72
CA GLU D 198 9.80 14.30 26.57
C GLU D 198 9.76 13.64 27.93
N ASN D 199 9.03 12.53 28.01
CA ASN D 199 8.90 11.75 29.25
C ASN D 199 9.15 10.28 28.94
N ARG D 200 10.37 9.83 29.16
CA ARG D 200 10.69 8.42 29.07
CA ARG D 200 10.69 8.42 29.07
C ARG D 200 10.43 7.68 30.38
N GLY D 201 10.37 8.39 31.48
CA GLY D 201 10.17 7.81 32.80
C GLY D 201 8.74 7.93 33.27
N LEU D 202 8.56 8.28 34.55
CA LEU D 202 7.25 8.32 35.18
C LEU D 202 6.95 9.71 35.72
N VAL D 203 5.78 10.21 35.38
CA VAL D 203 5.23 11.43 35.95
C VAL D 203 3.94 10.99 36.61
N SER D 204 3.84 11.18 37.92
CA SER D 204 2.68 10.75 38.70
C SER D 204 2.17 11.89 39.55
N ALA D 205 0.88 12.26 39.37
CA ALA D 205 0.21 13.24 40.19
C ALA D 205 -1.10 12.60 40.66
N ARG D 206 -1.00 11.64 41.59
CA ARG D 206 -2.19 10.97 42.09
C ARG D 206 -3.15 11.98 42.72
N ASP D 207 -4.40 11.93 42.29
CA ASP D 207 -5.41 12.91 42.69
C ASP D 207 -4.98 14.33 42.33
N GLY D 208 -4.13 14.46 41.29
CA GLY D 208 -3.61 15.74 40.89
C GLY D 208 -3.73 15.93 39.39
N GLN D 209 -2.88 16.79 38.82
CA GLN D 209 -2.89 17.14 37.41
C GLN D 209 -1.47 17.14 36.85
N VAL D 210 -1.34 16.65 35.63
CA VAL D 210 -0.11 16.74 34.87
C VAL D 210 -0.41 17.54 33.62
N TYR D 211 0.40 18.56 33.35
CA TYR D 211 0.31 19.40 32.16
C TYR D 211 1.66 19.40 31.45
N LEU D 212 1.67 18.89 30.24
CA LEU D 212 2.88 18.84 29.43
C LEU D 212 2.60 19.69 28.21
N THR D 213 3.41 20.74 28.00
CA THR D 213 3.15 21.67 26.92
C THR D 213 4.47 22.06 26.26
N ALA D 214 4.48 21.99 24.92
CA ALA D 214 5.63 22.40 24.13
C ALA D 214 5.10 23.24 22.99
N LEU D 215 5.63 24.47 22.87
CA LEU D 215 5.28 25.42 21.81
C LEU D 215 6.53 25.65 20.97
N GLY D 216 6.64 24.95 19.84
CA GLY D 216 7.76 25.12 18.95
C GLY D 216 7.36 25.93 17.72
N ARG D 217 8.38 26.28 16.92
CA ARG D 217 8.20 26.99 15.66
CA ARG D 217 8.19 26.97 15.66
C ARG D 217 9.08 26.35 14.59
N GLY D 218 8.50 26.10 13.43
N GLY D 218 8.54 26.17 13.40
CA GLY D 218 9.18 25.39 12.37
CA GLY D 218 9.33 25.70 12.28
C GLY D 218 8.19 24.81 11.37
C GLY D 218 9.78 24.26 12.40
N MET D 219 7.06 24.35 11.89
N MET D 219 8.91 23.37 12.88
CA MET D 219 5.92 23.89 11.09
CA MET D 219 9.27 21.97 13.08
C MET D 219 6.20 22.62 10.29
C MET D 219 8.97 21.11 11.86
N LEU D 220 7.32 21.94 10.54
N LEU D 220 8.10 21.55 10.96
CA LEU D 220 7.61 20.67 9.88
CA LEU D 220 7.57 20.69 9.91
C LEU D 220 7.05 19.54 10.75
C LEU D 220 6.93 19.46 10.55
N MET D 221 7.71 18.38 10.69
CA MET D 221 7.23 17.17 11.36
C MET D 221 8.11 16.76 12.53
N ASN D 222 8.92 17.67 13.06
CA ASN D 222 9.72 17.35 14.23
C ASN D 222 8.83 17.17 15.46
N THR D 223 9.20 16.20 16.31
CA THR D 223 8.49 15.98 17.56
C THR D 223 8.69 17.14 18.50
N VAL D 224 7.58 17.68 19.03
CA VAL D 224 7.65 18.69 20.09
C VAL D 224 7.24 18.10 21.45
N LEU D 225 6.46 17.03 21.48
CA LEU D 225 6.02 16.38 22.71
C LEU D 225 6.09 14.88 22.50
N ASN D 226 6.89 14.20 23.30
CA ASN D 226 7.11 12.76 23.15
C ASN D 226 6.93 12.10 24.50
N VAL D 227 5.96 11.19 24.60
CA VAL D 227 5.72 10.44 25.83
C VAL D 227 5.86 8.97 25.49
N SER D 228 7.02 8.37 25.83
CA SER D 228 7.21 6.93 25.69
C SER D 228 7.06 6.22 27.03
N GLY D 229 7.05 6.97 28.12
CA GLY D 229 6.95 6.43 29.45
C GLY D 229 5.53 6.38 29.98
N VAL D 230 5.34 6.72 31.25
CA VAL D 230 4.03 6.69 31.91
C VAL D 230 3.73 8.07 32.49
N VAL D 231 2.55 8.59 32.16
CA VAL D 231 2.02 9.79 32.79
C VAL D 231 0.74 9.35 33.46
N GLU D 232 0.66 9.52 34.79
CA GLU D 232 -0.45 8.99 35.58
C GLU D 232 -0.99 10.08 36.51
N ALA D 233 -2.29 10.28 36.43
CA ALA D 233 -3.00 11.20 37.32
C ALA D 233 -4.32 10.56 37.70
N SER D 234 -4.25 9.35 38.24
CA SER D 234 -5.46 8.66 38.68
C SER D 234 -6.07 9.36 39.87
N GLY D 235 -7.40 9.36 39.92
CA GLY D 235 -8.10 9.99 41.01
C GLY D 235 -9.33 10.71 40.51
N MET D 236 -9.81 11.66 41.30
CA MET D 236 -11.05 12.35 41.00
CA MET D 236 -11.05 12.35 41.00
C MET D 236 -10.98 13.01 39.62
N HIS D 237 -12.03 12.81 38.83
CA HIS D 237 -12.23 13.49 37.56
C HIS D 237 -12.11 15.00 37.76
N ARG D 238 -11.36 15.66 36.90
CA ARG D 238 -11.20 17.11 36.93
CA ARG D 238 -11.21 17.11 36.93
C ARG D 238 -11.72 17.68 35.62
N GLN D 239 -12.65 18.63 35.72
CA GLN D 239 -13.26 19.22 34.54
C GLN D 239 -12.21 19.86 33.65
N ASP D 240 -11.16 20.44 34.24
CA ASP D 240 -10.10 21.09 33.49
C ASP D 240 -9.02 20.12 33.05
N GLY D 241 -9.22 18.83 33.28
CA GLY D 241 -8.25 17.85 32.84
C GLY D 241 -7.35 17.29 33.92
N ASN D 242 -7.29 15.96 34.04
CA ASN D 242 -6.31 15.29 34.89
C ASN D 242 -4.94 15.20 34.21
N ILE D 243 -4.92 14.90 32.91
CA ILE D 243 -3.70 14.89 32.12
C ILE D 243 -3.96 15.73 30.89
N VAL D 244 -3.21 16.80 30.73
CA VAL D 244 -3.34 17.69 29.58
C VAL D 244 -2.00 17.74 28.86
N LEU D 245 -1.99 17.34 27.60
CA LEU D 245 -0.87 17.51 26.68
C LEU D 245 -1.26 18.59 25.66
N ASP D 246 -0.36 19.53 25.47
CA ASP D 246 -0.55 20.58 24.48
C ASP D 246 0.74 20.67 23.69
N GLY D 247 0.66 20.37 22.39
CA GLY D 247 1.79 20.48 21.51
C GLY D 247 1.88 21.74 20.69
N GLY D 248 1.05 22.73 20.95
CA GLY D 248 1.12 23.97 20.20
C GLY D 248 0.52 23.81 18.82
N ASP D 249 0.80 24.81 17.97
CA ASP D 249 0.28 24.86 16.61
C ASP D 249 1.33 24.44 15.58
N SER D 250 2.35 23.70 16.00
CA SER D 250 3.41 23.28 15.10
C SER D 250 4.05 22.01 15.64
N GLY D 251 4.40 21.10 14.74
CA GLY D 251 5.10 19.90 15.13
C GLY D 251 4.18 18.75 15.45
N VAL D 252 4.78 17.71 16.04
CA VAL D 252 4.14 16.41 16.22
C VAL D 252 4.09 16.11 17.70
N VAL D 253 2.95 15.59 18.14
CA VAL D 253 2.79 15.00 19.46
C VAL D 253 2.80 13.49 19.28
N HIS D 254 3.74 12.81 19.95
CA HIS D 254 3.93 11.37 19.79
C HIS D 254 3.75 10.67 21.12
N LEU D 255 2.77 9.77 21.18
CA LEU D 255 2.52 8.95 22.36
C LEU D 255 2.79 7.49 22.01
N SER D 256 3.84 6.91 22.59
CA SER D 256 4.05 5.46 22.53
C SER D 256 3.82 4.80 23.88
N GLY D 257 3.73 5.55 24.95
CA GLY D 257 3.58 5.02 26.31
C GLY D 257 2.15 5.09 26.80
N THR D 258 1.99 5.47 28.06
CA THR D 258 0.69 5.39 28.70
C THR D 258 0.32 6.72 29.36
N LEU D 259 -0.93 7.13 29.14
CA LEU D 259 -1.58 8.21 29.88
C LEU D 259 -2.73 7.59 30.66
N GLN D 260 -2.61 7.62 31.99
CA GLN D 260 -3.52 6.92 32.89
C GLN D 260 -4.22 7.90 33.82
N ALA D 261 -5.54 7.95 33.72
CA ALA D 261 -6.37 8.75 34.60
C ALA D 261 -7.60 7.92 34.99
N ASP D 262 -7.33 6.80 35.66
CA ASP D 262 -8.38 5.92 36.13
C ASP D 262 -8.83 6.30 37.54
N ASN D 263 -9.95 5.68 37.96
CA ASN D 263 -10.50 5.94 39.30
C ASN D 263 -11.30 4.70 39.72
N ALA D 264 -10.64 3.81 40.46
CA ALA D 264 -11.26 2.50 40.72
C ALA D 264 -12.58 2.65 41.48
N SER D 265 -12.70 3.67 42.32
CA SER D 265 -13.86 3.81 43.19
C SER D 265 -14.80 4.92 42.76
N GLY D 266 -14.56 5.56 41.62
CA GLY D 266 -15.40 6.66 41.17
C GLY D 266 -15.43 6.70 39.66
N GLN D 267 -15.57 7.89 39.12
CA GLN D 267 -15.56 8.08 37.68
C GLN D 267 -14.14 8.33 37.16
N GLY D 268 -13.89 7.82 35.96
CA GLY D 268 -12.60 8.03 35.34
C GLY D 268 -12.31 9.50 35.11
N GLY D 269 -11.02 9.80 35.00
CA GLY D 269 -10.57 11.17 34.82
C GLY D 269 -10.67 11.66 33.38
N LYS D 270 -10.10 12.84 33.14
CA LYS D 270 -10.15 13.51 31.85
C LYS D 270 -8.73 13.61 31.30
N VAL D 271 -8.52 13.09 30.10
CA VAL D 271 -7.26 13.18 29.38
C VAL D 271 -7.48 14.00 28.13
N VAL D 272 -6.71 15.08 27.96
CA VAL D 272 -6.77 15.91 26.76
C VAL D 272 -5.42 15.88 26.08
N VAL D 273 -5.41 15.60 24.78
CA VAL D 273 -4.18 15.55 23.98
C VAL D 273 -4.37 16.49 22.79
N GLN D 274 -3.63 17.58 22.78
CA GLN D 274 -3.74 18.62 21.78
C GLN D 274 -2.44 18.77 21.02
N GLY D 275 -2.56 19.23 19.78
CA GLY D 275 -1.39 19.52 18.97
C GLY D 275 -1.78 19.68 17.53
N LYS D 276 -0.81 20.12 16.73
CA LYS D 276 -1.04 20.26 15.29
C LYS D 276 -1.17 18.88 14.63
N ASN D 277 -0.19 18.01 14.84
CA ASN D 277 -0.25 16.61 14.43
C ASN D 277 -0.09 15.73 15.67
N ILE D 278 -0.89 14.69 15.76
CA ILE D 278 -0.87 13.79 16.91
C ILE D 278 -0.77 12.36 16.38
N LEU D 279 0.19 11.61 16.92
N LEU D 279 0.18 11.60 16.93
CA LEU D 279 0.40 10.21 16.56
CA LEU D 279 0.42 10.20 16.56
C LEU D 279 0.30 9.34 17.81
C LEU D 279 0.28 9.35 17.82
N LEU D 280 -0.72 8.48 17.85
CA LEU D 280 -0.89 7.47 18.90
C LEU D 280 -0.32 6.17 18.34
N ASP D 281 0.93 5.89 18.69
CA ASP D 281 1.66 4.79 18.07
C ASP D 281 1.20 3.45 18.65
N LYS D 282 1.58 2.38 17.97
CA LYS D 282 1.34 1.03 18.48
C LYS D 282 1.92 0.91 19.89
N GLY D 283 1.19 0.21 20.74
CA GLY D 283 1.56 0.09 22.14
C GLY D 283 1.12 1.23 23.02
N SER D 284 0.68 2.35 22.46
CA SER D 284 0.26 3.47 23.29
C SER D 284 -1.08 3.14 23.93
N ASN D 285 -1.35 3.78 25.07
CA ASN D 285 -2.48 3.41 25.91
C ASN D 285 -2.94 4.65 26.66
N ILE D 286 -4.19 5.04 26.40
CA ILE D 286 -4.85 6.15 27.10
C ILE D 286 -6.04 5.55 27.85
N THR D 287 -5.92 5.46 29.16
CA THR D 287 -6.92 4.78 29.97
C THR D 287 -7.50 5.77 30.95
N ALA D 288 -8.82 5.94 30.92
CA ALA D 288 -9.55 6.81 31.83
C ALA D 288 -10.81 6.06 32.26
N THR D 289 -10.60 4.89 32.84
CA THR D 289 -11.72 4.06 33.27
C THR D 289 -12.09 4.40 34.72
N GLY D 290 -13.32 4.02 35.10
CA GLY D 290 -13.76 4.26 36.45
C GLY D 290 -14.70 3.17 36.91
N GLY D 291 -14.62 2.81 38.18
CA GLY D 291 -15.54 1.82 38.70
C GLY D 291 -16.99 2.27 38.58
N GLN D 292 -17.24 3.56 38.82
CA GLN D 292 -18.57 4.14 38.82
CA GLN D 292 -18.57 4.13 38.82
C GLN D 292 -18.91 4.81 37.50
N GLY D 293 -18.00 4.78 36.55
CA GLY D 293 -18.26 5.43 35.27
C GLY D 293 -16.99 5.77 34.53
N GLY D 294 -17.02 5.63 33.20
CA GLY D 294 -15.86 5.97 32.39
C GLY D 294 -15.66 7.47 32.32
N GLY D 295 -14.41 7.86 32.13
CA GLY D 295 -14.00 9.26 32.03
C GLY D 295 -14.06 9.74 30.61
N GLU D 296 -13.23 10.75 30.30
CA GLU D 296 -13.26 11.45 29.02
C GLU D 296 -11.86 11.49 28.44
N VAL D 297 -11.76 11.20 27.15
CA VAL D 297 -10.50 11.28 26.42
C VAL D 297 -10.76 12.07 25.15
N TYR D 298 -10.10 13.21 25.01
CA TYR D 298 -10.23 14.08 23.85
C TYR D 298 -8.88 14.20 23.18
N VAL D 299 -8.81 13.78 21.90
CA VAL D 299 -7.56 13.73 21.14
C VAL D 299 -7.79 14.50 19.85
N GLY D 300 -7.25 15.72 19.76
CA GLY D 300 -7.33 16.52 18.55
C GLY D 300 -8.47 17.51 18.54
N GLY D 301 -9.21 17.61 19.63
CA GLY D 301 -10.36 18.50 19.68
C GLY D 301 -11.46 17.92 20.55
N GLY D 302 -12.43 18.77 20.91
CA GLY D 302 -13.60 18.29 21.59
C GLY D 302 -14.51 17.58 20.63
N TRP D 303 -15.67 17.15 21.16
CA TRP D 303 -16.72 16.55 20.35
C TRP D 303 -17.06 17.46 19.18
N GLN D 304 -16.87 16.94 17.96
CA GLN D 304 -17.07 17.70 16.72
C GLN D 304 -16.22 18.97 16.68
N GLY D 305 -15.15 19.01 17.46
CA GLY D 305 -14.24 20.13 17.42
C GLY D 305 -14.81 21.43 17.93
N LYS D 306 -15.88 21.39 18.72
CA LYS D 306 -16.58 22.59 19.17
C LYS D 306 -16.38 22.88 20.65
N ASP D 307 -15.20 22.53 21.18
CA ASP D 307 -14.79 22.91 22.53
C ASP D 307 -13.63 23.89 22.40
N SER D 308 -13.91 25.18 22.63
CA SER D 308 -12.89 26.21 22.44
C SER D 308 -11.73 26.04 23.39
N ASN D 309 -11.92 25.35 24.50
CA ASN D 309 -10.84 25.10 25.45
C ASN D 309 -9.97 23.91 25.08
N ILE D 310 -10.22 23.28 23.94
CA ILE D 310 -9.40 22.19 23.44
C ILE D 310 -8.98 22.54 22.02
N ARG D 311 -7.69 22.71 21.81
CA ARG D 311 -7.17 23.07 20.50
C ARG D 311 -7.50 21.96 19.49
N ASN D 312 -8.00 22.35 18.32
CA ASN D 312 -8.32 21.39 17.27
C ASN D 312 -7.07 21.05 16.49
N ALA D 313 -6.80 19.75 16.34
CA ALA D 313 -5.65 19.29 15.57
C ALA D 313 -5.97 19.35 14.08
N ASP D 314 -4.91 19.37 13.27
CA ASP D 314 -5.01 19.25 11.83
C ASP D 314 -5.05 17.79 11.39
N LYS D 315 -4.19 16.95 11.98
CA LYS D 315 -4.12 15.54 11.63
CA LYS D 315 -4.08 15.54 11.62
C LYS D 315 -3.99 14.72 12.90
N VAL D 316 -4.70 13.59 12.92
CA VAL D 316 -4.65 12.65 14.03
C VAL D 316 -4.56 11.24 13.44
N VAL D 317 -3.50 10.51 13.80
CA VAL D 317 -3.31 9.12 13.41
C VAL D 317 -3.24 8.26 14.67
N MET D 318 -4.01 7.16 14.70
CA MET D 318 -3.95 6.22 15.79
C MET D 318 -3.71 4.85 15.19
N GLN D 319 -2.49 4.35 15.35
CA GLN D 319 -2.04 3.13 14.70
C GLN D 319 -2.70 1.91 15.33
N GLY D 320 -2.71 0.82 14.57
CA GLY D 320 -3.13 -0.45 15.13
C GLY D 320 -2.25 -0.81 16.31
N GLY D 321 -2.89 -1.32 17.37
CA GLY D 321 -2.20 -1.62 18.59
C GLY D 321 -2.19 -0.49 19.58
N ALA D 322 -2.61 0.70 19.18
CA ALA D 322 -2.91 1.78 20.12
C ALA D 322 -4.32 1.61 20.66
N ARG D 323 -4.50 1.99 21.92
CA ARG D 323 -5.79 1.79 22.55
C ARG D 323 -6.19 2.98 23.40
N ILE D 324 -7.50 3.21 23.44
CA ILE D 324 -8.13 4.19 24.34
C ILE D 324 -9.24 3.47 25.08
N ASP D 325 -9.31 3.65 26.41
CA ASP D 325 -10.31 2.98 27.25
C ASP D 325 -10.96 3.99 28.17
N VAL D 326 -12.26 4.20 27.96
CA VAL D 326 -13.07 5.07 28.82
C VAL D 326 -14.25 4.27 29.35
N SER D 327 -14.02 2.99 29.60
CA SER D 327 -15.10 2.11 30.05
C SER D 327 -15.42 2.32 31.54
N ALA D 328 -16.68 2.10 31.88
CA ALA D 328 -17.05 1.87 33.26
C ALA D 328 -16.73 0.42 33.57
N THR D 329 -16.20 0.15 34.76
CA THR D 329 -15.76 -1.19 35.07
C THR D 329 -16.73 -1.97 35.96
N GLN D 330 -17.34 -1.32 36.94
CA GLN D 330 -18.28 -2.03 37.76
C GLN D 330 -19.73 -1.68 37.47
N GLN D 331 -20.18 -0.50 37.91
CA GLN D 331 -21.55 -0.06 37.68
C GLN D 331 -21.51 1.39 37.23
N GLY D 332 -21.99 1.67 36.04
CA GLY D 332 -21.94 3.02 35.52
C GLY D 332 -21.84 3.00 34.01
N ASN D 333 -21.92 4.20 33.43
CA ASN D 333 -21.93 4.36 32.00
C ASN D 333 -20.53 4.55 31.45
N GLY D 334 -20.27 3.96 30.29
CA GLY D 334 -19.04 4.24 29.58
C GLY D 334 -18.91 5.73 29.39
N GLY D 335 -17.66 6.21 29.29
CA GLY D 335 -17.37 7.61 29.13
C GLY D 335 -17.36 8.05 27.69
N THR D 336 -16.58 9.08 27.40
CA THR D 336 -16.53 9.74 26.10
C THR D 336 -15.12 9.64 25.53
N ALA D 337 -15.00 9.29 24.26
CA ALA D 337 -13.72 9.23 23.57
C ALA D 337 -13.89 9.94 22.24
N VAL D 338 -13.00 10.89 21.95
CA VAL D 338 -13.04 11.68 20.74
C VAL D 338 -11.67 11.66 20.06
N LEU D 339 -11.69 11.36 18.76
CA LEU D 339 -10.55 11.51 17.86
C LEU D 339 -11.05 12.50 16.83
N TRP D 340 -10.46 13.70 16.82
CA TRP D 340 -10.94 14.76 15.94
C TRP D 340 -9.78 15.48 15.26
N SER D 341 -10.03 15.91 14.03
CA SER D 341 -9.05 16.72 13.31
C SER D 341 -9.78 17.59 12.30
N ASP D 342 -9.09 18.64 11.85
CA ASP D 342 -9.66 19.51 10.85
C ASP D 342 -9.43 19.01 9.43
N SER D 343 -8.45 18.13 9.22
CA SER D 343 -8.12 17.72 7.86
C SER D 343 -8.10 16.22 7.66
N TYR D 344 -7.47 15.48 8.57
CA TYR D 344 -7.31 14.04 8.36
C TYR D 344 -7.29 13.30 9.69
N THR D 345 -8.21 12.34 9.86
CA THR D 345 -8.21 11.44 11.01
C THR D 345 -8.09 10.02 10.52
N ASN D 346 -7.00 9.35 10.89
CA ASN D 346 -6.72 7.98 10.49
C ASN D 346 -6.82 7.09 11.72
N PHE D 347 -7.90 6.31 11.80
CA PHE D 347 -8.22 5.53 13.00
C PHE D 347 -8.01 4.06 12.70
N HIS D 348 -7.00 3.47 13.30
CA HIS D 348 -6.71 2.05 13.14
C HIS D 348 -6.60 1.31 14.47
N GLY D 349 -6.87 1.98 15.58
CA GLY D 349 -6.67 1.42 16.91
C GLY D 349 -7.92 0.80 17.50
N GLN D 350 -7.96 0.75 18.83
CA GLN D 350 -9.04 0.13 19.60
C GLN D 350 -9.52 1.15 20.61
N ILE D 351 -10.82 1.38 20.64
CA ILE D 351 -11.43 2.28 21.61
C ILE D 351 -12.50 1.51 22.37
N GLY D 352 -12.40 1.52 23.69
CA GLY D 352 -13.37 0.89 24.58
C GLY D 352 -14.15 1.95 25.35
N ALA D 353 -15.48 1.80 25.32
CA ALA D 353 -16.37 2.67 26.08
C ALA D 353 -17.53 1.85 26.62
N LYS D 354 -17.21 0.73 27.26
CA LYS D 354 -18.22 -0.20 27.73
CA LYS D 354 -18.23 -0.20 27.73
C LYS D 354 -18.92 0.32 28.97
N GLY D 355 -20.13 -0.21 29.23
CA GLY D 355 -20.81 0.05 30.47
C GLY D 355 -20.32 -0.88 31.56
N GLY D 356 -20.73 -0.57 32.78
CA GLY D 356 -20.28 -1.37 33.91
C GLY D 356 -20.76 -2.80 33.81
N GLU D 357 -19.96 -3.70 34.38
CA GLU D 357 -20.32 -5.11 34.35
C GLU D 357 -21.62 -5.37 35.10
N THR D 358 -21.81 -4.72 36.26
CA THR D 358 -23.04 -4.92 37.02
CA THR D 358 -23.03 -4.88 37.05
C THR D 358 -24.16 -3.97 36.57
N GLY D 359 -23.96 -3.23 35.51
CA GLY D 359 -24.98 -2.34 35.00
C GLY D 359 -24.37 -1.06 34.46
N GLY D 360 -25.12 -0.40 33.58
CA GLY D 360 -24.67 0.83 32.95
C GLY D 360 -24.65 0.71 31.44
N ASN D 361 -24.82 1.84 30.75
CA ASN D 361 -24.86 1.84 29.29
C ASN D 361 -23.49 2.08 28.67
N GLY D 362 -23.38 1.74 27.38
CA GLY D 362 -22.17 2.07 26.65
C GLY D 362 -22.00 3.58 26.55
N GLY D 363 -20.75 3.98 26.36
CA GLY D 363 -20.40 5.37 26.22
C GLY D 363 -20.58 5.87 24.81
N ARG D 364 -20.00 7.03 24.54
CA ARG D 364 -20.10 7.68 23.23
CA ARG D 364 -20.10 7.69 23.24
C ARG D 364 -18.70 7.88 22.67
N VAL D 365 -18.48 7.39 21.46
CA VAL D 365 -17.19 7.45 20.80
C VAL D 365 -17.37 8.19 19.49
N GLU D 366 -16.45 9.10 19.19
CA GLU D 366 -16.41 9.78 17.91
C GLU D 366 -15.02 9.66 17.30
N THR D 367 -14.95 9.25 16.04
CA THR D 367 -13.71 9.26 15.26
C THR D 367 -14.07 9.92 13.94
N SER D 368 -13.78 11.21 13.80
CA SER D 368 -14.22 11.96 12.63
CA SER D 368 -14.21 11.94 12.61
C SER D 368 -13.21 13.06 12.33
N SER D 369 -13.52 13.84 11.31
CA SER D 369 -12.69 14.95 10.88
C SER D 369 -13.57 15.90 10.10
N HIS D 370 -13.25 17.19 10.16
CA HIS D 370 -13.90 18.13 9.25
C HIS D 370 -13.51 17.85 7.80
N GLY D 371 -12.37 17.19 7.59
CA GLY D 371 -11.94 16.83 6.26
C GLY D 371 -12.04 15.34 5.98
N ASN D 372 -10.91 14.65 5.94
CA ASN D 372 -10.85 13.24 5.57
C ASN D 372 -10.88 12.34 6.80
N LEU D 373 -11.54 11.19 6.67
CA LEU D 373 -11.66 10.23 7.75
CA LEU D 373 -11.64 10.23 7.75
C LEU D 373 -11.46 8.83 7.20
N GLN D 374 -10.53 8.09 7.80
CA GLN D 374 -10.31 6.67 7.52
C GLN D 374 -10.40 5.94 8.85
N ALA D 375 -11.35 5.01 8.97
CA ALA D 375 -11.64 4.32 10.22
C ALA D 375 -11.65 2.81 9.95
N PHE D 376 -10.57 2.14 10.33
CA PHE D 376 -10.42 0.69 10.21
CA PHE D 376 -10.47 0.69 10.22
C PHE D 376 -10.15 0.07 11.57
N GLY D 377 -10.54 0.74 12.64
CA GLY D 377 -10.28 0.28 13.98
C GLY D 377 -11.48 -0.43 14.59
N THR D 378 -11.45 -0.57 15.91
CA THR D 378 -12.50 -1.24 16.65
C THR D 378 -13.03 -0.30 17.71
N VAL D 379 -14.35 -0.26 17.84
CA VAL D 379 -15.02 0.54 18.86
C VAL D 379 -16.01 -0.39 19.55
N SER D 380 -15.84 -0.60 20.86
CA SER D 380 -16.76 -1.40 21.67
C SER D 380 -17.42 -0.46 22.66
N ALA D 381 -18.72 -0.17 22.44
CA ALA D 381 -19.45 0.76 23.27
C ALA D 381 -20.82 0.14 23.56
N SER D 382 -20.81 -0.91 24.37
CA SER D 382 -22.02 -1.66 24.69
C SER D 382 -22.13 -1.86 26.20
N ALA D 383 -23.35 -2.13 26.66
CA ALA D 383 -23.56 -2.54 28.04
C ALA D 383 -22.99 -3.94 28.23
N ALA D 384 -22.87 -4.34 29.49
CA ALA D 384 -22.32 -5.65 29.84
C ALA D 384 -23.12 -6.77 29.19
#